data_4DAR
# 
_entry.id   4DAR 
# 
_audit_conform.dict_name       mmcif_pdbx.dic 
_audit_conform.dict_version    5.387 
_audit_conform.dict_location   http://mmcif.pdb.org/dictionaries/ascii/mmcif_pdbx.dic 
# 
loop_
_database_2.database_id 
_database_2.database_code 
_database_2.pdbx_database_accession 
_database_2.pdbx_DOI 
PDB   4DAR         pdb_00004dar 10.2210/pdb4dar/pdb 
RCSB  RCSB070095   ?            ?                   
WWPDB D_1000070095 ?            ?                   
# 
loop_
_pdbx_audit_revision_history.ordinal 
_pdbx_audit_revision_history.data_content_type 
_pdbx_audit_revision_history.major_revision 
_pdbx_audit_revision_history.minor_revision 
_pdbx_audit_revision_history.revision_date 
1 'Structure model' 1 0 2012-09-26 
2 'Structure model' 1 1 2024-02-28 
# 
_pdbx_audit_revision_details.ordinal             1 
_pdbx_audit_revision_details.revision_ordinal    1 
_pdbx_audit_revision_details.data_content_type   'Structure model' 
_pdbx_audit_revision_details.provider            repository 
_pdbx_audit_revision_details.type                'Initial release' 
_pdbx_audit_revision_details.description         ? 
_pdbx_audit_revision_details.details             ? 
# 
loop_
_pdbx_audit_revision_group.ordinal 
_pdbx_audit_revision_group.revision_ordinal 
_pdbx_audit_revision_group.data_content_type 
_pdbx_audit_revision_group.group 
1 2 'Structure model' 'Data collection'      
2 2 'Structure model' 'Database references'  
3 2 'Structure model' 'Derived calculations' 
# 
loop_
_pdbx_audit_revision_category.ordinal 
_pdbx_audit_revision_category.revision_ordinal 
_pdbx_audit_revision_category.data_content_type 
_pdbx_audit_revision_category.category 
1 2 'Structure model' chem_comp_atom     
2 2 'Structure model' chem_comp_bond     
3 2 'Structure model' database_2         
4 2 'Structure model' struct_ref_seq_dif 
5 2 'Structure model' struct_site        
# 
loop_
_pdbx_audit_revision_item.ordinal 
_pdbx_audit_revision_item.revision_ordinal 
_pdbx_audit_revision_item.data_content_type 
_pdbx_audit_revision_item.item 
1 2 'Structure model' '_database_2.pdbx_DOI'                
2 2 'Structure model' '_database_2.pdbx_database_accession' 
3 2 'Structure model' '_struct_ref_seq_dif.details'         
4 2 'Structure model' '_struct_site.pdbx_auth_asym_id'      
5 2 'Structure model' '_struct_site.pdbx_auth_comp_id'      
6 2 'Structure model' '_struct_site.pdbx_auth_seq_id'       
# 
_pdbx_database_status.entry_id                        4DAR 
_pdbx_database_status.status_code                     REL 
_pdbx_database_status.deposit_site                    RCSB 
_pdbx_database_status.process_site                    RCSB 
_pdbx_database_status.recvd_initial_deposition_date   2012-01-13 
_pdbx_database_status.status_code_sf                  REL 
_pdbx_database_status.status_code_mr                  ? 
_pdbx_database_status.SG_entry                        ? 
_pdbx_database_status.status_code_cs                  ? 
_pdbx_database_status.methods_development_category    ? 
_pdbx_database_status.pdb_format_compatible           Y 
_pdbx_database_status.status_code_nmr_data            ? 
# 
loop_
_pdbx_database_related.db_name 
_pdbx_database_related.db_id 
_pdbx_database_related.details 
_pdbx_database_related.content_type 
PDB 4D8V . unspecified 
PDB 4D8X . unspecified 
PDB 4D8Y . unspecified 
PDB 4D98 . unspecified 
PDB 4D9H . unspecified 
PDB 4DA0 . unspecified 
PDB 4DA6 . unspecified 
PDB 4DA7 . unspecified 
PDB 4DA8 . unspecified 
PDB 4DAB . unspecified 
PDB 4DAE . unspecified 
PDB 4DAN . unspecified 
PDB 4DAO . unspecified 
# 
loop_
_audit_author.name 
_audit_author.pdbx_ordinal 
'Giuseppe, P.O.' 1 
'Martins, N.H.'  2 
'Meza, A.N.'     3 
'Murakami, M.T.' 4 
# 
_citation.id                        primary 
_citation.title                     
;Insights into phosphate cooperativity and influence of substrate modifications on binding and catalysis of hexameric purine nucleoside phosphorylases.
;
_citation.journal_abbrev            'Plos One' 
_citation.journal_volume            7 
_citation.page_first                e44282 
_citation.page_last                 e44282 
_citation.year                      2012 
_citation.journal_id_ASTM           ? 
_citation.country                   US 
_citation.journal_id_ISSN           1932-6203 
_citation.journal_id_CSD            ? 
_citation.book_publisher            ? 
_citation.pdbx_database_id_PubMed   22957058 
_citation.pdbx_database_id_DOI      10.1371/journal.pone.0044282 
# 
loop_
_citation_author.citation_id 
_citation_author.name 
_citation_author.ordinal 
_citation_author.identifier_ORCID 
primary 'de Giuseppe, P.O.' 1 ? 
primary 'Martins, N.H.'     2 ? 
primary 'Meza, A.N.'        3 ? 
primary 'Dos Santos, C.R.'  4 ? 
primary 'Pereira, H.D.'     5 ? 
primary 'Murakami, M.T.'    6 ? 
# 
loop_
_entity.id 
_entity.type 
_entity.src_method 
_entity.pdbx_description 
_entity.formula_weight 
_entity.pdbx_number_of_molecules 
_entity.pdbx_ec 
_entity.pdbx_mutation 
_entity.pdbx_fragment 
_entity.details 
1 polymer     man 'Purine nucleoside phosphorylase deoD-type'                                           27562.137 1 2.4.2.1 ? ? ? 
2 non-polymer syn "'2-(4-AMINO-PYRROLO[2,3-D]PYRIMIDIN-7-YL)-5-HYDROXYMETHYL-TETRAHYDRO-FURAN-3,4-DIOL" 266.253   1 ?       ? ? ? 
# 
_entity_name_com.entity_id   1 
_entity_name_com.name        'PNP, Purine nucleoside phosphorylase II, PU-NPase II' 
# 
_entity_poly.entity_id                      1 
_entity_poly.type                           'polypeptide(L)' 
_entity_poly.nstd_linkage                   no 
_entity_poly.nstd_monomer                   no 
_entity_poly.pdbx_seq_one_letter_code       
;MGSSHHHHHHSSGLVPRGSHMSVHIGAEKGQIADTVLLPGDPLRAKFIAETYLENVECYNEVRGMYGFTGTYKGKKISVQ
GTGMGVPSISIYVNELIQSYDVQNLIRVGSCGAIRKDVKVRDVILAMTSSTDSQMNRVAFGSVDFAPCADFELLKNAYDA
AKDKGVPVTVGSVFTADQFYNDDSQIEKLAKYGVLGVEMETTALYTLAAKHGRKALSILTVSDHVLTGEETTAEERQTTF
HDMIDVALHSVSQ
;
_entity_poly.pdbx_seq_one_letter_code_can   
;MGSSHHHHHHSSGLVPRGSHMSVHIGAEKGQIADTVLLPGDPLRAKFIAETYLENVECYNEVRGMYGFTGTYKGKKISVQ
GTGMGVPSISIYVNELIQSYDVQNLIRVGSCGAIRKDVKVRDVILAMTSSTDSQMNRVAFGSVDFAPCADFELLKNAYDA
AKDKGVPVTVGSVFTADQFYNDDSQIEKLAKYGVLGVEMETTALYTLAAKHGRKALSILTVSDHVLTGEETTAEERQTTF
HDMIDVALHSVSQ
;
_entity_poly.pdbx_strand_id                 A 
_entity_poly.pdbx_target_identifier         ? 
# 
_pdbx_entity_nonpoly.entity_id   2 
_pdbx_entity_nonpoly.name        "'2-(4-AMINO-PYRROLO[2,3-D]PYRIMIDIN-7-YL)-5-HYDROXYMETHYL-TETRAHYDRO-FURAN-3,4-DIOL" 
_pdbx_entity_nonpoly.comp_id     TBN 
# 
loop_
_entity_poly_seq.entity_id 
_entity_poly_seq.num 
_entity_poly_seq.mon_id 
_entity_poly_seq.hetero 
1 1   MET n 
1 2   GLY n 
1 3   SER n 
1 4   SER n 
1 5   HIS n 
1 6   HIS n 
1 7   HIS n 
1 8   HIS n 
1 9   HIS n 
1 10  HIS n 
1 11  SER n 
1 12  SER n 
1 13  GLY n 
1 14  LEU n 
1 15  VAL n 
1 16  PRO n 
1 17  ARG n 
1 18  GLY n 
1 19  SER n 
1 20  HIS n 
1 21  MET n 
1 22  SER n 
1 23  VAL n 
1 24  HIS n 
1 25  ILE n 
1 26  GLY n 
1 27  ALA n 
1 28  GLU n 
1 29  LYS n 
1 30  GLY n 
1 31  GLN n 
1 32  ILE n 
1 33  ALA n 
1 34  ASP n 
1 35  THR n 
1 36  VAL n 
1 37  LEU n 
1 38  LEU n 
1 39  PRO n 
1 40  GLY n 
1 41  ASP n 
1 42  PRO n 
1 43  LEU n 
1 44  ARG n 
1 45  ALA n 
1 46  LYS n 
1 47  PHE n 
1 48  ILE n 
1 49  ALA n 
1 50  GLU n 
1 51  THR n 
1 52  TYR n 
1 53  LEU n 
1 54  GLU n 
1 55  ASN n 
1 56  VAL n 
1 57  GLU n 
1 58  CYS n 
1 59  TYR n 
1 60  ASN n 
1 61  GLU n 
1 62  VAL n 
1 63  ARG n 
1 64  GLY n 
1 65  MET n 
1 66  TYR n 
1 67  GLY n 
1 68  PHE n 
1 69  THR n 
1 70  GLY n 
1 71  THR n 
1 72  TYR n 
1 73  LYS n 
1 74  GLY n 
1 75  LYS n 
1 76  LYS n 
1 77  ILE n 
1 78  SER n 
1 79  VAL n 
1 80  GLN n 
1 81  GLY n 
1 82  THR n 
1 83  GLY n 
1 84  MET n 
1 85  GLY n 
1 86  VAL n 
1 87  PRO n 
1 88  SER n 
1 89  ILE n 
1 90  SER n 
1 91  ILE n 
1 92  TYR n 
1 93  VAL n 
1 94  ASN n 
1 95  GLU n 
1 96  LEU n 
1 97  ILE n 
1 98  GLN n 
1 99  SER n 
1 100 TYR n 
1 101 ASP n 
1 102 VAL n 
1 103 GLN n 
1 104 ASN n 
1 105 LEU n 
1 106 ILE n 
1 107 ARG n 
1 108 VAL n 
1 109 GLY n 
1 110 SER n 
1 111 CYS n 
1 112 GLY n 
1 113 ALA n 
1 114 ILE n 
1 115 ARG n 
1 116 LYS n 
1 117 ASP n 
1 118 VAL n 
1 119 LYS n 
1 120 VAL n 
1 121 ARG n 
1 122 ASP n 
1 123 VAL n 
1 124 ILE n 
1 125 LEU n 
1 126 ALA n 
1 127 MET n 
1 128 THR n 
1 129 SER n 
1 130 SER n 
1 131 THR n 
1 132 ASP n 
1 133 SER n 
1 134 GLN n 
1 135 MET n 
1 136 ASN n 
1 137 ARG n 
1 138 VAL n 
1 139 ALA n 
1 140 PHE n 
1 141 GLY n 
1 142 SER n 
1 143 VAL n 
1 144 ASP n 
1 145 PHE n 
1 146 ALA n 
1 147 PRO n 
1 148 CYS n 
1 149 ALA n 
1 150 ASP n 
1 151 PHE n 
1 152 GLU n 
1 153 LEU n 
1 154 LEU n 
1 155 LYS n 
1 156 ASN n 
1 157 ALA n 
1 158 TYR n 
1 159 ASP n 
1 160 ALA n 
1 161 ALA n 
1 162 LYS n 
1 163 ASP n 
1 164 LYS n 
1 165 GLY n 
1 166 VAL n 
1 167 PRO n 
1 168 VAL n 
1 169 THR n 
1 170 VAL n 
1 171 GLY n 
1 172 SER n 
1 173 VAL n 
1 174 PHE n 
1 175 THR n 
1 176 ALA n 
1 177 ASP n 
1 178 GLN n 
1 179 PHE n 
1 180 TYR n 
1 181 ASN n 
1 182 ASP n 
1 183 ASP n 
1 184 SER n 
1 185 GLN n 
1 186 ILE n 
1 187 GLU n 
1 188 LYS n 
1 189 LEU n 
1 190 ALA n 
1 191 LYS n 
1 192 TYR n 
1 193 GLY n 
1 194 VAL n 
1 195 LEU n 
1 196 GLY n 
1 197 VAL n 
1 198 GLU n 
1 199 MET n 
1 200 GLU n 
1 201 THR n 
1 202 THR n 
1 203 ALA n 
1 204 LEU n 
1 205 TYR n 
1 206 THR n 
1 207 LEU n 
1 208 ALA n 
1 209 ALA n 
1 210 LYS n 
1 211 HIS n 
1 212 GLY n 
1 213 ARG n 
1 214 LYS n 
1 215 ALA n 
1 216 LEU n 
1 217 SER n 
1 218 ILE n 
1 219 LEU n 
1 220 THR n 
1 221 VAL n 
1 222 SER n 
1 223 ASP n 
1 224 HIS n 
1 225 VAL n 
1 226 LEU n 
1 227 THR n 
1 228 GLY n 
1 229 GLU n 
1 230 GLU n 
1 231 THR n 
1 232 THR n 
1 233 ALA n 
1 234 GLU n 
1 235 GLU n 
1 236 ARG n 
1 237 GLN n 
1 238 THR n 
1 239 THR n 
1 240 PHE n 
1 241 HIS n 
1 242 ASP n 
1 243 MET n 
1 244 ILE n 
1 245 ASP n 
1 246 VAL n 
1 247 ALA n 
1 248 LEU n 
1 249 HIS n 
1 250 SER n 
1 251 VAL n 
1 252 SER n 
1 253 GLN n 
# 
_entity_src_gen.entity_id                          1 
_entity_src_gen.pdbx_src_id                        1 
_entity_src_gen.pdbx_alt_source_flag               sample 
_entity_src_gen.pdbx_seq_type                      ? 
_entity_src_gen.pdbx_beg_seq_num                   ? 
_entity_src_gen.pdbx_end_seq_num                   ? 
_entity_src_gen.gene_src_common_name               ? 
_entity_src_gen.gene_src_genus                     ? 
_entity_src_gen.pdbx_gene_src_gene                 'BSU19630, deoD, punB' 
_entity_src_gen.gene_src_species                   ? 
_entity_src_gen.gene_src_strain                    ? 
_entity_src_gen.gene_src_tissue                    ? 
_entity_src_gen.gene_src_tissue_fraction           ? 
_entity_src_gen.gene_src_details                   ? 
_entity_src_gen.pdbx_gene_src_fragment             ? 
_entity_src_gen.pdbx_gene_src_scientific_name      'Bacillus subtilis' 
_entity_src_gen.pdbx_gene_src_ncbi_taxonomy_id     1423 
_entity_src_gen.pdbx_gene_src_variant              ? 
_entity_src_gen.pdbx_gene_src_cell_line            ? 
_entity_src_gen.pdbx_gene_src_atcc                 ? 
_entity_src_gen.pdbx_gene_src_organ                ? 
_entity_src_gen.pdbx_gene_src_organelle            ? 
_entity_src_gen.pdbx_gene_src_cell                 ? 
_entity_src_gen.pdbx_gene_src_cellular_location    ? 
_entity_src_gen.host_org_common_name               ? 
_entity_src_gen.pdbx_host_org_scientific_name      'Escherichia coli' 
_entity_src_gen.pdbx_host_org_ncbi_taxonomy_id     562 
_entity_src_gen.host_org_genus                     ? 
_entity_src_gen.pdbx_host_org_gene                 ? 
_entity_src_gen.pdbx_host_org_organ                ? 
_entity_src_gen.host_org_species                   ? 
_entity_src_gen.pdbx_host_org_tissue               ? 
_entity_src_gen.pdbx_host_org_tissue_fraction      ? 
_entity_src_gen.pdbx_host_org_strain               Rosetta 
_entity_src_gen.pdbx_host_org_variant              ? 
_entity_src_gen.pdbx_host_org_cell_line            ? 
_entity_src_gen.pdbx_host_org_atcc                 ? 
_entity_src_gen.pdbx_host_org_culture_collection   ? 
_entity_src_gen.pdbx_host_org_cell                 ? 
_entity_src_gen.pdbx_host_org_organelle            ? 
_entity_src_gen.pdbx_host_org_cellular_location    ? 
_entity_src_gen.pdbx_host_org_vector_type          plasmid 
_entity_src_gen.pdbx_host_org_vector               ? 
_entity_src_gen.host_org_details                   ? 
_entity_src_gen.expression_system_id               ? 
_entity_src_gen.plasmid_name                       pET28a 
_entity_src_gen.plasmid_details                    ? 
_entity_src_gen.pdbx_description                   ? 
# 
loop_
_chem_comp.id 
_chem_comp.type 
_chem_comp.mon_nstd_flag 
_chem_comp.name 
_chem_comp.pdbx_synonyms 
_chem_comp.formula 
_chem_comp.formula_weight 
ALA 'L-peptide linking' y ALANINE                                                                               ?                
'C3 H7 N O2'     89.093  
ARG 'L-peptide linking' y ARGININE                                                                              ?                
'C6 H15 N4 O2 1' 175.209 
ASN 'L-peptide linking' y ASPARAGINE                                                                            ?                
'C4 H8 N2 O3'    132.118 
ASP 'L-peptide linking' y 'ASPARTIC ACID'                                                                       ?                
'C4 H7 N O4'     133.103 
CYS 'L-peptide linking' y CYSTEINE                                                                              ?                
'C3 H7 N O2 S'   121.158 
GLN 'L-peptide linking' y GLUTAMINE                                                                             ?                
'C5 H10 N2 O3'   146.144 
GLU 'L-peptide linking' y 'GLUTAMIC ACID'                                                                       ?                
'C5 H9 N O4'     147.129 
GLY 'peptide linking'   y GLYCINE                                                                               ?                
'C2 H5 N O2'     75.067  
HIS 'L-peptide linking' y HISTIDINE                                                                             ?                
'C6 H10 N3 O2 1' 156.162 
ILE 'L-peptide linking' y ISOLEUCINE                                                                            ?                
'C6 H13 N O2'    131.173 
LEU 'L-peptide linking' y LEUCINE                                                                               ?                
'C6 H13 N O2'    131.173 
LYS 'L-peptide linking' y LYSINE                                                                                ?                
'C6 H15 N2 O2 1' 147.195 
MET 'L-peptide linking' y METHIONINE                                                                            ?                
'C5 H11 N O2 S'  149.211 
PHE 'L-peptide linking' y PHENYLALANINE                                                                         ?                
'C9 H11 N O2'    165.189 
PRO 'L-peptide linking' y PROLINE                                                                               ?                
'C5 H9 N O2'     115.130 
SER 'L-peptide linking' y SERINE                                                                                ?                
'C3 H7 N O3'     105.093 
TBN non-polymer         n "'2-(4-AMINO-PYRROLO[2,3-D]PYRIMIDIN-7-YL)-5-HYDROXYMETHYL-TETRAHYDRO-FURAN-3,4-DIOL" 7-DEAZAADENOSINE 
'C11 H14 N4 O4'  266.253 
THR 'L-peptide linking' y THREONINE                                                                             ?                
'C4 H9 N O3'     119.119 
TYR 'L-peptide linking' y TYROSINE                                                                              ?                
'C9 H11 N O3'    181.189 
VAL 'L-peptide linking' y VALINE                                                                                ?                
'C5 H11 N O2'    117.146 
# 
loop_
_pdbx_poly_seq_scheme.asym_id 
_pdbx_poly_seq_scheme.entity_id 
_pdbx_poly_seq_scheme.seq_id 
_pdbx_poly_seq_scheme.mon_id 
_pdbx_poly_seq_scheme.ndb_seq_num 
_pdbx_poly_seq_scheme.pdb_seq_num 
_pdbx_poly_seq_scheme.auth_seq_num 
_pdbx_poly_seq_scheme.pdb_mon_id 
_pdbx_poly_seq_scheme.auth_mon_id 
_pdbx_poly_seq_scheme.pdb_strand_id 
_pdbx_poly_seq_scheme.pdb_ins_code 
_pdbx_poly_seq_scheme.hetero 
A 1 1   MET 1   -19 ?   ?   ?   A . n 
A 1 2   GLY 2   -18 ?   ?   ?   A . n 
A 1 3   SER 3   -17 ?   ?   ?   A . n 
A 1 4   SER 4   -16 ?   ?   ?   A . n 
A 1 5   HIS 5   -15 ?   ?   ?   A . n 
A 1 6   HIS 6   -14 ?   ?   ?   A . n 
A 1 7   HIS 7   -13 ?   ?   ?   A . n 
A 1 8   HIS 8   -12 ?   ?   ?   A . n 
A 1 9   HIS 9   -11 ?   ?   ?   A . n 
A 1 10  HIS 10  -10 ?   ?   ?   A . n 
A 1 11  SER 11  -9  ?   ?   ?   A . n 
A 1 12  SER 12  -8  ?   ?   ?   A . n 
A 1 13  GLY 13  -7  ?   ?   ?   A . n 
A 1 14  LEU 14  -6  ?   ?   ?   A . n 
A 1 15  VAL 15  -5  ?   ?   ?   A . n 
A 1 16  PRO 16  -4  ?   ?   ?   A . n 
A 1 17  ARG 17  -3  ?   ?   ?   A . n 
A 1 18  GLY 18  -2  ?   ?   ?   A . n 
A 1 19  SER 19  -1  ?   ?   ?   A . n 
A 1 20  HIS 20  0   ?   ?   ?   A . n 
A 1 21  MET 21  1   ?   ?   ?   A . n 
A 1 22  SER 22  2   2   SER SER A . n 
A 1 23  VAL 23  3   3   VAL VAL A . n 
A 1 24  HIS 24  4   4   HIS HIS A . n 
A 1 25  ILE 25  5   5   ILE ILE A . n 
A 1 26  GLY 26  6   6   GLY GLY A . n 
A 1 27  ALA 27  7   7   ALA ALA A . n 
A 1 28  GLU 28  8   8   GLU GLU A . n 
A 1 29  LYS 29  9   9   LYS LYS A . n 
A 1 30  GLY 30  10  10  GLY GLY A . n 
A 1 31  GLN 31  11  11  GLN GLN A . n 
A 1 32  ILE 32  12  12  ILE ILE A . n 
A 1 33  ALA 33  13  13  ALA ALA A . n 
A 1 34  ASP 34  14  14  ASP ASP A . n 
A 1 35  THR 35  15  15  THR THR A . n 
A 1 36  VAL 36  16  16  VAL VAL A . n 
A 1 37  LEU 37  17  17  LEU LEU A . n 
A 1 38  LEU 38  18  18  LEU LEU A . n 
A 1 39  PRO 39  19  19  PRO PRO A . n 
A 1 40  GLY 40  20  20  GLY GLY A . n 
A 1 41  ASP 41  21  21  ASP ASP A . n 
A 1 42  PRO 42  22  22  PRO PRO A . n 
A 1 43  LEU 43  23  23  LEU LEU A . n 
A 1 44  ARG 44  24  24  ARG ARG A . n 
A 1 45  ALA 45  25  25  ALA ALA A . n 
A 1 46  LYS 46  26  26  LYS LYS A . n 
A 1 47  PHE 47  27  27  PHE PHE A . n 
A 1 48  ILE 48  28  28  ILE ILE A . n 
A 1 49  ALA 49  29  29  ALA ALA A . n 
A 1 50  GLU 50  30  30  GLU GLU A . n 
A 1 51  THR 51  31  31  THR THR A . n 
A 1 52  TYR 52  32  32  TYR TYR A . n 
A 1 53  LEU 53  33  33  LEU LEU A . n 
A 1 54  GLU 54  34  34  GLU GLU A . n 
A 1 55  ASN 55  35  35  ASN ASN A . n 
A 1 56  VAL 56  36  36  VAL VAL A . n 
A 1 57  GLU 57  37  37  GLU GLU A . n 
A 1 58  CYS 58  38  38  CYS CYS A . n 
A 1 59  TYR 59  39  39  TYR TYR A . n 
A 1 60  ASN 60  40  40  ASN ASN A . n 
A 1 61  GLU 61  41  41  GLU GLU A . n 
A 1 62  VAL 62  42  42  VAL VAL A . n 
A 1 63  ARG 63  43  43  ARG ARG A . n 
A 1 64  GLY 64  44  44  GLY GLY A . n 
A 1 65  MET 65  45  45  MET MET A . n 
A 1 66  TYR 66  46  46  TYR TYR A . n 
A 1 67  GLY 67  47  47  GLY GLY A . n 
A 1 68  PHE 68  48  48  PHE PHE A . n 
A 1 69  THR 69  49  49  THR THR A . n 
A 1 70  GLY 70  50  50  GLY GLY A . n 
A 1 71  THR 71  51  51  THR THR A . n 
A 1 72  TYR 72  52  52  TYR TYR A . n 
A 1 73  LYS 73  53  53  LYS LYS A . n 
A 1 74  GLY 74  54  54  GLY GLY A . n 
A 1 75  LYS 75  55  55  LYS LYS A . n 
A 1 76  LYS 76  56  56  LYS LYS A . n 
A 1 77  ILE 77  57  57  ILE ILE A . n 
A 1 78  SER 78  58  58  SER SER A . n 
A 1 79  VAL 79  59  59  VAL VAL A . n 
A 1 80  GLN 80  60  60  GLN GLN A . n 
A 1 81  GLY 81  61  61  GLY GLY A . n 
A 1 82  THR 82  62  62  THR THR A . n 
A 1 83  GLY 83  63  63  GLY GLY A . n 
A 1 84  MET 84  64  64  MET MET A . n 
A 1 85  GLY 85  65  65  GLY GLY A . n 
A 1 86  VAL 86  66  66  VAL VAL A . n 
A 1 87  PRO 87  67  67  PRO PRO A . n 
A 1 88  SER 88  68  68  SER SER A . n 
A 1 89  ILE 89  69  69  ILE ILE A . n 
A 1 90  SER 90  70  70  SER SER A . n 
A 1 91  ILE 91  71  71  ILE ILE A . n 
A 1 92  TYR 92  72  72  TYR TYR A . n 
A 1 93  VAL 93  73  73  VAL VAL A . n 
A 1 94  ASN 94  74  74  ASN ASN A . n 
A 1 95  GLU 95  75  75  GLU GLU A . n 
A 1 96  LEU 96  76  76  LEU LEU A . n 
A 1 97  ILE 97  77  77  ILE ILE A . n 
A 1 98  GLN 98  78  78  GLN GLN A . n 
A 1 99  SER 99  79  79  SER SER A . n 
A 1 100 TYR 100 80  80  TYR TYR A . n 
A 1 101 ASP 101 81  81  ASP ASP A . n 
A 1 102 VAL 102 82  82  VAL VAL A . n 
A 1 103 GLN 103 83  83  GLN GLN A . n 
A 1 104 ASN 104 84  84  ASN ASN A . n 
A 1 105 LEU 105 85  85  LEU LEU A . n 
A 1 106 ILE 106 86  86  ILE ILE A . n 
A 1 107 ARG 107 87  87  ARG ARG A . n 
A 1 108 VAL 108 88  88  VAL VAL A . n 
A 1 109 GLY 109 89  89  GLY GLY A . n 
A 1 110 SER 110 90  90  SER SER A . n 
A 1 111 CYS 111 91  91  CYS CYS A . n 
A 1 112 GLY 112 92  92  GLY GLY A . n 
A 1 113 ALA 113 93  93  ALA ALA A . n 
A 1 114 ILE 114 94  94  ILE ILE A . n 
A 1 115 ARG 115 95  95  ARG ARG A . n 
A 1 116 LYS 116 96  96  LYS LYS A . n 
A 1 117 ASP 117 97  97  ASP ASP A . n 
A 1 118 VAL 118 98  98  VAL VAL A . n 
A 1 119 LYS 119 99  99  LYS LYS A . n 
A 1 120 VAL 120 100 100 VAL VAL A . n 
A 1 121 ARG 121 101 101 ARG ARG A . n 
A 1 122 ASP 122 102 102 ASP ASP A . n 
A 1 123 VAL 123 103 103 VAL VAL A . n 
A 1 124 ILE 124 104 104 ILE ILE A . n 
A 1 125 LEU 125 105 105 LEU LEU A . n 
A 1 126 ALA 126 106 106 ALA ALA A . n 
A 1 127 MET 127 107 107 MET MET A . n 
A 1 128 THR 128 108 108 THR THR A . n 
A 1 129 SER 129 109 109 SER SER A . n 
A 1 130 SER 130 110 110 SER SER A . n 
A 1 131 THR 131 111 111 THR THR A . n 
A 1 132 ASP 132 112 112 ASP ASP A . n 
A 1 133 SER 133 113 113 SER SER A . n 
A 1 134 GLN 134 114 114 GLN GLN A . n 
A 1 135 MET 135 115 115 MET MET A . n 
A 1 136 ASN 136 116 116 ASN ASN A . n 
A 1 137 ARG 137 117 117 ARG ARG A . n 
A 1 138 VAL 138 118 118 VAL VAL A . n 
A 1 139 ALA 139 119 119 ALA ALA A . n 
A 1 140 PHE 140 120 120 PHE PHE A . n 
A 1 141 GLY 141 121 121 GLY GLY A . n 
A 1 142 SER 142 122 122 SER SER A . n 
A 1 143 VAL 143 123 123 VAL VAL A . n 
A 1 144 ASP 144 124 124 ASP ASP A . n 
A 1 145 PHE 145 125 125 PHE PHE A . n 
A 1 146 ALA 146 126 126 ALA ALA A . n 
A 1 147 PRO 147 127 127 PRO PRO A . n 
A 1 148 CYS 148 128 128 CYS CYS A . n 
A 1 149 ALA 149 129 129 ALA ALA A . n 
A 1 150 ASP 150 130 130 ASP ASP A . n 
A 1 151 PHE 151 131 131 PHE PHE A . n 
A 1 152 GLU 152 132 132 GLU GLU A . n 
A 1 153 LEU 153 133 133 LEU LEU A . n 
A 1 154 LEU 154 134 134 LEU LEU A . n 
A 1 155 LYS 155 135 135 LYS LYS A . n 
A 1 156 ASN 156 136 136 ASN ASN A . n 
A 1 157 ALA 157 137 137 ALA ALA A . n 
A 1 158 TYR 158 138 138 TYR TYR A . n 
A 1 159 ASP 159 139 139 ASP ASP A . n 
A 1 160 ALA 160 140 140 ALA ALA A . n 
A 1 161 ALA 161 141 141 ALA ALA A . n 
A 1 162 LYS 162 142 142 LYS LYS A . n 
A 1 163 ASP 163 143 143 ASP ASP A . n 
A 1 164 LYS 164 144 144 LYS LYS A . n 
A 1 165 GLY 165 145 145 GLY GLY A . n 
A 1 166 VAL 166 146 146 VAL VAL A . n 
A 1 167 PRO 167 147 147 PRO PRO A . n 
A 1 168 VAL 168 148 148 VAL VAL A . n 
A 1 169 THR 169 149 149 THR THR A . n 
A 1 170 VAL 170 150 150 VAL VAL A . n 
A 1 171 GLY 171 151 151 GLY GLY A . n 
A 1 172 SER 172 152 152 SER SER A . n 
A 1 173 VAL 173 153 153 VAL VAL A . n 
A 1 174 PHE 174 154 154 PHE PHE A . n 
A 1 175 THR 175 155 155 THR THR A . n 
A 1 176 ALA 176 156 156 ALA ALA A . n 
A 1 177 ASP 177 157 157 ASP ASP A . n 
A 1 178 GLN 178 158 158 GLN GLN A . n 
A 1 179 PHE 179 159 159 PHE PHE A . n 
A 1 180 TYR 180 160 160 TYR TYR A . n 
A 1 181 ASN 181 161 161 ASN ASN A . n 
A 1 182 ASP 182 162 162 ASP ASP A . n 
A 1 183 ASP 183 163 163 ASP ASP A . n 
A 1 184 SER 184 164 164 SER SER A . n 
A 1 185 GLN 185 165 165 GLN GLN A . n 
A 1 186 ILE 186 166 166 ILE ILE A . n 
A 1 187 GLU 187 167 167 GLU GLU A . n 
A 1 188 LYS 188 168 168 LYS LYS A . n 
A 1 189 LEU 189 169 169 LEU LEU A . n 
A 1 190 ALA 190 170 170 ALA ALA A . n 
A 1 191 LYS 191 171 171 LYS LYS A . n 
A 1 192 TYR 192 172 172 TYR TYR A . n 
A 1 193 GLY 193 173 173 GLY GLY A . n 
A 1 194 VAL 194 174 174 VAL VAL A . n 
A 1 195 LEU 195 175 175 LEU LEU A . n 
A 1 196 GLY 196 176 176 GLY GLY A . n 
A 1 197 VAL 197 177 177 VAL VAL A . n 
A 1 198 GLU 198 178 178 GLU GLU A . n 
A 1 199 MET 199 179 179 MET MET A . n 
A 1 200 GLU 200 180 180 GLU GLU A . n 
A 1 201 THR 201 181 181 THR THR A . n 
A 1 202 THR 202 182 182 THR THR A . n 
A 1 203 ALA 203 183 183 ALA ALA A . n 
A 1 204 LEU 204 184 184 LEU LEU A . n 
A 1 205 TYR 205 185 185 TYR TYR A . n 
A 1 206 THR 206 186 186 THR THR A . n 
A 1 207 LEU 207 187 187 LEU LEU A . n 
A 1 208 ALA 208 188 188 ALA ALA A . n 
A 1 209 ALA 209 189 189 ALA ALA A . n 
A 1 210 LYS 210 190 190 LYS LYS A . n 
A 1 211 HIS 211 191 191 HIS HIS A . n 
A 1 212 GLY 212 192 192 GLY GLY A . n 
A 1 213 ARG 213 193 193 ARG ARG A . n 
A 1 214 LYS 214 194 194 LYS LYS A . n 
A 1 215 ALA 215 195 195 ALA ALA A . n 
A 1 216 LEU 216 196 196 LEU LEU A . n 
A 1 217 SER 217 197 197 SER SER A . n 
A 1 218 ILE 218 198 198 ILE ILE A . n 
A 1 219 LEU 219 199 199 LEU LEU A . n 
A 1 220 THR 220 200 200 THR THR A . n 
A 1 221 VAL 221 201 201 VAL VAL A . n 
A 1 222 SER 222 202 202 SER SER A . n 
A 1 223 ASP 223 203 203 ASP ASP A . n 
A 1 224 HIS 224 204 204 HIS HIS A . n 
A 1 225 VAL 225 205 205 VAL VAL A . n 
A 1 226 LEU 226 206 206 LEU LEU A . n 
A 1 227 THR 227 207 207 THR THR A . n 
A 1 228 GLY 228 208 208 GLY GLY A . n 
A 1 229 GLU 229 209 209 GLU GLU A . n 
A 1 230 GLU 230 210 210 GLU GLU A . n 
A 1 231 THR 231 211 211 THR THR A . n 
A 1 232 THR 232 212 212 THR THR A . n 
A 1 233 ALA 233 213 213 ALA ALA A . n 
A 1 234 GLU 234 214 214 GLU GLU A . n 
A 1 235 GLU 235 215 215 GLU GLU A . n 
A 1 236 ARG 236 216 216 ARG ARG A . n 
A 1 237 GLN 237 217 217 GLN GLN A . n 
A 1 238 THR 238 218 218 THR THR A . n 
A 1 239 THR 239 219 219 THR THR A . n 
A 1 240 PHE 240 220 220 PHE PHE A . n 
A 1 241 HIS 241 221 221 HIS HIS A . n 
A 1 242 ASP 242 222 222 ASP ASP A . n 
A 1 243 MET 243 223 223 MET MET A . n 
A 1 244 ILE 244 224 224 ILE ILE A . n 
A 1 245 ASP 245 225 225 ASP ASP A . n 
A 1 246 VAL 246 226 226 VAL VAL A . n 
A 1 247 ALA 247 227 227 ALA ALA A . n 
A 1 248 LEU 248 228 228 LEU LEU A . n 
A 1 249 HIS 249 229 229 HIS HIS A . n 
A 1 250 SER 250 230 230 SER SER A . n 
A 1 251 VAL 251 231 231 VAL VAL A . n 
A 1 252 SER 252 232 232 SER SER A . n 
A 1 253 GLN 253 233 ?   ?   ?   A . n 
# 
_pdbx_nonpoly_scheme.asym_id         B 
_pdbx_nonpoly_scheme.entity_id       2 
_pdbx_nonpoly_scheme.mon_id          TBN 
_pdbx_nonpoly_scheme.ndb_seq_num     1 
_pdbx_nonpoly_scheme.pdb_seq_num     301 
_pdbx_nonpoly_scheme.auth_seq_num    1 
_pdbx_nonpoly_scheme.pdb_mon_id      TBN 
_pdbx_nonpoly_scheme.auth_mon_id     TBN 
_pdbx_nonpoly_scheme.pdb_strand_id   A 
_pdbx_nonpoly_scheme.pdb_ins_code    . 
# 
loop_
_software.pdbx_ordinal 
_software.name 
_software.version 
_software.date 
_software.type 
_software.contact_author 
_software.contact_author_email 
_software.classification 
_software.location 
_software.language 
_software.citation_id 
1 SCALA       3.3.15 2009/03/31      other   'Phil R. Evans'      pre@mrc-lmb.cam.ac.uk    'data scaling'    
http://www.ccp4.ac.uk/dist/html/scala.html   Fortran_77 ? 
2 MOLREP      .      ?               program 'Alexei Vaguine'     alexei@ysbl.york.ac.uk   phasing           
http://www.ccp4.ac.uk/dist/html/molrep.html  Fortran_77 ? 
3 REFMAC      .      ?               program 'Garib N. Murshudov' garib@ysbl.york.ac.uk    refinement        
http://www.ccp4.ac.uk/dist/html/refmac5.html Fortran_77 ? 
4 PDB_EXTRACT 3.10   'June 10, 2010' package PDB                  deposit@deposit.rcsb.org 'data extraction' 
http://sw-tools.pdb.org/apps/PDB_EXTRACT/    C++        ? 
5 MOSFLM      .      ?               ?       ?                    ?                        'data reduction'  ? ?          ? 
# 
_cell.entry_id           4DAR 
_cell.length_a           135.638 
_cell.length_b           135.638 
_cell.length_c           57.560 
_cell.angle_alpha        90.00 
_cell.angle_beta         90.00 
_cell.angle_gamma        120.00 
_cell.Z_PDB              12 
_cell.pdbx_unique_axis   ? 
# 
_symmetry.entry_id                         4DAR 
_symmetry.space_group_name_H-M             'P 63 2 2' 
_symmetry.pdbx_full_space_group_name_H-M   ? 
_symmetry.cell_setting                     ? 
_symmetry.Int_Tables_number                182 
# 
_exptl.crystals_number   1 
_exptl.entry_id          4DAR 
_exptl.method            'X-RAY DIFFRACTION' 
# 
_exptl_crystal.id                    1 
_exptl_crystal.density_Matthews      2.77 
_exptl_crystal.density_meas          ? 
_exptl_crystal.density_percent_sol   55.64 
_exptl_crystal.description           ? 
_exptl_crystal.F_000                 ? 
_exptl_crystal.preparation           ? 
# 
_exptl_crystal_grow.crystal_id      1 
_exptl_crystal_grow.method          'VAPOR DIFFUSION' 
_exptl_crystal_grow.pH              4.6 
_exptl_crystal_grow.temp            291 
_exptl_crystal_grow.pdbx_details    
'0.1 M sodium acetate, 3.2 M sodium chloride, 5%(v/v) glycerol, pH 4.6, vapor diffusion, temperature 291K' 
_exptl_crystal_grow.temp_details    ? 
_exptl_crystal_grow.pdbx_pH_range   ? 
# 
_diffrn.id                     1 
_diffrn.ambient_temp           100 
_diffrn.ambient_temp_details   ? 
_diffrn.crystal_id             1 
# 
_diffrn_detector.diffrn_id              1 
_diffrn_detector.detector               CCD 
_diffrn_detector.type                   'MARMOSAIC 225 mm CCD' 
_diffrn_detector.pdbx_collection_date   ? 
_diffrn_detector.details                ? 
# 
_diffrn_radiation.diffrn_id                        1 
_diffrn_radiation.pdbx_diffrn_protocol             'SINGLE WAVELENGTH' 
_diffrn_radiation.monochromator                    ? 
_diffrn_radiation.wavelength_id                    1 
_diffrn_radiation.pdbx_monochromatic_or_laue_m_l   M 
_diffrn_radiation.pdbx_scattering_type             x-ray 
# 
_diffrn_radiation_wavelength.id           1 
_diffrn_radiation_wavelength.wavelength   . 
_diffrn_radiation_wavelength.wt           1.0 
# 
_diffrn_source.diffrn_id                   1 
_diffrn_source.source                      SYNCHROTRON 
_diffrn_source.type                        'LNLS BEAMLINE W01B-MX2' 
_diffrn_source.pdbx_wavelength_list        ? 
_diffrn_source.pdbx_wavelength             ? 
_diffrn_source.pdbx_synchrotron_site       LNLS 
_diffrn_source.pdbx_synchrotron_beamline   W01B-MX2 
# 
_reflns.entry_id                     4DAR 
_reflns.d_resolution_high            3.150 
_reflns.d_resolution_low             117.466 
_reflns.number_all                   5743 
_reflns.number_obs                   5743 
_reflns.pdbx_netI_over_sigmaI        10.500 
_reflns.pdbx_Rsym_value              0.116 
_reflns.pdbx_redundancy              5.300 
_reflns.percent_possible_obs         99.800 
_reflns.observed_criterion_sigma_F   ? 
_reflns.observed_criterion_sigma_I   ? 
_reflns.pdbx_Rmerge_I_obs            ? 
_reflns.B_iso_Wilson_estimate        ? 
_reflns.R_free_details               ? 
_reflns.limit_h_max                  ? 
_reflns.limit_h_min                  ? 
_reflns.limit_k_max                  ? 
_reflns.limit_k_min                  ? 
_reflns.limit_l_max                  ? 
_reflns.limit_l_min                  ? 
_reflns.observed_criterion_F_max     ? 
_reflns.observed_criterion_F_min     ? 
_reflns.pdbx_chi_squared             ? 
_reflns.pdbx_scaling_rejects         ? 
_reflns.pdbx_ordinal                 1 
_reflns.pdbx_diffrn_id               1 
# 
loop_
_reflns_shell.d_res_high 
_reflns_shell.d_res_low 
_reflns_shell.number_measured_obs 
_reflns_shell.number_measured_all 
_reflns_shell.number_unique_obs 
_reflns_shell.Rmerge_I_obs 
_reflns_shell.meanI_over_sigI_obs 
_reflns_shell.pdbx_Rsym_value 
_reflns_shell.pdbx_chi_squared 
_reflns_shell.pdbx_redundancy 
_reflns_shell.percent_possible_obs 
_reflns_shell.number_unique_all 
_reflns_shell.percent_possible_all 
_reflns_shell.pdbx_ordinal 
_reflns_shell.pdbx_diffrn_id 
3.150 3.320  ? 4392 ? 0.340 2.000 0.340 ? 5.400 ? 812 100.000 1  1 
3.320 3.520  ? 4193 ? 0.240 2.700 0.240 ? 5.400 ? 771 100.000 2  1 
3.520 3.760  ? 3955 ? 0.174 3.800 0.174 ? 5.400 ? 732 100.000 3  1 
3.760 4.070  ? 3676 ? 0.123 5.000 0.123 ? 5.400 ? 687 100.000 4  1 
4.070 4.450  ? 3378 ? 0.096 6.400 0.096 ? 5.300 ? 635 100.000 5  1 
4.450 4.980  ? 3024 ? 0.091 6.600 0.091 ? 5.300 ? 571 99.900  6  1 
4.980 5.750  ? 2740 ? 0.126 4.800 0.126 ? 5.300 ? 521 99.800  7  1 
5.750 7.040  ? 2314 ? 0.117 5.500 0.117 ? 5.200 ? 445 99.800  8  1 
7.040 9.960  ? 1772 ? 0.069 8.300 0.069 ? 5.000 ? 356 99.100  9  1 
9.960 39.155 ? 906  ? 0.071 8.100 0.071 ? 4.300 ? 213 96.600  10 1 
# 
_refine.entry_id                                 4DAR 
_refine.ls_d_res_high                            3.1500 
_refine.ls_d_res_low                             20.0000 
_refine.pdbx_ls_sigma_F                          0.000 
_refine.pdbx_data_cutoff_high_absF               ? 
_refine.pdbx_data_cutoff_low_absF                ? 
_refine.ls_percent_reflns_obs                    99.6500 
_refine.ls_number_reflns_obs                     5713 
_refine.ls_number_reflns_all                     ? 
_refine.pdbx_ls_cross_valid_method               THROUGHOUT 
_refine.pdbx_R_Free_selection_details            RANDOM 
_refine.details                                  'HYDROGENS HAVE BEEN ADDED IN THE RIDING POSITIONS' 
_refine.ls_R_factor_all                          ? 
_refine.ls_R_factor_obs                          0.2193 
_refine.ls_R_factor_R_work                       0.2168 
_refine.ls_wR_factor_R_work                      0.2241 
_refine.ls_R_factor_R_free                       0.2714 
_refine.ls_wR_factor_R_free                      0.2818 
_refine.ls_percent_reflns_R_free                 4.6000 
_refine.ls_number_reflns_R_free                  260 
_refine.ls_R_factor_R_free_error                 ? 
_refine.B_iso_mean                               60.804 
_refine.solvent_model_param_bsol                 ? 
_refine.solvent_model_param_ksol                 ? 
_refine.pdbx_isotropic_thermal_model             ? 
_refine.aniso_B[1][1]                            -1.5200 
_refine.aniso_B[2][2]                            -1.5200 
_refine.aniso_B[3][3]                            2.2800 
_refine.aniso_B[1][2]                            -0.7600 
_refine.aniso_B[1][3]                            0.0000 
_refine.aniso_B[2][3]                            0.0000 
_refine.correlation_coeff_Fo_to_Fc               0.9210 
_refine.correlation_coeff_Fo_to_Fc_free          0.8790 
_refine.overall_SU_R_Cruickshank_DPI             ? 
_refine.overall_SU_R_free                        0.4967 
_refine.pdbx_overall_ESU_R                       ? 
_refine.pdbx_overall_ESU_R_Free                  0.4970 
_refine.overall_SU_ML                            0.4020 
_refine.overall_SU_B                             50.4160 
_refine.solvent_model_details                    MASK 
_refine.pdbx_solvent_vdw_probe_radii             1.4000 
_refine.pdbx_solvent_ion_probe_radii             0.8000 
_refine.pdbx_solvent_shrinkage_radii             0.8000 
_refine.ls_number_parameters                     ? 
_refine.ls_number_restraints                     ? 
_refine.pdbx_starting_model                      ? 
_refine.pdbx_method_to_determine_struct          'MOLECULAR REPLACEMENT' 
_refine.pdbx_stereochemistry_target_values       'MAXIMUM LIKELIHOOD' 
_refine.pdbx_stereochem_target_val_spec_case     ? 
_refine.overall_FOM_work_R_set                   0.8007 
_refine.B_iso_max                                87.580 
_refine.B_iso_min                                41.330 
_refine.pdbx_overall_phase_error                 ? 
_refine.occupancy_max                            1.000 
_refine.occupancy_min                            1.000 
_refine.pdbx_ls_sigma_I                          ? 
_refine.ls_redundancy_reflns_obs                 ? 
_refine.ls_R_factor_R_free_error_details         ? 
_refine.pdbx_data_cutoff_high_rms_absF           ? 
_refine.overall_FOM_free_R_set                   ? 
_refine.pdbx_diffrn_id                           1 
_refine.pdbx_refine_id                           'X-RAY DIFFRACTION' 
_refine.pdbx_TLS_residual_ADP_flag               ? 
_refine.pdbx_overall_SU_R_free_Cruickshank_DPI   ? 
_refine.pdbx_overall_SU_R_Blow_DPI               ? 
_refine.pdbx_overall_SU_R_free_Blow_DPI          ? 
# 
_refine_hist.pdbx_refine_id                   'X-RAY DIFFRACTION' 
_refine_hist.cycle_id                         LAST 
_refine_hist.pdbx_number_atoms_protein        1761 
_refine_hist.pdbx_number_atoms_nucleic_acid   0 
_refine_hist.pdbx_number_atoms_ligand         19 
_refine_hist.number_atoms_solvent             0 
_refine_hist.number_atoms_total               1780 
_refine_hist.d_res_high                       3.1500 
_refine_hist.d_res_low                        20.0000 
# 
loop_
_refine_ls_restr.type 
_refine_ls_restr.number 
_refine_ls_restr.dev_ideal 
_refine_ls_restr.dev_ideal_target 
_refine_ls_restr.weight 
_refine_ls_restr.pdbx_restraint_function 
_refine_ls_restr.pdbx_refine_id 
r_bond_refined_d       1809 0.009  0.022  ? ? 'X-RAY DIFFRACTION' 
r_bond_other_d         1181 0.001  0.020  ? ? 'X-RAY DIFFRACTION' 
r_angle_refined_deg    2451 1.153  1.973  ? ? 'X-RAY DIFFRACTION' 
r_angle_other_deg      2898 0.856  3.000  ? ? 'X-RAY DIFFRACTION' 
r_dihedral_angle_1_deg 230  5.956  5.000  ? ? 'X-RAY DIFFRACTION' 
r_dihedral_angle_2_deg 76   34.956 24.868 ? ? 'X-RAY DIFFRACTION' 
r_dihedral_angle_3_deg 309  15.758 15.000 ? ? 'X-RAY DIFFRACTION' 
r_dihedral_angle_4_deg 8    11.234 15.000 ? ? 'X-RAY DIFFRACTION' 
r_chiral_restr         288  0.056  0.200  ? ? 'X-RAY DIFFRACTION' 
r_gen_planes_refined   2014 0.003  0.020  ? ? 'X-RAY DIFFRACTION' 
r_gen_planes_other     354  0.001  0.020  ? ? 'X-RAY DIFFRACTION' 
r_mcbond_it            1140 0.501  1.500  ? ? 'X-RAY DIFFRACTION' 
r_mcbond_other         475  0.040  1.500  ? ? 'X-RAY DIFFRACTION' 
r_mcangle_it           1838 0.931  2.000  ? ? 'X-RAY DIFFRACTION' 
r_scbond_it            669  0.776  3.000  ? ? 'X-RAY DIFFRACTION' 
r_scangle_it           613  1.436  4.500  ? ? 'X-RAY DIFFRACTION' 
# 
_refine_ls_shell.d_res_high                       3.1500 
_refine_ls_shell.d_res_low                        3.2300 
_refine_ls_shell.pdbx_total_number_of_bins_used   20 
_refine_ls_shell.percent_reflns_obs               100.0000 
_refine_ls_shell.number_reflns_R_work             402 
_refine_ls_shell.R_factor_all                     ? 
_refine_ls_shell.R_factor_R_work                  0.2580 
_refine_ls_shell.R_factor_R_free                  0.3040 
_refine_ls_shell.percent_reflns_R_free            ? 
_refine_ls_shell.number_reflns_R_free             12 
_refine_ls_shell.R_factor_R_free_error            ? 
_refine_ls_shell.number_reflns_all                414 
_refine_ls_shell.number_reflns_obs                ? 
_refine_ls_shell.redundancy_reflns_obs            ? 
_refine_ls_shell.pdbx_refine_id                   'X-RAY DIFFRACTION' 
# 
_struct.entry_id                  4DAR 
_struct.title                     
'Crystal structure of the hexameric purine nucleoside phosphorylase from Bacillus subtilis in complex with tubercidin' 
_struct.pdbx_model_details        ? 
_struct.pdbx_CASP_flag            ? 
_struct.pdbx_model_type_details   ? 
# 
_struct_keywords.entry_id        4DAR 
_struct_keywords.text            'Phosphorylase/hydrolase-like, TRANSFERASE' 
_struct_keywords.pdbx_keywords   TRANSFERASE 
# 
loop_
_struct_asym.id 
_struct_asym.pdbx_blank_PDB_chainid_flag 
_struct_asym.pdbx_modified 
_struct_asym.entity_id 
_struct_asym.details 
A N N 1 ? 
B N N 2 ? 
# 
_struct_ref.id                         1 
_struct_ref.db_name                    UNP 
_struct_ref.db_code                    DEOD_BACSU 
_struct_ref.pdbx_db_accession          O34925 
_struct_ref.entity_id                  1 
_struct_ref.pdbx_seq_one_letter_code   
;MSVHIGAEKGQIADTVLLPGDPLRAKFIAETYLENVECYNEVRGMYGFTGTYKGKKISVQGTGMGVPSISIYVNELIQSY
DVQNLIRVGSCGAIRKDVKVRDVILAMTSSTDSQMNRVAFGSVDFAPCADFELLKNAYDAAKDKGVPVTVGSVFTADQFY
NDDSQIEKLAKYGVLGVEMETTALYTLAAKHGRKALSILTVSDHVLTGEETTAEERQTTFHDMIEVALHSVSQ
;
_struct_ref.pdbx_align_begin           1 
_struct_ref.pdbx_db_isoform            ? 
# 
_struct_ref_seq.align_id                      1 
_struct_ref_seq.ref_id                        1 
_struct_ref_seq.pdbx_PDB_id_code              4DAR 
_struct_ref_seq.pdbx_strand_id                A 
_struct_ref_seq.seq_align_beg                 21 
_struct_ref_seq.pdbx_seq_align_beg_ins_code   ? 
_struct_ref_seq.seq_align_end                 253 
_struct_ref_seq.pdbx_seq_align_end_ins_code   ? 
_struct_ref_seq.pdbx_db_accession             O34925 
_struct_ref_seq.db_align_beg                  1 
_struct_ref_seq.pdbx_db_align_beg_ins_code    ? 
_struct_ref_seq.db_align_end                  233 
_struct_ref_seq.pdbx_db_align_end_ins_code    ? 
_struct_ref_seq.pdbx_auth_seq_align_beg       1 
_struct_ref_seq.pdbx_auth_seq_align_end       233 
# 
loop_
_struct_ref_seq_dif.align_id 
_struct_ref_seq_dif.pdbx_pdb_id_code 
_struct_ref_seq_dif.mon_id 
_struct_ref_seq_dif.pdbx_pdb_strand_id 
_struct_ref_seq_dif.seq_num 
_struct_ref_seq_dif.pdbx_pdb_ins_code 
_struct_ref_seq_dif.pdbx_seq_db_name 
_struct_ref_seq_dif.pdbx_seq_db_accession_code 
_struct_ref_seq_dif.db_mon_id 
_struct_ref_seq_dif.pdbx_seq_db_seq_num 
_struct_ref_seq_dif.details 
_struct_ref_seq_dif.pdbx_auth_seq_num 
_struct_ref_seq_dif.pdbx_ordinal 
1 4DAR MET A 1   ? UNP O34925 ?   ?   'expression tag' -19 1  
1 4DAR GLY A 2   ? UNP O34925 ?   ?   'expression tag' -18 2  
1 4DAR SER A 3   ? UNP O34925 ?   ?   'expression tag' -17 3  
1 4DAR SER A 4   ? UNP O34925 ?   ?   'expression tag' -16 4  
1 4DAR HIS A 5   ? UNP O34925 ?   ?   'expression tag' -15 5  
1 4DAR HIS A 6   ? UNP O34925 ?   ?   'expression tag' -14 6  
1 4DAR HIS A 7   ? UNP O34925 ?   ?   'expression tag' -13 7  
1 4DAR HIS A 8   ? UNP O34925 ?   ?   'expression tag' -12 8  
1 4DAR HIS A 9   ? UNP O34925 ?   ?   'expression tag' -11 9  
1 4DAR HIS A 10  ? UNP O34925 ?   ?   'expression tag' -10 10 
1 4DAR SER A 11  ? UNP O34925 ?   ?   'expression tag' -9  11 
1 4DAR SER A 12  ? UNP O34925 ?   ?   'expression tag' -8  12 
1 4DAR GLY A 13  ? UNP O34925 ?   ?   'expression tag' -7  13 
1 4DAR LEU A 14  ? UNP O34925 ?   ?   'expression tag' -6  14 
1 4DAR VAL A 15  ? UNP O34925 ?   ?   'expression tag' -5  15 
1 4DAR PRO A 16  ? UNP O34925 ?   ?   'expression tag' -4  16 
1 4DAR ARG A 17  ? UNP O34925 ?   ?   'expression tag' -3  17 
1 4DAR GLY A 18  ? UNP O34925 ?   ?   'expression tag' -2  18 
1 4DAR SER A 19  ? UNP O34925 ?   ?   'expression tag' -1  19 
1 4DAR HIS A 20  ? UNP O34925 ?   ?   'expression tag' 0   20 
1 4DAR ASP A 245 ? UNP O34925 GLU 225 'SEE REMARK 999' 225 21 
# 
_pdbx_struct_assembly.id                   1 
_pdbx_struct_assembly.details              author_and_software_defined_assembly 
_pdbx_struct_assembly.method_details       PISA 
_pdbx_struct_assembly.oligomeric_details   hexameric 
_pdbx_struct_assembly.oligomeric_count     6 
# 
loop_
_pdbx_struct_assembly_prop.biol_id 
_pdbx_struct_assembly_prop.type 
_pdbx_struct_assembly_prop.value 
_pdbx_struct_assembly_prop.details 
1 'ABSA (A^2)' 24320 ? 
1 MORE         -97   ? 
1 'SSA (A^2)'  46360 ? 
# 
_pdbx_struct_assembly_gen.assembly_id       1 
_pdbx_struct_assembly_gen.oper_expression   1,2,3,4,5,6 
_pdbx_struct_assembly_gen.asym_id_list      A,B 
# 
loop_
_pdbx_struct_oper_list.id 
_pdbx_struct_oper_list.type 
_pdbx_struct_oper_list.name 
_pdbx_struct_oper_list.symmetry_operation 
_pdbx_struct_oper_list.matrix[1][1] 
_pdbx_struct_oper_list.matrix[1][2] 
_pdbx_struct_oper_list.matrix[1][3] 
_pdbx_struct_oper_list.vector[1] 
_pdbx_struct_oper_list.matrix[2][1] 
_pdbx_struct_oper_list.matrix[2][2] 
_pdbx_struct_oper_list.matrix[2][3] 
_pdbx_struct_oper_list.vector[2] 
_pdbx_struct_oper_list.matrix[3][1] 
_pdbx_struct_oper_list.matrix[3][2] 
_pdbx_struct_oper_list.matrix[3][3] 
_pdbx_struct_oper_list.vector[3] 
1 'identity operation'         1_555  x,y,z            1.0000000000  0.0000000000  0.0000000000  0.0000000000  0.0000000000  1.0000000000  0.0000000000  0.0000000000  0.0000000000  0.0000000000  1.0000000000  0.0000000000  
2 'crystal symmetry operation' 2_655  -y+1,x-y,z       -0.4306664524 0.1812358685  0.8841266690  8.2534644283  -0.7153690016 0.5287163059  -0.4568438021 27.9072307075 -0.5502486696 -0.8292241120 -0.0980498535 41.2177282180 
3 'crystal symmetry operation' 3_665  -x+y+1,-x+1,z    -0.4306664524 -0.7153690016 -0.5502486696 46.1984581289 0.1812358685  0.5287163059  -0.8292241120 17.9279023574 0.8841266690  -0.4568438021 -0.0980498535 9.4935295838  
4 'crystal symmetry operation' 10_665 -y+1,-x+1,-z+1/2 -0.9574655505 0.1608041540  0.2395866101  29.3091974986 0.1608041540  -0.3920698108 0.9057722051  1.9346447622  0.2395866101  0.9057722051  0.3495353613  -6.5018220177 
5 'crystal symmetry operation' 11_655 -x+y+1,y,-z+1/2  0.1654817713  -0.2871783163 -0.9434746409 35.7696040422 -0.2871783163 -0.9292383739 0.2324750721  29.6541260412 -0.9434746409 0.2324750721  -0.2362433974 35.1602449653 
6 'crystal symmetry operation' 12_555 x,x-y,-z+1/2     0.6533166839  0.6605072953  0.3700100315  -9.7668308997 0.6605072953  -0.7361244271 0.1478206368  10.9335346795 0.3700100315  0.1478206368  -0.9171922568 24.1236298991 
# 
_struct_biol.id        1 
_struct_biol.details   ? 
# 
loop_
_struct_conf.conf_type_id 
_struct_conf.id 
_struct_conf.pdbx_PDB_helix_id 
_struct_conf.beg_label_comp_id 
_struct_conf.beg_label_asym_id 
_struct_conf.beg_label_seq_id 
_struct_conf.pdbx_beg_PDB_ins_code 
_struct_conf.end_label_comp_id 
_struct_conf.end_label_asym_id 
_struct_conf.end_label_seq_id 
_struct_conf.pdbx_end_PDB_ins_code 
_struct_conf.beg_auth_comp_id 
_struct_conf.beg_auth_asym_id 
_struct_conf.beg_auth_seq_id 
_struct_conf.end_auth_comp_id 
_struct_conf.end_auth_asym_id 
_struct_conf.end_auth_seq_id 
_struct_conf.pdbx_PDB_helix_class 
_struct_conf.details 
_struct_conf.pdbx_PDB_helix_length 
HELX_P HELX_P1 1 ASP A 41  ? LEU A 53  ? ASP A 21  LEU A 33  1 ? 13 
HELX_P HELX_P2 2 GLU A 61  ? MET A 65  ? GLU A 41  MET A 45  5 ? 5  
HELX_P HELX_P3 3 GLY A 85  ? SER A 99  ? GLY A 65  SER A 79  1 ? 15 
HELX_P HELX_P4 4 GLN A 134 ? GLY A 141 ? GLN A 114 GLY A 121 1 ? 8  
HELX_P HELX_P5 5 ASP A 150 ? GLY A 165 ? ASP A 130 GLY A 145 1 ? 16 
HELX_P HELX_P6 6 GLN A 185 ? TYR A 192 ? GLN A 165 TYR A 172 1 ? 8  
HELX_P HELX_P7 7 GLU A 200 ? HIS A 211 ? GLU A 180 HIS A 191 1 ? 12 
HELX_P HELX_P8 8 THR A 232 ? SER A 250 ? THR A 212 SER A 230 1 ? 19 
# 
_struct_conf_type.id          HELX_P 
_struct_conf_type.criteria    ? 
_struct_conf_type.reference   ? 
# 
_struct_sheet.id               A 
_struct_sheet.type             ? 
_struct_sheet.number_strands   10 
_struct_sheet.details          ? 
# 
loop_
_struct_sheet_order.sheet_id 
_struct_sheet_order.range_id_1 
_struct_sheet_order.range_id_2 
_struct_sheet_order.offset 
_struct_sheet_order.sense 
A 1 2  ? anti-parallel 
A 2 3  ? anti-parallel 
A 3 4  ? parallel      
A 4 5  ? parallel      
A 5 6  ? parallel      
A 6 7  ? anti-parallel 
A 7 8  ? parallel      
A 8 9  ? parallel      
A 9 10 ? anti-parallel 
# 
loop_
_struct_sheet_range.sheet_id 
_struct_sheet_range.id 
_struct_sheet_range.beg_label_comp_id 
_struct_sheet_range.beg_label_asym_id 
_struct_sheet_range.beg_label_seq_id 
_struct_sheet_range.pdbx_beg_PDB_ins_code 
_struct_sheet_range.end_label_comp_id 
_struct_sheet_range.end_label_asym_id 
_struct_sheet_range.end_label_seq_id 
_struct_sheet_range.pdbx_end_PDB_ins_code 
_struct_sheet_range.beg_auth_comp_id 
_struct_sheet_range.beg_auth_asym_id 
_struct_sheet_range.beg_auth_seq_id 
_struct_sheet_range.end_auth_comp_id 
_struct_sheet_range.end_auth_asym_id 
_struct_sheet_range.end_auth_seq_id 
A 1  GLU A 54  ? ASN A 60  ? GLU A 34  ASN A 40  
A 2  GLY A 67  ? TYR A 72  ? GLY A 47  TYR A 52  
A 3  LYS A 75  ? GLN A 80  ? LYS A 55  GLN A 60  
A 4  THR A 35  ? LEU A 38  ? THR A 15  LEU A 18  
A 5  ASN A 104 ? ALA A 113 ? ASN A 84  ALA A 93  
A 6  LYS A 214 ? HIS A 224 ? LYS A 194 HIS A 204 
A 7  VAL A 123 ? THR A 131 ? VAL A 103 THR A 111 
A 8  VAL A 168 ? THR A 175 ? VAL A 148 THR A 155 
A 9  GLY A 196 ? GLU A 198 ? GLY A 176 GLU A 178 
A 10 ASN A 104 ? ALA A 113 ? ASN A 84  ALA A 93  
# 
loop_
_pdbx_struct_sheet_hbond.sheet_id 
_pdbx_struct_sheet_hbond.range_id_1 
_pdbx_struct_sheet_hbond.range_id_2 
_pdbx_struct_sheet_hbond.range_1_label_atom_id 
_pdbx_struct_sheet_hbond.range_1_label_comp_id 
_pdbx_struct_sheet_hbond.range_1_label_asym_id 
_pdbx_struct_sheet_hbond.range_1_label_seq_id 
_pdbx_struct_sheet_hbond.range_1_PDB_ins_code 
_pdbx_struct_sheet_hbond.range_1_auth_atom_id 
_pdbx_struct_sheet_hbond.range_1_auth_comp_id 
_pdbx_struct_sheet_hbond.range_1_auth_asym_id 
_pdbx_struct_sheet_hbond.range_1_auth_seq_id 
_pdbx_struct_sheet_hbond.range_2_label_atom_id 
_pdbx_struct_sheet_hbond.range_2_label_comp_id 
_pdbx_struct_sheet_hbond.range_2_label_asym_id 
_pdbx_struct_sheet_hbond.range_2_label_seq_id 
_pdbx_struct_sheet_hbond.range_2_PDB_ins_code 
_pdbx_struct_sheet_hbond.range_2_auth_atom_id 
_pdbx_struct_sheet_hbond.range_2_auth_comp_id 
_pdbx_struct_sheet_hbond.range_2_auth_asym_id 
_pdbx_struct_sheet_hbond.range_2_auth_seq_id 
A 1 2  N GLU A 54  ? N GLU A 34  O THR A 71  ? O THR A 51  
A 2 3  N PHE A 68  ? N PHE A 48  O VAL A 79  ? O VAL A 59  
A 3 4  O SER A 78  ? O SER A 58  N THR A 35  ? N THR A 15  
A 4 5  N VAL A 36  ? N VAL A 16  O ILE A 106 ? O ILE A 86  
A 5 6  N ALA A 113 ? N ALA A 93  O ASP A 223 ? O ASP A 203 
A 6 7  O LEU A 219 ? O LEU A 199 N ILE A 124 ? N ILE A 104 
A 7 8  N SER A 130 ? N SER A 110 O THR A 175 ? O THR A 155 
A 8 9  N PHE A 174 ? N PHE A 154 O GLU A 198 ? O GLU A 178 
A 9 10 O VAL A 197 ? O VAL A 177 N GLY A 112 ? N GLY A 92  
# 
_struct_site.id                   AC1 
_struct_site.pdbx_evidence_code   Software 
_struct_site.pdbx_auth_asym_id    A 
_struct_site.pdbx_auth_comp_id    TBN 
_struct_site.pdbx_auth_seq_id     301 
_struct_site.pdbx_auth_ins_code   ? 
_struct_site.pdbx_num_residues    11 
_struct_site.details              'BINDING SITE FOR RESIDUE TBN A 301' 
# 
loop_
_struct_site_gen.id 
_struct_site_gen.site_id 
_struct_site_gen.pdbx_num_res 
_struct_site_gen.label_comp_id 
_struct_site_gen.label_asym_id 
_struct_site_gen.label_seq_id 
_struct_site_gen.pdbx_auth_ins_code 
_struct_site_gen.auth_comp_id 
_struct_site_gen.auth_asym_id 
_struct_site_gen.auth_seq_id 
_struct_site_gen.label_atom_id 
_struct_site_gen.label_alt_id 
_struct_site_gen.symmetry 
_struct_site_gen.details 
1  AC1 11 HIS A 24  ? HIS A 4   . ? 12_555 ? 
2  AC1 11 ARG A 107 ? ARG A 87  . ? 1_555  ? 
3  AC1 11 SER A 110 ? SER A 90  . ? 1_555  ? 
4  AC1 11 GLY A 112 ? GLY A 92  . ? 1_555  ? 
5  AC1 11 PHE A 179 ? PHE A 159 . ? 1_555  ? 
6  AC1 11 VAL A 197 ? VAL A 177 . ? 1_555  ? 
7  AC1 11 GLU A 198 ? GLU A 178 . ? 1_555  ? 
8  AC1 11 MET A 199 ? MET A 179 . ? 1_555  ? 
9  AC1 11 GLU A 200 ? GLU A 180 . ? 1_555  ? 
10 AC1 11 SER A 222 ? SER A 202 . ? 1_555  ? 
11 AC1 11 ASP A 223 ? ASP A 203 . ? 1_555  ? 
# 
loop_
_pdbx_validate_torsion.id 
_pdbx_validate_torsion.PDB_model_num 
_pdbx_validate_torsion.auth_comp_id 
_pdbx_validate_torsion.auth_asym_id 
_pdbx_validate_torsion.auth_seq_id 
_pdbx_validate_torsion.PDB_ins_code 
_pdbx_validate_torsion.label_alt_id 
_pdbx_validate_torsion.phi 
_pdbx_validate_torsion.psi 
1 1 ASP A 81  ? ? 38.39   44.45  
2 1 PRO A 127 ? ? -59.18  170.93 
3 1 TYR A 160 ? ? -107.48 66.84  
4 1 GLU A 180 ? ? -139.15 -35.86 
5 1 GLU A 209 ? ? -35.54  121.83 
# 
_phasing.method   MR 
# 
_pdbx_entry_details.entry_id                 4DAR 
_pdbx_entry_details.nonpolymer_details       ? 
_pdbx_entry_details.sequence_details         'AUTHORS STATE THAT THIS IS A CLONING ARTIFACT' 
_pdbx_entry_details.compound_details         ? 
_pdbx_entry_details.source_details           ? 
_pdbx_entry_details.has_ligand_of_interest   ? 
# 
loop_
_pdbx_unobs_or_zero_occ_residues.id 
_pdbx_unobs_or_zero_occ_residues.PDB_model_num 
_pdbx_unobs_or_zero_occ_residues.polymer_flag 
_pdbx_unobs_or_zero_occ_residues.occupancy_flag 
_pdbx_unobs_or_zero_occ_residues.auth_asym_id 
_pdbx_unobs_or_zero_occ_residues.auth_comp_id 
_pdbx_unobs_or_zero_occ_residues.auth_seq_id 
_pdbx_unobs_or_zero_occ_residues.PDB_ins_code 
_pdbx_unobs_or_zero_occ_residues.label_asym_id 
_pdbx_unobs_or_zero_occ_residues.label_comp_id 
_pdbx_unobs_or_zero_occ_residues.label_seq_id 
1  1 Y 1 A MET -19 ? A MET 1   
2  1 Y 1 A GLY -18 ? A GLY 2   
3  1 Y 1 A SER -17 ? A SER 3   
4  1 Y 1 A SER -16 ? A SER 4   
5  1 Y 1 A HIS -15 ? A HIS 5   
6  1 Y 1 A HIS -14 ? A HIS 6   
7  1 Y 1 A HIS -13 ? A HIS 7   
8  1 Y 1 A HIS -12 ? A HIS 8   
9  1 Y 1 A HIS -11 ? A HIS 9   
10 1 Y 1 A HIS -10 ? A HIS 10  
11 1 Y 1 A SER -9  ? A SER 11  
12 1 Y 1 A SER -8  ? A SER 12  
13 1 Y 1 A GLY -7  ? A GLY 13  
14 1 Y 1 A LEU -6  ? A LEU 14  
15 1 Y 1 A VAL -5  ? A VAL 15  
16 1 Y 1 A PRO -4  ? A PRO 16  
17 1 Y 1 A ARG -3  ? A ARG 17  
18 1 Y 1 A GLY -2  ? A GLY 18  
19 1 Y 1 A SER -1  ? A SER 19  
20 1 Y 1 A HIS 0   ? A HIS 20  
21 1 Y 1 A MET 1   ? A MET 21  
22 1 Y 1 A GLN 233 ? A GLN 253 
# 
loop_
_chem_comp_atom.comp_id 
_chem_comp_atom.atom_id 
_chem_comp_atom.type_symbol 
_chem_comp_atom.pdbx_aromatic_flag 
_chem_comp_atom.pdbx_stereo_config 
_chem_comp_atom.pdbx_ordinal 
ALA N      N N N 1   
ALA CA     C N S 2   
ALA C      C N N 3   
ALA O      O N N 4   
ALA CB     C N N 5   
ALA OXT    O N N 6   
ALA H      H N N 7   
ALA H2     H N N 8   
ALA HA     H N N 9   
ALA HB1    H N N 10  
ALA HB2    H N N 11  
ALA HB3    H N N 12  
ALA HXT    H N N 13  
ARG N      N N N 14  
ARG CA     C N S 15  
ARG C      C N N 16  
ARG O      O N N 17  
ARG CB     C N N 18  
ARG CG     C N N 19  
ARG CD     C N N 20  
ARG NE     N N N 21  
ARG CZ     C N N 22  
ARG NH1    N N N 23  
ARG NH2    N N N 24  
ARG OXT    O N N 25  
ARG H      H N N 26  
ARG H2     H N N 27  
ARG HA     H N N 28  
ARG HB2    H N N 29  
ARG HB3    H N N 30  
ARG HG2    H N N 31  
ARG HG3    H N N 32  
ARG HD2    H N N 33  
ARG HD3    H N N 34  
ARG HE     H N N 35  
ARG HH11   H N N 36  
ARG HH12   H N N 37  
ARG HH21   H N N 38  
ARG HH22   H N N 39  
ARG HXT    H N N 40  
ASN N      N N N 41  
ASN CA     C N S 42  
ASN C      C N N 43  
ASN O      O N N 44  
ASN CB     C N N 45  
ASN CG     C N N 46  
ASN OD1    O N N 47  
ASN ND2    N N N 48  
ASN OXT    O N N 49  
ASN H      H N N 50  
ASN H2     H N N 51  
ASN HA     H N N 52  
ASN HB2    H N N 53  
ASN HB3    H N N 54  
ASN HD21   H N N 55  
ASN HD22   H N N 56  
ASN HXT    H N N 57  
ASP N      N N N 58  
ASP CA     C N S 59  
ASP C      C N N 60  
ASP O      O N N 61  
ASP CB     C N N 62  
ASP CG     C N N 63  
ASP OD1    O N N 64  
ASP OD2    O N N 65  
ASP OXT    O N N 66  
ASP H      H N N 67  
ASP H2     H N N 68  
ASP HA     H N N 69  
ASP HB2    H N N 70  
ASP HB3    H N N 71  
ASP HD2    H N N 72  
ASP HXT    H N N 73  
CYS N      N N N 74  
CYS CA     C N R 75  
CYS C      C N N 76  
CYS O      O N N 77  
CYS CB     C N N 78  
CYS SG     S N N 79  
CYS OXT    O N N 80  
CYS H      H N N 81  
CYS H2     H N N 82  
CYS HA     H N N 83  
CYS HB2    H N N 84  
CYS HB3    H N N 85  
CYS HG     H N N 86  
CYS HXT    H N N 87  
GLN N      N N N 88  
GLN CA     C N S 89  
GLN C      C N N 90  
GLN O      O N N 91  
GLN CB     C N N 92  
GLN CG     C N N 93  
GLN CD     C N N 94  
GLN OE1    O N N 95  
GLN NE2    N N N 96  
GLN OXT    O N N 97  
GLN H      H N N 98  
GLN H2     H N N 99  
GLN HA     H N N 100 
GLN HB2    H N N 101 
GLN HB3    H N N 102 
GLN HG2    H N N 103 
GLN HG3    H N N 104 
GLN HE21   H N N 105 
GLN HE22   H N N 106 
GLN HXT    H N N 107 
GLU N      N N N 108 
GLU CA     C N S 109 
GLU C      C N N 110 
GLU O      O N N 111 
GLU CB     C N N 112 
GLU CG     C N N 113 
GLU CD     C N N 114 
GLU OE1    O N N 115 
GLU OE2    O N N 116 
GLU OXT    O N N 117 
GLU H      H N N 118 
GLU H2     H N N 119 
GLU HA     H N N 120 
GLU HB2    H N N 121 
GLU HB3    H N N 122 
GLU HG2    H N N 123 
GLU HG3    H N N 124 
GLU HE2    H N N 125 
GLU HXT    H N N 126 
GLY N      N N N 127 
GLY CA     C N N 128 
GLY C      C N N 129 
GLY O      O N N 130 
GLY OXT    O N N 131 
GLY H      H N N 132 
GLY H2     H N N 133 
GLY HA2    H N N 134 
GLY HA3    H N N 135 
GLY HXT    H N N 136 
HIS N      N N N 137 
HIS CA     C N S 138 
HIS C      C N N 139 
HIS O      O N N 140 
HIS CB     C N N 141 
HIS CG     C Y N 142 
HIS ND1    N Y N 143 
HIS CD2    C Y N 144 
HIS CE1    C Y N 145 
HIS NE2    N Y N 146 
HIS OXT    O N N 147 
HIS H      H N N 148 
HIS H2     H N N 149 
HIS HA     H N N 150 
HIS HB2    H N N 151 
HIS HB3    H N N 152 
HIS HD1    H N N 153 
HIS HD2    H N N 154 
HIS HE1    H N N 155 
HIS HE2    H N N 156 
HIS HXT    H N N 157 
ILE N      N N N 158 
ILE CA     C N S 159 
ILE C      C N N 160 
ILE O      O N N 161 
ILE CB     C N S 162 
ILE CG1    C N N 163 
ILE CG2    C N N 164 
ILE CD1    C N N 165 
ILE OXT    O N N 166 
ILE H      H N N 167 
ILE H2     H N N 168 
ILE HA     H N N 169 
ILE HB     H N N 170 
ILE HG12   H N N 171 
ILE HG13   H N N 172 
ILE HG21   H N N 173 
ILE HG22   H N N 174 
ILE HG23   H N N 175 
ILE HD11   H N N 176 
ILE HD12   H N N 177 
ILE HD13   H N N 178 
ILE HXT    H N N 179 
LEU N      N N N 180 
LEU CA     C N S 181 
LEU C      C N N 182 
LEU O      O N N 183 
LEU CB     C N N 184 
LEU CG     C N N 185 
LEU CD1    C N N 186 
LEU CD2    C N N 187 
LEU OXT    O N N 188 
LEU H      H N N 189 
LEU H2     H N N 190 
LEU HA     H N N 191 
LEU HB2    H N N 192 
LEU HB3    H N N 193 
LEU HG     H N N 194 
LEU HD11   H N N 195 
LEU HD12   H N N 196 
LEU HD13   H N N 197 
LEU HD21   H N N 198 
LEU HD22   H N N 199 
LEU HD23   H N N 200 
LEU HXT    H N N 201 
LYS N      N N N 202 
LYS CA     C N S 203 
LYS C      C N N 204 
LYS O      O N N 205 
LYS CB     C N N 206 
LYS CG     C N N 207 
LYS CD     C N N 208 
LYS CE     C N N 209 
LYS NZ     N N N 210 
LYS OXT    O N N 211 
LYS H      H N N 212 
LYS H2     H N N 213 
LYS HA     H N N 214 
LYS HB2    H N N 215 
LYS HB3    H N N 216 
LYS HG2    H N N 217 
LYS HG3    H N N 218 
LYS HD2    H N N 219 
LYS HD3    H N N 220 
LYS HE2    H N N 221 
LYS HE3    H N N 222 
LYS HZ1    H N N 223 
LYS HZ2    H N N 224 
LYS HZ3    H N N 225 
LYS HXT    H N N 226 
MET N      N N N 227 
MET CA     C N S 228 
MET C      C N N 229 
MET O      O N N 230 
MET CB     C N N 231 
MET CG     C N N 232 
MET SD     S N N 233 
MET CE     C N N 234 
MET OXT    O N N 235 
MET H      H N N 236 
MET H2     H N N 237 
MET HA     H N N 238 
MET HB2    H N N 239 
MET HB3    H N N 240 
MET HG2    H N N 241 
MET HG3    H N N 242 
MET HE1    H N N 243 
MET HE2    H N N 244 
MET HE3    H N N 245 
MET HXT    H N N 246 
PHE N      N N N 247 
PHE CA     C N S 248 
PHE C      C N N 249 
PHE O      O N N 250 
PHE CB     C N N 251 
PHE CG     C Y N 252 
PHE CD1    C Y N 253 
PHE CD2    C Y N 254 
PHE CE1    C Y N 255 
PHE CE2    C Y N 256 
PHE CZ     C Y N 257 
PHE OXT    O N N 258 
PHE H      H N N 259 
PHE H2     H N N 260 
PHE HA     H N N 261 
PHE HB2    H N N 262 
PHE HB3    H N N 263 
PHE HD1    H N N 264 
PHE HD2    H N N 265 
PHE HE1    H N N 266 
PHE HE2    H N N 267 
PHE HZ     H N N 268 
PHE HXT    H N N 269 
PRO N      N N N 270 
PRO CA     C N S 271 
PRO C      C N N 272 
PRO O      O N N 273 
PRO CB     C N N 274 
PRO CG     C N N 275 
PRO CD     C N N 276 
PRO OXT    O N N 277 
PRO H      H N N 278 
PRO HA     H N N 279 
PRO HB2    H N N 280 
PRO HB3    H N N 281 
PRO HG2    H N N 282 
PRO HG3    H N N 283 
PRO HD2    H N N 284 
PRO HD3    H N N 285 
PRO HXT    H N N 286 
SER N      N N N 287 
SER CA     C N S 288 
SER C      C N N 289 
SER O      O N N 290 
SER CB     C N N 291 
SER OG     O N N 292 
SER OXT    O N N 293 
SER H      H N N 294 
SER H2     H N N 295 
SER HA     H N N 296 
SER HB2    H N N 297 
SER HB3    H N N 298 
SER HG     H N N 299 
SER HXT    H N N 300 
TBN "O5'"  O N N 301 
TBN "C5'"  C N N 302 
TBN "C4'"  C N R 303 
TBN "O4'"  O N N 304 
TBN "C1'"  C N R 305 
TBN N9     N Y N 306 
TBN C8     C Y N 307 
TBN C7     C Y N 308 
TBN C5     C Y N 309 
TBN C6     C Y N 310 
TBN N1     N Y N 311 
TBN C2     C Y N 312 
TBN N3     N Y N 313 
TBN C4     C Y N 314 
TBN N6     N N N 315 
TBN "C2'"  C N R 316 
TBN "O2'"  O N N 317 
TBN "C3'"  C N S 318 
TBN "O3'"  O N N 319 
TBN "H5'"  H N N 320 
TBN "H5'1" H N N 321 
TBN "H5'2" H N N 322 
TBN "H4'"  H N N 323 
TBN "H1'"  H N N 324 
TBN H8     H N N 325 
TBN H7     H N N 326 
TBN H2     H N N 327 
TBN HN61   H N N 328 
TBN HN62   H N N 329 
TBN "H2'"  H N N 330 
TBN H1     H N N 331 
TBN "H3'"  H N N 332 
TBN H3     H N N 333 
THR N      N N N 334 
THR CA     C N S 335 
THR C      C N N 336 
THR O      O N N 337 
THR CB     C N R 338 
THR OG1    O N N 339 
THR CG2    C N N 340 
THR OXT    O N N 341 
THR H      H N N 342 
THR H2     H N N 343 
THR HA     H N N 344 
THR HB     H N N 345 
THR HG1    H N N 346 
THR HG21   H N N 347 
THR HG22   H N N 348 
THR HG23   H N N 349 
THR HXT    H N N 350 
TYR N      N N N 351 
TYR CA     C N S 352 
TYR C      C N N 353 
TYR O      O N N 354 
TYR CB     C N N 355 
TYR CG     C Y N 356 
TYR CD1    C Y N 357 
TYR CD2    C Y N 358 
TYR CE1    C Y N 359 
TYR CE2    C Y N 360 
TYR CZ     C Y N 361 
TYR OH     O N N 362 
TYR OXT    O N N 363 
TYR H      H N N 364 
TYR H2     H N N 365 
TYR HA     H N N 366 
TYR HB2    H N N 367 
TYR HB3    H N N 368 
TYR HD1    H N N 369 
TYR HD2    H N N 370 
TYR HE1    H N N 371 
TYR HE2    H N N 372 
TYR HH     H N N 373 
TYR HXT    H N N 374 
VAL N      N N N 375 
VAL CA     C N S 376 
VAL C      C N N 377 
VAL O      O N N 378 
VAL CB     C N N 379 
VAL CG1    C N N 380 
VAL CG2    C N N 381 
VAL OXT    O N N 382 
VAL H      H N N 383 
VAL H2     H N N 384 
VAL HA     H N N 385 
VAL HB     H N N 386 
VAL HG11   H N N 387 
VAL HG12   H N N 388 
VAL HG13   H N N 389 
VAL HG21   H N N 390 
VAL HG22   H N N 391 
VAL HG23   H N N 392 
VAL HXT    H N N 393 
# 
loop_
_chem_comp_bond.comp_id 
_chem_comp_bond.atom_id_1 
_chem_comp_bond.atom_id_2 
_chem_comp_bond.value_order 
_chem_comp_bond.pdbx_aromatic_flag 
_chem_comp_bond.pdbx_stereo_config 
_chem_comp_bond.pdbx_ordinal 
ALA N     CA     sing N N 1   
ALA N     H      sing N N 2   
ALA N     H2     sing N N 3   
ALA CA    C      sing N N 4   
ALA CA    CB     sing N N 5   
ALA CA    HA     sing N N 6   
ALA C     O      doub N N 7   
ALA C     OXT    sing N N 8   
ALA CB    HB1    sing N N 9   
ALA CB    HB2    sing N N 10  
ALA CB    HB3    sing N N 11  
ALA OXT   HXT    sing N N 12  
ARG N     CA     sing N N 13  
ARG N     H      sing N N 14  
ARG N     H2     sing N N 15  
ARG CA    C      sing N N 16  
ARG CA    CB     sing N N 17  
ARG CA    HA     sing N N 18  
ARG C     O      doub N N 19  
ARG C     OXT    sing N N 20  
ARG CB    CG     sing N N 21  
ARG CB    HB2    sing N N 22  
ARG CB    HB3    sing N N 23  
ARG CG    CD     sing N N 24  
ARG CG    HG2    sing N N 25  
ARG CG    HG3    sing N N 26  
ARG CD    NE     sing N N 27  
ARG CD    HD2    sing N N 28  
ARG CD    HD3    sing N N 29  
ARG NE    CZ     sing N N 30  
ARG NE    HE     sing N N 31  
ARG CZ    NH1    sing N N 32  
ARG CZ    NH2    doub N N 33  
ARG NH1   HH11   sing N N 34  
ARG NH1   HH12   sing N N 35  
ARG NH2   HH21   sing N N 36  
ARG NH2   HH22   sing N N 37  
ARG OXT   HXT    sing N N 38  
ASN N     CA     sing N N 39  
ASN N     H      sing N N 40  
ASN N     H2     sing N N 41  
ASN CA    C      sing N N 42  
ASN CA    CB     sing N N 43  
ASN CA    HA     sing N N 44  
ASN C     O      doub N N 45  
ASN C     OXT    sing N N 46  
ASN CB    CG     sing N N 47  
ASN CB    HB2    sing N N 48  
ASN CB    HB3    sing N N 49  
ASN CG    OD1    doub N N 50  
ASN CG    ND2    sing N N 51  
ASN ND2   HD21   sing N N 52  
ASN ND2   HD22   sing N N 53  
ASN OXT   HXT    sing N N 54  
ASP N     CA     sing N N 55  
ASP N     H      sing N N 56  
ASP N     H2     sing N N 57  
ASP CA    C      sing N N 58  
ASP CA    CB     sing N N 59  
ASP CA    HA     sing N N 60  
ASP C     O      doub N N 61  
ASP C     OXT    sing N N 62  
ASP CB    CG     sing N N 63  
ASP CB    HB2    sing N N 64  
ASP CB    HB3    sing N N 65  
ASP CG    OD1    doub N N 66  
ASP CG    OD2    sing N N 67  
ASP OD2   HD2    sing N N 68  
ASP OXT   HXT    sing N N 69  
CYS N     CA     sing N N 70  
CYS N     H      sing N N 71  
CYS N     H2     sing N N 72  
CYS CA    C      sing N N 73  
CYS CA    CB     sing N N 74  
CYS CA    HA     sing N N 75  
CYS C     O      doub N N 76  
CYS C     OXT    sing N N 77  
CYS CB    SG     sing N N 78  
CYS CB    HB2    sing N N 79  
CYS CB    HB3    sing N N 80  
CYS SG    HG     sing N N 81  
CYS OXT   HXT    sing N N 82  
GLN N     CA     sing N N 83  
GLN N     H      sing N N 84  
GLN N     H2     sing N N 85  
GLN CA    C      sing N N 86  
GLN CA    CB     sing N N 87  
GLN CA    HA     sing N N 88  
GLN C     O      doub N N 89  
GLN C     OXT    sing N N 90  
GLN CB    CG     sing N N 91  
GLN CB    HB2    sing N N 92  
GLN CB    HB3    sing N N 93  
GLN CG    CD     sing N N 94  
GLN CG    HG2    sing N N 95  
GLN CG    HG3    sing N N 96  
GLN CD    OE1    doub N N 97  
GLN CD    NE2    sing N N 98  
GLN NE2   HE21   sing N N 99  
GLN NE2   HE22   sing N N 100 
GLN OXT   HXT    sing N N 101 
GLU N     CA     sing N N 102 
GLU N     H      sing N N 103 
GLU N     H2     sing N N 104 
GLU CA    C      sing N N 105 
GLU CA    CB     sing N N 106 
GLU CA    HA     sing N N 107 
GLU C     O      doub N N 108 
GLU C     OXT    sing N N 109 
GLU CB    CG     sing N N 110 
GLU CB    HB2    sing N N 111 
GLU CB    HB3    sing N N 112 
GLU CG    CD     sing N N 113 
GLU CG    HG2    sing N N 114 
GLU CG    HG3    sing N N 115 
GLU CD    OE1    doub N N 116 
GLU CD    OE2    sing N N 117 
GLU OE2   HE2    sing N N 118 
GLU OXT   HXT    sing N N 119 
GLY N     CA     sing N N 120 
GLY N     H      sing N N 121 
GLY N     H2     sing N N 122 
GLY CA    C      sing N N 123 
GLY CA    HA2    sing N N 124 
GLY CA    HA3    sing N N 125 
GLY C     O      doub N N 126 
GLY C     OXT    sing N N 127 
GLY OXT   HXT    sing N N 128 
HIS N     CA     sing N N 129 
HIS N     H      sing N N 130 
HIS N     H2     sing N N 131 
HIS CA    C      sing N N 132 
HIS CA    CB     sing N N 133 
HIS CA    HA     sing N N 134 
HIS C     O      doub N N 135 
HIS C     OXT    sing N N 136 
HIS CB    CG     sing N N 137 
HIS CB    HB2    sing N N 138 
HIS CB    HB3    sing N N 139 
HIS CG    ND1    sing Y N 140 
HIS CG    CD2    doub Y N 141 
HIS ND1   CE1    doub Y N 142 
HIS ND1   HD1    sing N N 143 
HIS CD2   NE2    sing Y N 144 
HIS CD2   HD2    sing N N 145 
HIS CE1   NE2    sing Y N 146 
HIS CE1   HE1    sing N N 147 
HIS NE2   HE2    sing N N 148 
HIS OXT   HXT    sing N N 149 
ILE N     CA     sing N N 150 
ILE N     H      sing N N 151 
ILE N     H2     sing N N 152 
ILE CA    C      sing N N 153 
ILE CA    CB     sing N N 154 
ILE CA    HA     sing N N 155 
ILE C     O      doub N N 156 
ILE C     OXT    sing N N 157 
ILE CB    CG1    sing N N 158 
ILE CB    CG2    sing N N 159 
ILE CB    HB     sing N N 160 
ILE CG1   CD1    sing N N 161 
ILE CG1   HG12   sing N N 162 
ILE CG1   HG13   sing N N 163 
ILE CG2   HG21   sing N N 164 
ILE CG2   HG22   sing N N 165 
ILE CG2   HG23   sing N N 166 
ILE CD1   HD11   sing N N 167 
ILE CD1   HD12   sing N N 168 
ILE CD1   HD13   sing N N 169 
ILE OXT   HXT    sing N N 170 
LEU N     CA     sing N N 171 
LEU N     H      sing N N 172 
LEU N     H2     sing N N 173 
LEU CA    C      sing N N 174 
LEU CA    CB     sing N N 175 
LEU CA    HA     sing N N 176 
LEU C     O      doub N N 177 
LEU C     OXT    sing N N 178 
LEU CB    CG     sing N N 179 
LEU CB    HB2    sing N N 180 
LEU CB    HB3    sing N N 181 
LEU CG    CD1    sing N N 182 
LEU CG    CD2    sing N N 183 
LEU CG    HG     sing N N 184 
LEU CD1   HD11   sing N N 185 
LEU CD1   HD12   sing N N 186 
LEU CD1   HD13   sing N N 187 
LEU CD2   HD21   sing N N 188 
LEU CD2   HD22   sing N N 189 
LEU CD2   HD23   sing N N 190 
LEU OXT   HXT    sing N N 191 
LYS N     CA     sing N N 192 
LYS N     H      sing N N 193 
LYS N     H2     sing N N 194 
LYS CA    C      sing N N 195 
LYS CA    CB     sing N N 196 
LYS CA    HA     sing N N 197 
LYS C     O      doub N N 198 
LYS C     OXT    sing N N 199 
LYS CB    CG     sing N N 200 
LYS CB    HB2    sing N N 201 
LYS CB    HB3    sing N N 202 
LYS CG    CD     sing N N 203 
LYS CG    HG2    sing N N 204 
LYS CG    HG3    sing N N 205 
LYS CD    CE     sing N N 206 
LYS CD    HD2    sing N N 207 
LYS CD    HD3    sing N N 208 
LYS CE    NZ     sing N N 209 
LYS CE    HE2    sing N N 210 
LYS CE    HE3    sing N N 211 
LYS NZ    HZ1    sing N N 212 
LYS NZ    HZ2    sing N N 213 
LYS NZ    HZ3    sing N N 214 
LYS OXT   HXT    sing N N 215 
MET N     CA     sing N N 216 
MET N     H      sing N N 217 
MET N     H2     sing N N 218 
MET CA    C      sing N N 219 
MET CA    CB     sing N N 220 
MET CA    HA     sing N N 221 
MET C     O      doub N N 222 
MET C     OXT    sing N N 223 
MET CB    CG     sing N N 224 
MET CB    HB2    sing N N 225 
MET CB    HB3    sing N N 226 
MET CG    SD     sing N N 227 
MET CG    HG2    sing N N 228 
MET CG    HG3    sing N N 229 
MET SD    CE     sing N N 230 
MET CE    HE1    sing N N 231 
MET CE    HE2    sing N N 232 
MET CE    HE3    sing N N 233 
MET OXT   HXT    sing N N 234 
PHE N     CA     sing N N 235 
PHE N     H      sing N N 236 
PHE N     H2     sing N N 237 
PHE CA    C      sing N N 238 
PHE CA    CB     sing N N 239 
PHE CA    HA     sing N N 240 
PHE C     O      doub N N 241 
PHE C     OXT    sing N N 242 
PHE CB    CG     sing N N 243 
PHE CB    HB2    sing N N 244 
PHE CB    HB3    sing N N 245 
PHE CG    CD1    doub Y N 246 
PHE CG    CD2    sing Y N 247 
PHE CD1   CE1    sing Y N 248 
PHE CD1   HD1    sing N N 249 
PHE CD2   CE2    doub Y N 250 
PHE CD2   HD2    sing N N 251 
PHE CE1   CZ     doub Y N 252 
PHE CE1   HE1    sing N N 253 
PHE CE2   CZ     sing Y N 254 
PHE CE2   HE2    sing N N 255 
PHE CZ    HZ     sing N N 256 
PHE OXT   HXT    sing N N 257 
PRO N     CA     sing N N 258 
PRO N     CD     sing N N 259 
PRO N     H      sing N N 260 
PRO CA    C      sing N N 261 
PRO CA    CB     sing N N 262 
PRO CA    HA     sing N N 263 
PRO C     O      doub N N 264 
PRO C     OXT    sing N N 265 
PRO CB    CG     sing N N 266 
PRO CB    HB2    sing N N 267 
PRO CB    HB3    sing N N 268 
PRO CG    CD     sing N N 269 
PRO CG    HG2    sing N N 270 
PRO CG    HG3    sing N N 271 
PRO CD    HD2    sing N N 272 
PRO CD    HD3    sing N N 273 
PRO OXT   HXT    sing N N 274 
SER N     CA     sing N N 275 
SER N     H      sing N N 276 
SER N     H2     sing N N 277 
SER CA    C      sing N N 278 
SER CA    CB     sing N N 279 
SER CA    HA     sing N N 280 
SER C     O      doub N N 281 
SER C     OXT    sing N N 282 
SER CB    OG     sing N N 283 
SER CB    HB2    sing N N 284 
SER CB    HB3    sing N N 285 
SER OG    HG     sing N N 286 
SER OXT   HXT    sing N N 287 
TBN "O5'" "C5'"  sing N N 288 
TBN "O5'" "H5'"  sing N N 289 
TBN "C5'" "C4'"  sing N N 290 
TBN "C5'" "H5'1" sing N N 291 
TBN "C5'" "H5'2" sing N N 292 
TBN "C4'" "O4'"  sing N N 293 
TBN "C4'" "C3'"  sing N N 294 
TBN "C4'" "H4'"  sing N N 295 
TBN "O4'" "C1'"  sing N N 296 
TBN "C1'" N9     sing N N 297 
TBN "C1'" "C2'"  sing N N 298 
TBN "C1'" "H1'"  sing N N 299 
TBN N9    C8     sing Y N 300 
TBN N9    C4     sing Y N 301 
TBN C8    C7     doub Y N 302 
TBN C8    H8     sing N N 303 
TBN C7    C5     sing Y N 304 
TBN C7    H7     sing N N 305 
TBN C5    C6     doub Y N 306 
TBN C5    C4     sing Y N 307 
TBN C6    N1     sing Y N 308 
TBN C6    N6     sing N N 309 
TBN N1    C2     doub Y N 310 
TBN C2    N3     sing Y N 311 
TBN C2    H2     sing N N 312 
TBN N3    C4     doub Y N 313 
TBN N6    HN61   sing N N 314 
TBN N6    HN62   sing N N 315 
TBN "C2'" "O2'"  sing N N 316 
TBN "C2'" "C3'"  sing N N 317 
TBN "C2'" "H2'"  sing N N 318 
TBN "O2'" H1     sing N N 319 
TBN "C3'" "O3'"  sing N N 320 
TBN "C3'" "H3'"  sing N N 321 
TBN "O3'" H3     sing N N 322 
THR N     CA     sing N N 323 
THR N     H      sing N N 324 
THR N     H2     sing N N 325 
THR CA    C      sing N N 326 
THR CA    CB     sing N N 327 
THR CA    HA     sing N N 328 
THR C     O      doub N N 329 
THR C     OXT    sing N N 330 
THR CB    OG1    sing N N 331 
THR CB    CG2    sing N N 332 
THR CB    HB     sing N N 333 
THR OG1   HG1    sing N N 334 
THR CG2   HG21   sing N N 335 
THR CG2   HG22   sing N N 336 
THR CG2   HG23   sing N N 337 
THR OXT   HXT    sing N N 338 
TYR N     CA     sing N N 339 
TYR N     H      sing N N 340 
TYR N     H2     sing N N 341 
TYR CA    C      sing N N 342 
TYR CA    CB     sing N N 343 
TYR CA    HA     sing N N 344 
TYR C     O      doub N N 345 
TYR C     OXT    sing N N 346 
TYR CB    CG     sing N N 347 
TYR CB    HB2    sing N N 348 
TYR CB    HB3    sing N N 349 
TYR CG    CD1    doub Y N 350 
TYR CG    CD2    sing Y N 351 
TYR CD1   CE1    sing Y N 352 
TYR CD1   HD1    sing N N 353 
TYR CD2   CE2    doub Y N 354 
TYR CD2   HD2    sing N N 355 
TYR CE1   CZ     doub Y N 356 
TYR CE1   HE1    sing N N 357 
TYR CE2   CZ     sing Y N 358 
TYR CE2   HE2    sing N N 359 
TYR CZ    OH     sing N N 360 
TYR OH    HH     sing N N 361 
TYR OXT   HXT    sing N N 362 
VAL N     CA     sing N N 363 
VAL N     H      sing N N 364 
VAL N     H2     sing N N 365 
VAL CA    C      sing N N 366 
VAL CA    CB     sing N N 367 
VAL CA    HA     sing N N 368 
VAL C     O      doub N N 369 
VAL C     OXT    sing N N 370 
VAL CB    CG1    sing N N 371 
VAL CB    CG2    sing N N 372 
VAL CB    HB     sing N N 373 
VAL CG1   HG11   sing N N 374 
VAL CG1   HG12   sing N N 375 
VAL CG1   HG13   sing N N 376 
VAL CG2   HG21   sing N N 377 
VAL CG2   HG22   sing N N 378 
VAL CG2   HG23   sing N N 379 
VAL OXT   HXT    sing N N 380 
# 
_atom_sites.entry_id                    4DAR 
_atom_sites.fract_transf_matrix[1][1]   0.00774079 
_atom_sites.fract_transf_matrix[1][2]   0.00309238 
_atom_sites.fract_transf_matrix[1][3]   0.00173222 
_atom_sites.fract_transf_matrix[2][1]   0.00649861 
_atom_sites.fract_transf_matrix[2][2]   -0.00160128 
_atom_sites.fract_transf_matrix[2][3]   -0.00526072 
_atom_sites.fract_transf_matrix[3][1]   -0.00373509 
_atom_sites.fract_transf_matrix[3][2]   0.01438722 
_atom_sites.fract_transf_matrix[3][3]   -0.00899322 
_atom_sites.fract_transf_vector[1]      0.449686 
_atom_sites.fract_transf_vector[2]      0.328766 
_atom_sites.fract_transf_vector[3]      0.261580 
# 
loop_
_atom_type.symbol 
C 
N 
O 
S 
# 
loop_
_atom_site.group_PDB 
_atom_site.id 
_atom_site.type_symbol 
_atom_site.label_atom_id 
_atom_site.label_alt_id 
_atom_site.label_comp_id 
_atom_site.label_asym_id 
_atom_site.label_entity_id 
_atom_site.label_seq_id 
_atom_site.pdbx_PDB_ins_code 
_atom_site.Cartn_x 
_atom_site.Cartn_y 
_atom_site.Cartn_z 
_atom_site.occupancy 
_atom_site.B_iso_or_equiv 
_atom_site.pdbx_formal_charge 
_atom_site.auth_seq_id 
_atom_site.auth_comp_id 
_atom_site.auth_asym_id 
_atom_site.auth_atom_id 
_atom_site.pdbx_PDB_model_num 
ATOM   1    N N     . SER A 1 22  ? -5.795  -12.642 18.025  1.00 62.01 ? 2   SER A N     1 
ATOM   2    C CA    . SER A 1 22  ? -5.056  -11.343 18.065  1.00 61.95 ? 2   SER A CA    1 
ATOM   3    C C     . SER A 1 22  ? -6.021  -10.169 18.266  1.00 61.70 ? 2   SER A C     1 
ATOM   4    O O     . SER A 1 22  ? -7.102  -10.128 17.677  1.00 61.53 ? 2   SER A O     1 
ATOM   5    C CB    . SER A 1 22  ? -4.259  -11.150 16.779  1.00 61.99 ? 2   SER A CB    1 
ATOM   6    O OG    . SER A 1 22  ? -5.135  -11.078 15.671  1.00 62.42 ? 2   SER A OG    1 
ATOM   7    N N     . VAL A 1 23  ? -5.593  -9.208  19.078  1.00 61.45 ? 3   VAL A N     1 
ATOM   8    C CA    . VAL A 1 23  ? -6.486  -8.190  19.643  1.00 61.30 ? 3   VAL A CA    1 
ATOM   9    C C     . VAL A 1 23  ? -7.368  -7.441  18.637  1.00 61.30 ? 3   VAL A C     1 
ATOM   10   O O     . VAL A 1 23  ? -8.537  -7.207  18.916  1.00 61.32 ? 3   VAL A O     1 
ATOM   11   C CB    . VAL A 1 23  ? -5.683  -7.138  20.446  1.00 61.27 ? 3   VAL A CB    1 
ATOM   12   C CG1   . VAL A 1 23  ? -6.594  -6.018  20.939  1.00 60.78 ? 3   VAL A CG1   1 
ATOM   13   C CG2   . VAL A 1 23  ? -4.941  -7.805  21.611  1.00 61.43 ? 3   VAL A CG2   1 
ATOM   14   N N     . HIS A 1 24  ? -6.813  -7.064  17.485  1.00 61.37 ? 4   HIS A N     1 
ATOM   15   C CA    . HIS A 1 24  ? -7.475  -6.117  16.567  1.00 61.38 ? 4   HIS A CA    1 
ATOM   16   C C     . HIS A 1 24  ? -8.128  -6.770  15.357  1.00 61.84 ? 4   HIS A C     1 
ATOM   17   O O     . HIS A 1 24  ? -8.909  -6.123  14.645  1.00 61.76 ? 4   HIS A O     1 
ATOM   18   C CB    . HIS A 1 24  ? -6.476  -5.060  16.078  1.00 61.15 ? 4   HIS A CB    1 
ATOM   19   C CG    . HIS A 1 24  ? -6.094  -4.059  17.121  1.00 60.28 ? 4   HIS A CG    1 
ATOM   20   N ND1   . HIS A 1 24  ? -4.993  -4.215  17.934  1.00 59.68 ? 4   HIS A ND1   1 
ATOM   21   C CD2   . HIS A 1 24  ? -6.671  -2.890  17.488  1.00 59.43 ? 4   HIS A CD2   1 
ATOM   22   C CE1   . HIS A 1 24  ? -4.911  -3.187  18.760  1.00 59.59 ? 4   HIS A CE1   1 
ATOM   23   N NE2   . HIS A 1 24  ? -5.913  -2.364  18.507  1.00 58.91 ? 4   HIS A NE2   1 
ATOM   24   N N     . ILE A 1 25  ? -7.784  -8.036  15.117  1.00 62.41 ? 5   ILE A N     1 
ATOM   25   C CA    . ILE A 1 25  ? -8.326  -8.822  14.011  1.00 62.86 ? 5   ILE A CA    1 
ATOM   26   C C     . ILE A 1 25  ? -9.104  -9.998  14.601  1.00 63.33 ? 5   ILE A C     1 
ATOM   27   O O     . ILE A 1 25  ? -8.522  -10.848 15.283  1.00 63.43 ? 5   ILE A O     1 
ATOM   28   C CB    . ILE A 1 25  ? -7.190  -9.353  13.104  1.00 62.82 ? 5   ILE A CB    1 
ATOM   29   C CG1   . ILE A 1 25  ? -6.555  -8.212  12.304  1.00 62.97 ? 5   ILE A CG1   1 
ATOM   30   C CG2   . ILE A 1 25  ? -7.704  -10.422 12.155  1.00 62.96 ? 5   ILE A CG2   1 
ATOM   31   C CD1   . ILE A 1 25  ? -5.330  -8.641  11.478  1.00 63.01 ? 5   ILE A CD1   1 
ATOM   32   N N     . GLY A 1 26  ? -10.410 -10.045 14.339  1.00 63.86 ? 6   GLY A N     1 
ATOM   33   C CA    . GLY A 1 26  ? -11.276 -11.089 14.885  1.00 64.35 ? 6   GLY A CA    1 
ATOM   34   C C     . GLY A 1 26  ? -11.420 -12.300 13.980  1.00 64.85 ? 6   GLY A C     1 
ATOM   35   O O     . GLY A 1 26  ? -12.535 -12.771 13.752  1.00 65.17 ? 6   GLY A O     1 
ATOM   36   N N     . ALA A 1 27  ? -10.296 -12.812 13.475  1.00 65.34 ? 7   ALA A N     1 
ATOM   37   C CA    . ALA A 1 27  ? -10.282 -13.962 12.568  1.00 65.78 ? 7   ALA A CA    1 
ATOM   38   C C     . ALA A 1 27  ? -9.769  -15.202 13.289  1.00 66.31 ? 7   ALA A C     1 
ATOM   39   O O     . ALA A 1 27  ? -9.049  -15.098 14.282  1.00 66.39 ? 7   ALA A O     1 
ATOM   40   C CB    . ALA A 1 27  ? -9.411  -13.669 11.359  1.00 65.72 ? 7   ALA A CB    1 
ATOM   41   N N     . GLU A 1 28  ? -10.151 -16.372 12.784  1.00 66.91 ? 8   GLU A N     1 
ATOM   42   C CA    . GLU A 1 28  ? -9.687  -17.644 13.332  1.00 67.40 ? 8   GLU A CA    1 
ATOM   43   C C     . GLU A 1 28  ? -8.531  -18.131 12.480  1.00 67.37 ? 8   GLU A C     1 
ATOM   44   O O     . GLU A 1 28  ? -8.405  -17.730 11.325  1.00 67.46 ? 8   GLU A O     1 
ATOM   45   C CB    . GLU A 1 28  ? -10.816 -18.683 13.334  1.00 67.68 ? 8   GLU A CB    1 
ATOM   46   C CG    . GLU A 1 28  ? -12.070 -18.280 14.142  1.00 69.01 ? 8   GLU A CG    1 
ATOM   47   C CD    . GLU A 1 28  ? -11.813 -18.056 15.650  1.00 70.89 ? 8   GLU A CD    1 
ATOM   48   O OE1   . GLU A 1 28  ? -12.621 -17.343 16.292  1.00 72.05 ? 8   GLU A OE1   1 
ATOM   49   O OE2   . GLU A 1 28  ? -10.817 -18.585 16.198  1.00 71.72 ? 8   GLU A OE2   1 
ATOM   50   N N     . LYS A 1 29  ? -7.689  -18.995 13.040  1.00 67.42 ? 9   LYS A N     1 
ATOM   51   C CA    . LYS A 1 29  ? -6.541  -19.514 12.294  1.00 67.56 ? 9   LYS A CA    1 
ATOM   52   C C     . LYS A 1 29  ? -7.003  -20.001 10.910  1.00 67.27 ? 9   LYS A C     1 
ATOM   53   O O     . LYS A 1 29  ? -8.083  -20.591 10.787  1.00 67.45 ? 9   LYS A O     1 
ATOM   54   C CB    . LYS A 1 29  ? -5.824  -20.634 13.078  1.00 67.75 ? 9   LYS A CB    1 
ATOM   55   C CG    . LYS A 1 29  ? -6.429  -22.051 12.938  1.00 68.66 ? 9   LYS A CG    1 
ATOM   56   C CD    . LYS A 1 29  ? -5.743  -23.079 13.862  1.00 69.75 ? 9   LYS A CD    1 
ATOM   57   C CE    . LYS A 1 29  ? -4.361  -23.526 13.343  1.00 70.25 ? 9   LYS A CE    1 
ATOM   58   N NZ    . LYS A 1 29  ? -4.420  -24.715 12.444  1.00 70.56 ? 9   LYS A NZ    1 
ATOM   59   N N     . GLY A 1 30  ? -6.214  -19.713 9.874   1.00 66.76 ? 10  GLY A N     1 
ATOM   60   C CA    . GLY A 1 30  ? -6.483  -20.221 8.519   1.00 66.22 ? 10  GLY A CA    1 
ATOM   61   C C     . GLY A 1 30  ? -7.407  -19.379 7.641   1.00 65.63 ? 10  GLY A C     1 
ATOM   62   O O     . GLY A 1 30  ? -7.370  -19.499 6.414   1.00 65.50 ? 10  GLY A O     1 
ATOM   63   N N     . GLN A 1 31  ? -8.234  -18.530 8.250   1.00 64.78 ? 11  GLN A N     1 
ATOM   64   C CA    . GLN A 1 31  ? -9.155  -17.685 7.485   1.00 64.36 ? 11  GLN A CA    1 
ATOM   65   C C     . GLN A 1 31  ? -8.465  -16.616 6.633   1.00 63.85 ? 11  GLN A C     1 
ATOM   66   O O     . GLN A 1 31  ? -9.099  -16.038 5.754   1.00 63.95 ? 11  GLN A O     1 
ATOM   67   C CB    . GLN A 1 31  ? -10.144 -16.973 8.413   1.00 64.44 ? 11  GLN A CB    1 
ATOM   68   C CG    . GLN A 1 31  ? -11.198 -17.862 9.026   1.00 64.60 ? 11  GLN A CG    1 
ATOM   69   C CD    . GLN A 1 31  ? -12.345 -17.056 9.607   1.00 64.75 ? 11  GLN A CD    1 
ATOM   70   O OE1   . GLN A 1 31  ? -12.267 -16.547 10.729  1.00 64.48 ? 11  GLN A OE1   1 
ATOM   71   N NE2   . GLN A 1 31  ? -13.420 -16.933 8.838   1.00 65.32 ? 11  GLN A NE2   1 
ATOM   72   N N     . ILE A 1 32  ? -7.190  -16.333 6.905   1.00 63.12 ? 12  ILE A N     1 
ATOM   73   C CA    . ILE A 1 32  ? -6.463  -15.280 6.196   1.00 62.44 ? 12  ILE A CA    1 
ATOM   74   C C     . ILE A 1 32  ? -5.445  -15.890 5.234   1.00 61.76 ? 12  ILE A C     1 
ATOM   75   O O     . ILE A 1 32  ? -4.711  -16.814 5.603   1.00 61.74 ? 12  ILE A O     1 
ATOM   76   C CB    . ILE A 1 32  ? -5.754  -14.339 7.187   1.00 62.46 ? 12  ILE A CB    1 
ATOM   77   C CG1   . ILE A 1 32  ? -6.787  -13.539 7.990   1.00 62.61 ? 12  ILE A CG1   1 
ATOM   78   C CG2   . ILE A 1 32  ? -4.826  -13.388 6.449   1.00 62.73 ? 12  ILE A CG2   1 
ATOM   79   C CD1   . ILE A 1 32  ? -6.242  -12.895 9.254   1.00 62.57 ? 12  ILE A CD1   1 
ATOM   80   N N     . ALA A 1 33  ? -5.413  -15.365 4.007   1.00 60.87 ? 13  ALA A N     1 
ATOM   81   C CA    . ALA A 1 33  ? -4.556  -15.889 2.940   1.00 60.17 ? 13  ALA A CA    1 
ATOM   82   C C     . ALA A 1 33  ? -3.079  -15.605 3.201   1.00 59.62 ? 13  ALA A C     1 
ATOM   83   O O     . ALA A 1 33  ? -2.737  -14.720 3.989   1.00 59.58 ? 13  ALA A O     1 
ATOM   84   C CB    . ALA A 1 33  ? -4.972  -15.294 1.599   1.00 59.98 ? 13  ALA A CB    1 
ATOM   85   N N     . ASP A 1 34  ? -2.210  -16.367 2.540   1.00 58.91 ? 14  ASP A N     1 
ATOM   86   C CA    . ASP A 1 34  ? -0.779  -16.063 2.520   1.00 58.46 ? 14  ASP A CA    1 
ATOM   87   C C     . ASP A 1 34  ? -0.504  -14.674 1.946   1.00 57.58 ? 14  ASP A C     1 
ATOM   88   O O     . ASP A 1 34  ? 0.471   -14.030 2.322   1.00 57.65 ? 14  ASP A O     1 
ATOM   89   C CB    . ASP A 1 34  ? -0.004  -17.106 1.700   1.00 58.68 ? 14  ASP A CB    1 
ATOM   90   C CG    . ASP A 1 34  ? 0.506   -18.276 2.548   1.00 60.38 ? 14  ASP A CG    1 
ATOM   91   O OD1   . ASP A 1 34  ? 0.644   -18.138 3.793   1.00 62.68 ? 14  ASP A OD1   1 
ATOM   92   O OD2   . ASP A 1 34  ? 0.790   -19.342 1.960   1.00 61.71 ? 14  ASP A OD2   1 
ATOM   93   N N     . THR A 1 35  ? -1.367  -14.225 1.036   1.00 56.53 ? 15  THR A N     1 
ATOM   94   C CA    . THR A 1 35  ? -1.238  -12.930 0.389   1.00 55.68 ? 15  THR A CA    1 
ATOM   95   C C     . THR A 1 35  ? -2.398  -12.022 0.791   1.00 54.96 ? 15  THR A C     1 
ATOM   96   O O     . THR A 1 35  ? -3.556  -12.425 0.723   1.00 55.06 ? 15  THR A O     1 
ATOM   97   C CB    . THR A 1 35  ? -1.228  -13.106 -1.129  1.00 55.67 ? 15  THR A CB    1 
ATOM   98   O OG1   . THR A 1 35  ? -0.272  -14.116 -1.479  1.00 55.85 ? 15  THR A OG1   1 
ATOM   99   C CG2   . THR A 1 35  ? -0.873  -11.802 -1.836  1.00 55.83 ? 15  THR A CG2   1 
ATOM   100  N N     . VAL A 1 36  ? -2.088  -10.803 1.224   1.00 54.17 ? 16  VAL A N     1 
ATOM   101  C CA    . VAL A 1 36  ? -3.114  -9.843  1.624   1.00 53.52 ? 16  VAL A CA    1 
ATOM   102  C C     . VAL A 1 36  ? -2.889  -8.484  0.964   1.00 53.41 ? 16  VAL A C     1 
ATOM   103  O O     . VAL A 1 36  ? -1.774  -7.962  0.946   1.00 53.40 ? 16  VAL A O     1 
ATOM   104  C CB    . VAL A 1 36  ? -3.159  -9.647  3.151   1.00 53.20 ? 16  VAL A CB    1 
ATOM   105  C CG1   . VAL A 1 36  ? -4.379  -8.849  3.530   1.00 52.59 ? 16  VAL A CG1   1 
ATOM   106  C CG2   . VAL A 1 36  ? -3.179  -10.977 3.858   1.00 52.96 ? 16  VAL A CG2   1 
ATOM   107  N N     . LEU A 1 37  ? -3.958  -7.922  0.416   1.00 53.26 ? 17  LEU A N     1 
ATOM   108  C CA    . LEU A 1 37  ? -3.933  -6.569  -0.115  1.00 53.17 ? 17  LEU A CA    1 
ATOM   109  C C     . LEU A 1 37  ? -4.344  -5.617  0.992   1.00 53.04 ? 17  LEU A C     1 
ATOM   110  O O     . LEU A 1 37  ? -5.165  -5.959  1.834   1.00 53.01 ? 17  LEU A O     1 
ATOM   111  C CB    . LEU A 1 37  ? -4.885  -6.429  -1.306  1.00 53.34 ? 17  LEU A CB    1 
ATOM   112  C CG    . LEU A 1 37  ? -4.711  -7.422  -2.461  1.00 53.07 ? 17  LEU A CG    1 
ATOM   113  C CD1   . LEU A 1 37  ? -5.504  -6.960  -3.676  1.00 52.95 ? 17  LEU A CD1   1 
ATOM   114  C CD2   . LEU A 1 37  ? -3.249  -7.610  -2.825  1.00 52.70 ? 17  LEU A CD2   1 
ATOM   115  N N     . LEU A 1 38  ? -3.782  -4.419  0.988   1.00 53.10 ? 18  LEU A N     1 
ATOM   116  C CA    . LEU A 1 38  ? -3.942  -3.526  2.122   1.00 53.25 ? 18  LEU A CA    1 
ATOM   117  C C     . LEU A 1 38  ? -4.352  -2.131  1.691   1.00 53.69 ? 18  LEU A C     1 
ATOM   118  O O     . LEU A 1 38  ? -3.519  -1.248  1.586   1.00 54.04 ? 18  LEU A O     1 
ATOM   119  C CB    . LEU A 1 38  ? -2.647  -3.491  2.934   1.00 52.98 ? 18  LEU A CB    1 
ATOM   120  C CG    . LEU A 1 38  ? -2.312  -4.836  3.577   1.00 52.13 ? 18  LEU A CG    1 
ATOM   121  C CD1   . LEU A 1 38  ? -0.857  -4.898  3.970   1.00 51.47 ? 18  LEU A CD1   1 
ATOM   122  C CD2   . LEU A 1 38  ? -3.213  -5.117  4.762   1.00 50.89 ? 18  LEU A CD2   1 
ATOM   123  N N     . PRO A 1 39  ? -5.645  -1.933  1.433   1.00 54.19 ? 19  PRO A N     1 
ATOM   124  C CA    . PRO A 1 39  ? -6.153  -0.599  1.181   1.00 54.67 ? 19  PRO A CA    1 
ATOM   125  C C     . PRO A 1 39  ? -6.348  0.136   2.486   1.00 55.24 ? 19  PRO A C     1 
ATOM   126  O O     . PRO A 1 39  ? -6.726  -0.480  3.473   1.00 55.24 ? 19  PRO A O     1 
ATOM   127  C CB    . PRO A 1 39  ? -7.510  -0.870  0.549   1.00 54.67 ? 19  PRO A CB    1 
ATOM   128  C CG    . PRO A 1 39  ? -7.950  -2.132  1.194   1.00 54.41 ? 19  PRO A CG    1 
ATOM   129  C CD    . PRO A 1 39  ? -6.702  -2.949  1.299   1.00 54.27 ? 19  PRO A CD    1 
ATOM   130  N N     . GLY A 1 40  ? -6.114  1.441   2.497   1.00 56.02 ? 20  GLY A N     1 
ATOM   131  C CA    . GLY A 1 40  ? -6.319  2.223   3.713   1.00 56.83 ? 20  GLY A CA    1 
ATOM   132  C C     . GLY A 1 40  ? -7.772  2.223   4.168   1.00 57.62 ? 20  GLY A C     1 
ATOM   133  O O     . GLY A 1 40  ? -8.068  2.259   5.372   1.00 57.53 ? 20  GLY A O     1 
ATOM   134  N N     . ASP A 1 41  ? -8.673  2.155   3.187   1.00 58.50 ? 21  ASP A N     1 
ATOM   135  C CA    . ASP A 1 41  ? -10.095 2.393   3.385   1.00 59.01 ? 21  ASP A CA    1 
ATOM   136  C C     . ASP A 1 41  ? -10.794 1.053   3.542   1.00 59.64 ? 21  ASP A C     1 
ATOM   137  O O     . ASP A 1 41  ? -10.748 0.243   2.622   1.00 59.74 ? 21  ASP A O     1 
ATOM   138  C CB    . ASP A 1 41  ? -10.630 3.142   2.156   1.00 58.92 ? 21  ASP A CB    1 
ATOM   139  C CG    . ASP A 1 41  ? -12.030 3.701   2.347   1.00 58.63 ? 21  ASP A CG    1 
ATOM   140  O OD1   . ASP A 1 41  ? -12.747 3.311   3.296   1.00 57.37 ? 21  ASP A OD1   1 
ATOM   141  O OD2   . ASP A 1 41  ? -12.411 4.546   1.515   1.00 58.38 ? 21  ASP A OD2   1 
ATOM   142  N N     . PRO A 1 42  ? -11.433 0.805   4.702   1.00 60.52 ? 22  PRO A N     1 
ATOM   143  C CA    . PRO A 1 42  ? -12.108 -0.486  4.892   1.00 61.34 ? 22  PRO A CA    1 
ATOM   144  C C     . PRO A 1 42  ? -13.303 -0.708  3.951   1.00 62.36 ? 22  PRO A C     1 
ATOM   145  O O     . PRO A 1 42  ? -13.660 -1.855  3.673   1.00 62.54 ? 22  PRO A O     1 
ATOM   146  C CB    . PRO A 1 42  ? -12.567 -0.432  6.352   1.00 61.27 ? 22  PRO A CB    1 
ATOM   147  C CG    . PRO A 1 42  ? -12.646 0.993   6.675   1.00 60.70 ? 22  PRO A CG    1 
ATOM   148  C CD    . PRO A 1 42  ? -11.574 1.668   5.887   1.00 60.42 ? 22  PRO A CD    1 
ATOM   149  N N     . LEU A 1 43  ? -13.903 0.380   3.466   1.00 63.47 ? 23  LEU A N     1 
ATOM   150  C CA    . LEU A 1 43  ? -14.956 0.300   2.458   1.00 64.25 ? 23  LEU A CA    1 
ATOM   151  C C     . LEU A 1 43  ? -14.395 0.045   1.055   1.00 65.03 ? 23  LEU A C     1 
ATOM   152  O O     . LEU A 1 43  ? -15.084 -0.558  0.241   1.00 65.36 ? 23  LEU A O     1 
ATOM   153  C CB    . LEU A 1 43  ? -15.834 1.559   2.471   1.00 64.37 ? 23  LEU A CB    1 
ATOM   154  C CG    . LEU A 1 43  ? -16.557 1.895   3.793   1.00 64.67 ? 23  LEU A CG    1 
ATOM   155  C CD1   . LEU A 1 43  ? -17.463 3.115   3.631   1.00 63.97 ? 23  LEU A CD1   1 
ATOM   156  C CD2   . LEU A 1 43  ? -17.354 0.704   4.340   1.00 64.95 ? 23  LEU A CD2   1 
ATOM   157  N N     . ARG A 1 44  ? -13.170 0.484   0.754   1.00 65.93 ? 24  ARG A N     1 
ATOM   158  C CA    . ARG A 1 44  ? -12.509 0.029   -0.486  1.00 66.86 ? 24  ARG A CA    1 
ATOM   159  C C     . ARG A 1 44  ? -12.071 -1.439  -0.326  1.00 67.07 ? 24  ARG A C     1 
ATOM   160  O O     . ARG A 1 44  ? -11.798 -2.117  -1.313  1.00 67.14 ? 24  ARG A O     1 
ATOM   161  C CB    . ARG A 1 44  ? -11.299 0.903   -0.912  1.00 67.22 ? 24  ARG A CB    1 
ATOM   162  C CG    . ARG A 1 44  ? -11.555 2.411   -1.209  1.00 68.96 ? 24  ARG A CG    1 
ATOM   163  C CD    . ARG A 1 44  ? -12.660 2.704   -2.246  1.00 71.78 ? 24  ARG A CD    1 
ATOM   164  N NE    . ARG A 1 44  ? -12.179 2.897   -3.625  1.00 73.92 ? 24  ARG A NE    1 
ATOM   165  C CZ    . ARG A 1 44  ? -12.966 3.193   -4.672  1.00 74.83 ? 24  ARG A CZ    1 
ATOM   166  N NH1   . ARG A 1 44  ? -14.285 3.332   -4.520  1.00 75.04 ? 24  ARG A NH1   1 
ATOM   167  N NH2   . ARG A 1 44  ? -12.437 3.345   -5.883  1.00 74.71 ? 24  ARG A NH2   1 
ATOM   168  N N     . ALA A 1 45  ? -11.999 -1.922  0.915   1.00 67.47 ? 25  ALA A N     1 
ATOM   169  C CA    . ALA A 1 45  ? -11.680 -3.329  1.194   1.00 67.88 ? 25  ALA A CA    1 
ATOM   170  C C     . ALA A 1 45  ? -12.867 -4.226  0.867   1.00 68.26 ? 25  ALA A C     1 
ATOM   171  O O     . ALA A 1 45  ? -12.705 -5.372  0.447   1.00 68.25 ? 25  ALA A O     1 
ATOM   172  C CB    . ALA A 1 45  ? -11.275 -3.504  2.650   1.00 67.84 ? 25  ALA A CB    1 
ATOM   173  N N     . LYS A 1 46  ? -14.062 -3.696  1.088   1.00 68.86 ? 26  LYS A N     1 
ATOM   174  C CA    . LYS A 1 46  ? -15.290 -4.332  0.631   1.00 69.36 ? 26  LYS A CA    1 
ATOM   175  C C     . LYS A 1 46  ? -15.339 -4.338  -0.897  1.00 69.65 ? 26  LYS A C     1 
ATOM   176  O O     . LYS A 1 46  ? -15.290 -5.399  -1.521  1.00 69.61 ? 26  LYS A O     1 
ATOM   177  C CB    . LYS A 1 46  ? -16.499 -3.594  1.218   1.00 69.41 ? 26  LYS A CB    1 
ATOM   178  C CG    . LYS A 1 46  ? -17.839 -4.130  0.784   1.00 69.86 ? 26  LYS A CG    1 
ATOM   179  C CD    . LYS A 1 46  ? -18.940 -3.681  1.735   1.00 70.63 ? 26  LYS A CD    1 
ATOM   180  C CE    . LYS A 1 46  ? -20.270 -4.337  1.393   1.00 70.68 ? 26  LYS A CE    1 
ATOM   181  N NZ    . LYS A 1 46  ? -21.142 -4.405  2.585   1.00 71.30 ? 26  LYS A NZ    1 
ATOM   182  N N     . PHE A 1 47  ? -15.393 -3.147  -1.485  1.00 70.10 ? 27  PHE A N     1 
ATOM   183  C CA    . PHE A 1 47  ? -15.513 -2.983  -2.930  1.00 70.57 ? 27  PHE A CA    1 
ATOM   184  C C     . PHE A 1 47  ? -14.552 -3.873  -3.721  1.00 70.75 ? 27  PHE A C     1 
ATOM   185  O O     . PHE A 1 47  ? -14.941 -4.471  -4.722  1.00 70.91 ? 27  PHE A O     1 
ATOM   186  C CB    . PHE A 1 47  ? -15.287 -1.521  -3.310  1.00 70.63 ? 27  PHE A CB    1 
ATOM   187  C CG    . PHE A 1 47  ? -15.381 -1.258  -4.786  1.00 71.68 ? 27  PHE A CG    1 
ATOM   188  C CD1   . PHE A 1 47  ? -16.603 -0.962  -5.372  1.00 72.25 ? 27  PHE A CD1   1 
ATOM   189  C CD2   . PHE A 1 47  ? -14.242 -1.310  -5.594  1.00 72.69 ? 27  PHE A CD2   1 
ATOM   190  C CE1   . PHE A 1 47  ? -16.691 -0.715  -6.742  1.00 73.03 ? 27  PHE A CE1   1 
ATOM   191  C CE2   . PHE A 1 47  ? -14.323 -1.064  -6.967  1.00 72.85 ? 27  PHE A CE2   1 
ATOM   192  C CZ    . PHE A 1 47  ? -15.546 -0.766  -7.541  1.00 73.07 ? 27  PHE A CZ    1 
ATOM   193  N N     . ILE A 1 48  ? -13.302 -3.952  -3.279  1.00 70.99 ? 28  ILE A N     1 
ATOM   194  C CA    . ILE A 1 48  ? -12.321 -4.814  -3.932  1.00 71.22 ? 28  ILE A CA    1 
ATOM   195  C C     . ILE A 1 48  ? -12.758 -6.270  -3.848  1.00 71.47 ? 28  ILE A C     1 
ATOM   196  O O     . ILE A 1 48  ? -12.906 -6.938  -4.872  1.00 71.57 ? 28  ILE A O     1 
ATOM   197  C CB    . ILE A 1 48  ? -10.918 -4.681  -3.294  1.00 71.25 ? 28  ILE A CB    1 
ATOM   198  C CG1   . ILE A 1 48  ? -10.271 -3.358  -3.696  1.00 71.14 ? 28  ILE A CG1   1 
ATOM   199  C CG2   . ILE A 1 48  ? -10.013 -5.832  -3.725  1.00 71.08 ? 28  ILE A CG2   1 
ATOM   200  C CD1   . ILE A 1 48  ? -9.133  -2.971  -2.805  1.00 71.29 ? 28  ILE A CD1   1 
ATOM   201  N N     . ALA A 1 49  ? -12.964 -6.747  -2.623  1.00 71.74 ? 29  ALA A N     1 
ATOM   202  C CA    . ALA A 1 49  ? -13.315 -8.150  -2.371  1.00 71.93 ? 29  ALA A CA    1 
ATOM   203  C C     . ALA A 1 49  ? -14.583 -8.562  -3.122  1.00 72.00 ? 29  ALA A C     1 
ATOM   204  O O     . ALA A 1 49  ? -14.653 -9.653  -3.696  1.00 71.92 ? 29  ALA A O     1 
ATOM   205  C CB    . ALA A 1 49  ? -13.485 -8.390  -0.865  1.00 72.04 ? 29  ALA A CB    1 
ATOM   206  N N     . GLU A 1 50  ? -15.569 -7.670  -3.122  1.00 72.06 ? 30  GLU A N     1 
ATOM   207  C CA    . GLU A 1 50  ? -16.833 -7.912  -3.804  1.00 72.18 ? 30  GLU A CA    1 
ATOM   208  C C     . GLU A 1 50  ? -16.706 -7.847  -5.322  1.00 72.03 ? 30  GLU A C     1 
ATOM   209  O O     . GLU A 1 50  ? -17.170 -8.742  -6.018  1.00 72.22 ? 30  GLU A O     1 
ATOM   210  C CB    . GLU A 1 50  ? -17.888 -6.912  -3.333  1.00 72.34 ? 30  GLU A CB    1 
ATOM   211  C CG    . GLU A 1 50  ? -18.416 -7.199  -1.935  1.00 72.92 ? 30  GLU A CG    1 
ATOM   212  C CD    . GLU A 1 50  ? -19.630 -6.352  -1.590  1.00 73.86 ? 30  GLU A CD    1 
ATOM   213  O OE1   . GLU A 1 50  ? -20.544 -6.878  -0.912  1.00 74.67 ? 30  GLU A OE1   1 
ATOM   214  O OE2   . GLU A 1 50  ? -19.675 -5.166  -2.002  1.00 74.14 ? 30  GLU A OE2   1 
ATOM   215  N N     . THR A 1 51  ? -16.075 -6.804  -5.838  1.00 71.91 ? 31  THR A N     1 
ATOM   216  C CA    . THR A 1 51  ? -16.011 -6.618  -7.280  1.00 71.90 ? 31  THR A CA    1 
ATOM   217  C C     . THR A 1 51  ? -14.947 -7.459  -7.990  1.00 72.10 ? 31  THR A C     1 
ATOM   218  O O     . THR A 1 51  ? -14.938 -7.475  -9.213  1.00 72.18 ? 31  THR A O     1 
ATOM   219  C CB    . THR A 1 51  ? -15.797 -5.132  -7.634  1.00 71.90 ? 31  THR A CB    1 
ATOM   220  O OG1   . THR A 1 51  ? -16.854 -4.352  -7.057  1.00 71.64 ? 31  THR A OG1   1 
ATOM   221  C CG2   . THR A 1 51  ? -15.784 -4.921  -9.148  1.00 71.75 ? 31  THR A CG2   1 
ATOM   222  N N     . TYR A 1 52  ? -14.064 -8.151  -7.259  1.00 72.42 ? 32  TYR A N     1 
ATOM   223  C CA    . TYR A 1 52  ? -12.940 -8.884  -7.899  1.00 72.73 ? 32  TYR A CA    1 
ATOM   224  C C     . TYR A 1 52  ? -12.736 -10.352 -7.498  1.00 73.04 ? 32  TYR A C     1 
ATOM   225  O O     . TYR A 1 52  ? -11.985 -11.062 -8.178  1.00 73.02 ? 32  TYR A O     1 
ATOM   226  C CB    . TYR A 1 52  ? -11.605 -8.155  -7.665  1.00 72.74 ? 32  TYR A CB    1 
ATOM   227  C CG    . TYR A 1 52  ? -11.449 -6.835  -8.390  1.00 72.75 ? 32  TYR A CG    1 
ATOM   228  C CD1   . TYR A 1 52  ? -10.655 -6.728  -9.533  1.00 72.59 ? 32  TYR A CD1   1 
ATOM   229  C CD2   . TYR A 1 52  ? -12.084 -5.688  -7.922  1.00 72.82 ? 32  TYR A CD2   1 
ATOM   230  C CE1   . TYR A 1 52  ? -10.512 -5.508  -10.190 1.00 72.51 ? 32  TYR A CE1   1 
ATOM   231  C CE2   . TYR A 1 52  ? -11.949 -4.476  -8.569  1.00 72.58 ? 32  TYR A CE2   1 
ATOM   232  C CZ    . TYR A 1 52  ? -11.163 -4.386  -9.695  1.00 72.52 ? 32  TYR A CZ    1 
ATOM   233  O OH    . TYR A 1 52  ? -11.045 -3.166  -10.318 1.00 72.92 ? 32  TYR A OH    1 
ATOM   234  N N     . LEU A 1 53  ? -13.363 -10.807 -6.411  1.00 73.42 ? 33  LEU A N     1 
ATOM   235  C CA    . LEU A 1 53  ? -13.092 -12.150 -5.874  1.00 73.72 ? 33  LEU A CA    1 
ATOM   236  C C     . LEU A 1 53  ? -14.332 -13.031 -5.842  1.00 74.14 ? 33  LEU A C     1 
ATOM   237  O O     . LEU A 1 53  ? -15.436 -12.555 -5.564  1.00 74.16 ? 33  LEU A O     1 
ATOM   238  C CB    . LEU A 1 53  ? -12.517 -12.061 -4.455  1.00 73.71 ? 33  LEU A CB    1 
ATOM   239  C CG    . LEU A 1 53  ? -11.197 -11.304 -4.291  1.00 73.46 ? 33  LEU A CG    1 
ATOM   240  C CD1   . LEU A 1 53  ? -10.944 -10.952 -2.835  1.00 73.06 ? 33  LEU A CD1   1 
ATOM   241  C CD2   . LEU A 1 53  ? -10.048 -12.118 -4.851  1.00 73.13 ? 33  LEU A CD2   1 
ATOM   242  N N     . GLU A 1 54  ? -14.131 -14.321 -6.114  1.00 74.68 ? 34  GLU A N     1 
ATOM   243  C CA    . GLU A 1 54  ? -15.197 -15.327 -6.037  1.00 75.07 ? 34  GLU A CA    1 
ATOM   244  C C     . GLU A 1 54  ? -15.224 -15.956 -4.644  1.00 75.09 ? 34  GLU A C     1 
ATOM   245  O O     . GLU A 1 54  ? -14.174 -16.311 -4.097  1.00 75.12 ? 34  GLU A O     1 
ATOM   246  C CB    . GLU A 1 54  ? -14.979 -16.437 -7.079  1.00 75.27 ? 34  GLU A CB    1 
ATOM   247  C CG    . GLU A 1 54  ? -14.909 -15.974 -8.548  1.00 76.09 ? 34  GLU A CG    1 
ATOM   248  C CD    . GLU A 1 54  ? -16.235 -15.429 -9.101  1.00 77.21 ? 34  GLU A CD    1 
ATOM   249  O OE1   . GLU A 1 54  ? -17.319 -15.762 -8.558  1.00 77.21 ? 34  GLU A OE1   1 
ATOM   250  O OE2   . GLU A 1 54  ? -16.185 -14.668 -10.098 1.00 77.97 ? 34  GLU A OE2   1 
ATOM   251  N N     . ASN A 1 55  ? -16.426 -16.091 -4.086  1.00 75.18 ? 35  ASN A N     1 
ATOM   252  C CA    . ASN A 1 55  ? -16.647 -16.777 -2.801  1.00 75.40 ? 35  ASN A CA    1 
ATOM   253  C C     . ASN A 1 55  ? -16.055 -16.025 -1.606  1.00 75.22 ? 35  ASN A C     1 
ATOM   254  O O     . ASN A 1 55  ? -15.290 -16.579 -0.810  1.00 75.11 ? 35  ASN A O     1 
ATOM   255  C CB    . ASN A 1 55  ? -16.144 -18.236 -2.851  1.00 75.56 ? 35  ASN A CB    1 
ATOM   256  C CG    . ASN A 1 55  ? -16.754 -19.028 -4.002  1.00 75.93 ? 35  ASN A CG    1 
ATOM   257  O OD1   . ASN A 1 55  ? -16.041 -19.670 -4.779  1.00 75.96 ? 35  ASN A OD1   1 
ATOM   258  N ND2   . ASN A 1 55  ? -18.082 -18.969 -4.124  1.00 76.10 ? 35  ASN A ND2   1 
ATOM   259  N N     . VAL A 1 56  ? -16.446 -14.762 -1.490  1.00 75.10 ? 36  VAL A N     1 
ATOM   260  C CA    . VAL A 1 56  ? -15.968 -13.885 -0.427  1.00 75.09 ? 36  VAL A CA    1 
ATOM   261  C C     . VAL A 1 56  ? -16.437 -14.344 0.958   1.00 75.07 ? 36  VAL A C     1 
ATOM   262  O O     . VAL A 1 56  ? -17.543 -14.853 1.115   1.00 74.90 ? 36  VAL A O     1 
ATOM   263  C CB    . VAL A 1 56  ? -16.426 -12.420 -0.680  1.00 75.06 ? 36  VAL A CB    1 
ATOM   264  C CG1   . VAL A 1 56  ? -16.191 -11.539 0.542   1.00 74.97 ? 36  VAL A CG1   1 
ATOM   265  C CG2   . VAL A 1 56  ? -15.709 -11.853 -1.892  1.00 75.13 ? 36  VAL A CG2   1 
ATOM   266  N N     . GLU A 1 57  ? -15.558 -14.185 1.944   1.00 75.17 ? 37  GLU A N     1 
ATOM   267  C CA    . GLU A 1 57  ? -15.912 -14.286 3.356   1.00 75.29 ? 37  GLU A CA    1 
ATOM   268  C C     . GLU A 1 57  ? -15.492 -12.997 4.046   1.00 74.80 ? 37  GLU A C     1 
ATOM   269  O O     . GLU A 1 57  ? -14.585 -12.318 3.583   1.00 74.69 ? 37  GLU A O     1 
ATOM   270  C CB    . GLU A 1 57  ? -15.197 -15.467 4.015   1.00 75.64 ? 37  GLU A CB    1 
ATOM   271  C CG    . GLU A 1 57  ? -15.919 -16.808 3.869   1.00 77.14 ? 37  GLU A CG    1 
ATOM   272  C CD    . GLU A 1 57  ? -15.759 -17.700 5.097   1.00 79.24 ? 37  GLU A CD    1 
ATOM   273  O OE1   . GLU A 1 57  ? -15.830 -17.172 6.236   1.00 80.25 ? 37  GLU A OE1   1 
ATOM   274  O OE2   . GLU A 1 57  ? -15.574 -18.930 4.921   1.00 80.43 ? 37  GLU A OE2   1 
ATOM   275  N N     . CYS A 1 58  ? -16.150 -12.661 5.148   1.00 74.35 ? 38  CYS A N     1 
ATOM   276  C CA    . CYS A 1 58  ? -15.733 -11.531 5.963   1.00 74.01 ? 38  CYS A CA    1 
ATOM   277  C C     . CYS A 1 58  ? -15.268 -12.033 7.323   1.00 73.65 ? 38  CYS A C     1 
ATOM   278  O O     . CYS A 1 58  ? -16.085 -12.251 8.217   1.00 73.71 ? 38  CYS A O     1 
ATOM   279  C CB    . CYS A 1 58  ? -16.878 -10.543 6.140   1.00 73.99 ? 38  CYS A CB    1 
ATOM   280  S SG    . CYS A 1 58  ? -16.427 -9.141  7.177   1.00 74.46 ? 38  CYS A SG    1 
ATOM   281  N N     . TYR A 1 59  ? -13.959 -12.209 7.478   1.00 73.18 ? 39  TYR A N     1 
ATOM   282  C CA    . TYR A 1 59  ? -13.398 -12.755 8.722   1.00 72.84 ? 39  TYR A CA    1 
ATOM   283  C C     . TYR A 1 59  ? -13.379 -11.762 9.892   1.00 72.55 ? 39  TYR A C     1 
ATOM   284  O O     . TYR A 1 59  ? -13.645 -12.149 11.037  1.00 72.68 ? 39  TYR A O     1 
ATOM   285  C CB    . TYR A 1 59  ? -11.997 -13.339 8.499   1.00 72.86 ? 39  TYR A CB    1 
ATOM   286  C CG    . TYR A 1 59  ? -10.964 -12.402 7.904   1.00 73.10 ? 39  TYR A CG    1 
ATOM   287  C CD1   . TYR A 1 59  ? -10.254 -11.508 8.706   1.00 73.10 ? 39  TYR A CD1   1 
ATOM   288  C CD2   . TYR A 1 59  ? -10.665 -12.442 6.540   1.00 73.43 ? 39  TYR A CD2   1 
ATOM   289  C CE1   . TYR A 1 59  ? -9.293  -10.664 8.163   1.00 73.09 ? 39  TYR A CE1   1 
ATOM   290  C CE2   . TYR A 1 59  ? -9.706  -11.600 5.987   1.00 73.36 ? 39  TYR A CE2   1 
ATOM   291  C CZ    . TYR A 1 59  ? -9.023  -10.715 6.800   1.00 73.33 ? 39  TYR A CZ    1 
ATOM   292  O OH    . TYR A 1 59  ? -8.077  -9.884  6.244   1.00 72.94 ? 39  TYR A OH    1 
ATOM   293  N N     . ASN A 1 60  ? -13.073 -10.496 9.607   1.00 72.03 ? 40  ASN A N     1 
ATOM   294  C CA    . ASN A 1 60  ? -12.985 -9.466  10.644  1.00 71.50 ? 40  ASN A CA    1 
ATOM   295  C C     . ASN A 1 60  ? -14.048 -8.389  10.472  1.00 71.29 ? 40  ASN A C     1 
ATOM   296  O O     . ASN A 1 60  ? -14.282 -7.914  9.359   1.00 71.20 ? 40  ASN A O     1 
ATOM   297  C CB    . ASN A 1 60  ? -11.593 -8.815  10.632  1.00 71.28 ? 40  ASN A CB    1 
ATOM   298  C CG    . ASN A 1 60  ? -11.452 -7.721  11.678  1.00 70.69 ? 40  ASN A CG    1 
ATOM   299  O OD1   . ASN A 1 60  ? -11.812 -7.908  12.837  1.00 69.78 ? 40  ASN A OD1   1 
ATOM   300  N ND2   . ASN A 1 60  ? -10.933 -6.571  11.270  1.00 70.02 ? 40  ASN A ND2   1 
ATOM   301  N N     . GLU A 1 61  ? -14.695 -8.023  11.579  1.00 71.05 ? 41  GLU A N     1 
ATOM   302  C CA    . GLU A 1 61  ? -15.504 -6.802  11.647  1.00 70.86 ? 41  GLU A CA    1 
ATOM   303  C C     . GLU A 1 61  ? -15.138 -5.937  12.862  1.00 70.53 ? 41  GLU A C     1 
ATOM   304  O O     . GLU A 1 61  ? -15.877 -5.006  13.195  1.00 70.48 ? 41  GLU A O     1 
ATOM   305  C CB    . GLU A 1 61  ? -17.001 -7.140  11.654  1.00 70.93 ? 41  GLU A CB    1 
ATOM   306  C CG    . GLU A 1 61  ? -17.458 -7.851  10.373  1.00 71.48 ? 41  GLU A CG    1 
ATOM   307  C CD    . GLU A 1 61  ? -18.969 -7.886  10.193  1.00 71.93 ? 41  GLU A CD    1 
ATOM   308  O OE1   . GLU A 1 61  ? -19.704 -7.929  11.206  1.00 72.20 ? 41  GLU A OE1   1 
ATOM   309  O OE2   . GLU A 1 61  ? -19.417 -7.880  9.025   1.00 72.20 ? 41  GLU A OE2   1 
ATOM   310  N N     . VAL A 1 62  ? -13.996 -6.228  13.500  1.00 70.14 ? 42  VAL A N     1 
ATOM   311  C CA    . VAL A 1 62  ? -13.537 -5.473  14.675  1.00 69.78 ? 42  VAL A CA    1 
ATOM   312  C C     . VAL A 1 62  ? -13.193 -4.044  14.261  1.00 69.57 ? 42  VAL A C     1 
ATOM   313  O O     . VAL A 1 62  ? -12.457 -3.835  13.296  1.00 69.40 ? 42  VAL A O     1 
ATOM   314  C CB    . VAL A 1 62  ? -12.295 -6.122  15.362  1.00 69.80 ? 42  VAL A CB    1 
ATOM   315  C CG1   . VAL A 1 62  ? -11.846 -5.297  16.575  1.00 69.25 ? 42  VAL A CG1   1 
ATOM   316  C CG2   . VAL A 1 62  ? -12.586 -7.559  15.775  1.00 69.49 ? 42  VAL A CG2   1 
ATOM   317  N N     . ARG A 1 63  ? -13.752 -3.075  14.985  1.00 69.33 ? 43  ARG A N     1 
ATOM   318  C CA    . ARG A 1 63  ? -13.586 -1.648  14.690  1.00 69.14 ? 43  ARG A CA    1 
ATOM   319  C C     . ARG A 1 63  ? -14.181 -1.188  13.351  1.00 68.78 ? 43  ARG A C     1 
ATOM   320  O O     . ARG A 1 63  ? -14.052 -0.023  12.987  1.00 69.00 ? 43  ARG A O     1 
ATOM   321  C CB    . ARG A 1 63  ? -12.103 -1.252  14.764  1.00 69.27 ? 43  ARG A CB    1 
ATOM   322  C CG    . ARG A 1 63  ? -11.681 -0.713  16.103  1.00 69.62 ? 43  ARG A CG    1 
ATOM   323  C CD    . ARG A 1 63  ? -10.177 -0.557  16.193  1.00 70.02 ? 43  ARG A CD    1 
ATOM   324  N NE    . ARG A 1 63  ? -9.753  -0.728  17.574  1.00 70.74 ? 43  ARG A NE    1 
ATOM   325  C CZ    . ARG A 1 63  ? -9.865  0.199   18.523  1.00 71.63 ? 43  ARG A CZ    1 
ATOM   326  N NH1   . ARG A 1 63  ? -10.373 1.408   18.257  1.00 71.18 ? 43  ARG A NH1   1 
ATOM   327  N NH2   . ARG A 1 63  ? -9.447  -0.087  19.754  1.00 72.15 ? 43  ARG A NH2   1 
ATOM   328  N N     . GLY A 1 64  ? -14.838 -2.080  12.621  1.00 68.33 ? 44  GLY A N     1 
ATOM   329  C CA    . GLY A 1 64  ? -15.301 -1.760  11.268  1.00 67.91 ? 44  GLY A CA    1 
ATOM   330  C C     . GLY A 1 64  ? -14.186 -1.729  10.236  1.00 67.33 ? 44  GLY A C     1 
ATOM   331  O O     . GLY A 1 64  ? -14.383 -1.224  9.133   1.00 67.30 ? 44  GLY A O     1 
ATOM   332  N N     . MET A 1 65  ? -13.023 -2.267  10.597  1.00 66.75 ? 45  MET A N     1 
ATOM   333  C CA    . MET A 1 65  ? -11.893 -2.391  9.683   1.00 66.45 ? 45  MET A CA    1 
ATOM   334  C C     . MET A 1 65  ? -11.977 -3.781  9.068   1.00 66.32 ? 45  MET A C     1 
ATOM   335  O O     . MET A 1 65  ? -11.314 -4.721  9.523   1.00 66.29 ? 45  MET A O     1 
ATOM   336  C CB    . MET A 1 65  ? -10.572 -2.194  10.439  1.00 66.44 ? 45  MET A CB    1 
ATOM   337  C CG    . MET A 1 65  ? -9.363  -1.907  9.563   1.00 66.08 ? 45  MET A CG    1 
ATOM   338  S SD    . MET A 1 65  ? -9.400  -0.316  8.704   1.00 66.35 ? 45  MET A SD    1 
ATOM   339  C CE    . MET A 1 65  ? -10.068 0.784   9.956   1.00 66.42 ? 45  MET A CE    1 
ATOM   340  N N     . TYR A 1 66  ? -12.801 -3.899  8.029   1.00 66.13 ? 46  TYR A N     1 
ATOM   341  C CA    . TYR A 1 66  ? -13.184 -5.200  7.481   1.00 65.96 ? 46  TYR A CA    1 
ATOM   342  C C     . TYR A 1 66  ? -12.059 -5.923  6.762   1.00 65.77 ? 46  TYR A C     1 
ATOM   343  O O     . TYR A 1 66  ? -11.317 -5.328  5.987   1.00 65.48 ? 46  TYR A O     1 
ATOM   344  C CB    . TYR A 1 66  ? -14.344 -5.062  6.493   1.00 66.03 ? 46  TYR A CB    1 
ATOM   345  C CG    . TYR A 1 66  ? -15.549 -4.360  7.044   1.00 66.36 ? 46  TYR A CG    1 
ATOM   346  C CD1   . TYR A 1 66  ? -16.127 -4.766  8.240   1.00 67.02 ? 46  TYR A CD1   1 
ATOM   347  C CD2   . TYR A 1 66  ? -16.115 -3.289  6.367   1.00 66.82 ? 46  TYR A CD2   1 
ATOM   348  C CE1   . TYR A 1 66  ? -17.234 -4.119  8.756   1.00 67.32 ? 46  TYR A CE1   1 
ATOM   349  C CE2   . TYR A 1 66  ? -17.223 -2.638  6.868   1.00 67.58 ? 46  TYR A CE2   1 
ATOM   350  C CZ    . TYR A 1 66  ? -17.780 -3.059  8.063   1.00 67.66 ? 46  TYR A CZ    1 
ATOM   351  O OH    . TYR A 1 66  ? -18.884 -2.415  8.560   1.00 68.29 ? 46  TYR A OH    1 
ATOM   352  N N     . GLY A 1 67  ? -11.965 -7.222  7.021   1.00 65.81 ? 47  GLY A N     1 
ATOM   353  C CA    . GLY A 1 67  ? -11.099 -8.120  6.270   1.00 65.77 ? 47  GLY A CA    1 
ATOM   354  C C     . GLY A 1 67  ? -11.952 -9.143  5.544   1.00 65.73 ? 47  GLY A C     1 
ATOM   355  O O     . GLY A 1 67  ? -12.986 -9.574  6.066   1.00 65.67 ? 47  GLY A O     1 
ATOM   356  N N     . PHE A 1 68  ? -11.528 -9.506  4.335   1.00 65.74 ? 48  PHE A N     1 
ATOM   357  C CA    . PHE A 1 68  ? -12.240 -10.472 3.504   1.00 65.90 ? 48  PHE A CA    1 
ATOM   358  C C     . PHE A 1 68  ? -11.265 -11.476 2.909   1.00 66.17 ? 48  PHE A C     1 
ATOM   359  O O     . PHE A 1 68  ? -10.153 -11.115 2.525   1.00 66.28 ? 48  PHE A O     1 
ATOM   360  C CB    . PHE A 1 68  ? -12.985 -9.777  2.356   1.00 65.88 ? 48  PHE A CB    1 
ATOM   361  C CG    . PHE A 1 68  ? -13.963 -8.728  2.806   1.00 66.04 ? 48  PHE A CG    1 
ATOM   362  C CD1   . PHE A 1 68  ? -13.620 -7.386  2.776   1.00 66.06 ? 48  PHE A CD1   1 
ATOM   363  C CD2   . PHE A 1 68  ? -15.225 -9.081  3.260   1.00 66.27 ? 48  PHE A CD2   1 
ATOM   364  C CE1   . PHE A 1 68  ? -14.513 -6.415  3.197   1.00 66.15 ? 48  PHE A CE1   1 
ATOM   365  C CE2   . PHE A 1 68  ? -16.123 -8.113  3.681   1.00 66.16 ? 48  PHE A CE2   1 
ATOM   366  C CZ    . PHE A 1 68  ? -15.768 -6.780  3.649   1.00 66.17 ? 48  PHE A CZ    1 
ATOM   367  N N     . THR A 1 69  ? -11.681 -12.736 2.834   1.00 66.42 ? 49  THR A N     1 
ATOM   368  C CA    . THR A 1 69  ? -10.905 -13.754 2.138   1.00 66.61 ? 49  THR A CA    1 
ATOM   369  C C     . THR A 1 69  ? -11.748 -14.341 1.021   1.00 66.73 ? 49  THR A C     1 
ATOM   370  O O     . THR A 1 69  ? -12.936 -14.613 1.202   1.00 66.74 ? 49  THR A O     1 
ATOM   371  C CB    . THR A 1 69  ? -10.430 -14.856 3.093   1.00 66.64 ? 49  THR A CB    1 
ATOM   372  O OG1   . THR A 1 69  ? -9.647  -14.256 4.131   1.00 67.10 ? 49  THR A OG1   1 
ATOM   373  C CG2   . THR A 1 69  ? -9.583  -15.907 2.360   1.00 66.40 ? 49  THR A CG2   1 
ATOM   374  N N     . GLY A 1 70  ? -11.123 -14.513 -0.139  1.00 66.89 ? 50  GLY A N     1 
ATOM   375  C CA    . GLY A 1 70  ? -11.791 -15.068 -1.305  1.00 67.10 ? 50  GLY A CA    1 
ATOM   376  C C     . GLY A 1 70  ? -10.788 -15.681 -2.253  1.00 67.29 ? 50  GLY A C     1 
ATOM   377  O O     . GLY A 1 70  ? -9.645  -15.949 -1.881  1.00 67.14 ? 50  GLY A O     1 
ATOM   378  N N     . THR A 1 71  ? -11.217 -15.903 -3.486  1.00 67.62 ? 51  THR A N     1 
ATOM   379  C CA    . THR A 1 71  ? -10.334 -16.460 -4.491  1.00 68.01 ? 51  THR A CA    1 
ATOM   380  C C     . THR A 1 71  ? -10.328 -15.588 -5.738  1.00 68.03 ? 51  THR A C     1 
ATOM   381  O O     . THR A 1 71  ? -11.321 -14.928 -6.046  1.00 67.92 ? 51  THR A O     1 
ATOM   382  C CB    . THR A 1 71  ? -10.754 -17.889 -4.863  1.00 68.15 ? 51  THR A CB    1 
ATOM   383  O OG1   . THR A 1 71  ? -12.186 -17.957 -4.907  1.00 68.94 ? 51  THR A OG1   1 
ATOM   384  C CG2   . THR A 1 71  ? -10.240 -18.883 -3.835  1.00 68.11 ? 51  THR A CG2   1 
ATOM   385  N N     . TYR A 1 72  ? -9.181  -15.568 -6.413  1.00 68.11 ? 52  TYR A N     1 
ATOM   386  C CA    . TYR A 1 72  ? -9.050  -14.981 -7.739  1.00 68.30 ? 52  TYR A CA    1 
ATOM   387  C C     . TYR A 1 72  ? -8.212  -15.949 -8.567  1.00 68.62 ? 52  TYR A C     1 
ATOM   388  O O     . TYR A 1 72  ? -7.050  -16.220 -8.225  1.00 68.54 ? 52  TYR A O     1 
ATOM   389  C CB    . TYR A 1 72  ? -8.393  -13.599 -7.674  1.00 68.28 ? 52  TYR A CB    1 
ATOM   390  C CG    . TYR A 1 72  ? -8.028  -12.994 -9.026  1.00 68.22 ? 52  TYR A CG    1 
ATOM   391  C CD1   . TYR A 1 72  ? -8.928  -12.177 -9.725  1.00 67.95 ? 52  TYR A CD1   1 
ATOM   392  C CD2   . TYR A 1 72  ? -6.772  -13.225 -9.596  1.00 68.04 ? 52  TYR A CD2   1 
ATOM   393  C CE1   . TYR A 1 72  ? -8.588  -11.616 -10.968 1.00 67.95 ? 52  TYR A CE1   1 
ATOM   394  C CE2   . TYR A 1 72  ? -6.421  -12.673 -10.831 1.00 68.32 ? 52  TYR A CE2   1 
ATOM   395  C CZ    . TYR A 1 72  ? -7.328  -11.868 -11.514 1.00 68.26 ? 52  TYR A CZ    1 
ATOM   396  O OH    . TYR A 1 72  ? -6.954  -11.328 -12.733 1.00 67.55 ? 52  TYR A OH    1 
ATOM   397  N N     . LYS A 1 73  ? -8.820  -16.465 -9.640  1.00 68.90 ? 53  LYS A N     1 
ATOM   398  C CA    . LYS A 1 73  ? -8.246  -17.525 -10.483 1.00 69.11 ? 53  LYS A CA    1 
ATOM   399  C C     . LYS A 1 73  ? -7.893  -18.775 -9.664  1.00 69.14 ? 53  LYS A C     1 
ATOM   400  O O     . LYS A 1 73  ? -6.809  -19.347 -9.804  1.00 69.16 ? 53  LYS A O     1 
ATOM   401  C CB    . LYS A 1 73  ? -7.046  -17.000 -11.290 1.00 69.27 ? 53  LYS A CB    1 
ATOM   402  C CG    . LYS A 1 73  ? -7.434  -15.895 -12.279 1.00 69.98 ? 53  LYS A CG    1 
ATOM   403  C CD    . LYS A 1 73  ? -6.284  -15.468 -13.190 1.00 70.78 ? 53  LYS A CD    1 
ATOM   404  C CE    . LYS A 1 73  ? -6.756  -14.432 -14.221 1.00 71.53 ? 53  LYS A CE    1 
ATOM   405  N NZ    . LYS A 1 73  ? -5.622  -13.612 -14.763 1.00 72.38 ? 53  LYS A NZ    1 
ATOM   406  N N     . GLY A 1 74  ? -8.823  -19.178 -8.798  1.00 69.25 ? 54  GLY A N     1 
ATOM   407  C CA    . GLY A 1 74  ? -8.678  -20.383 -7.972  1.00 69.28 ? 54  GLY A CA    1 
ATOM   408  C C     . GLY A 1 74  ? -7.879  -20.211 -6.686  1.00 69.25 ? 54  GLY A C     1 
ATOM   409  O O     . GLY A 1 74  ? -7.973  -21.049 -5.778  1.00 69.37 ? 54  GLY A O     1 
ATOM   410  N N     . LYS A 1 75  ? -7.114  -19.117 -6.605  1.00 68.99 ? 55  LYS A N     1 
ATOM   411  C CA    . LYS A 1 75  ? -6.122  -18.898 -5.552  1.00 68.51 ? 55  LYS A CA    1 
ATOM   412  C C     . LYS A 1 75  ? -6.686  -18.009 -4.453  1.00 67.52 ? 55  LYS A C     1 
ATOM   413  O O     . LYS A 1 75  ? -7.477  -17.111 -4.722  1.00 67.23 ? 55  LYS A O     1 
ATOM   414  C CB    . LYS A 1 75  ? -4.878  -18.246 -6.162  1.00 68.82 ? 55  LYS A CB    1 
ATOM   415  C CG    . LYS A 1 75  ? -3.660  -18.168 -5.240  1.00 70.17 ? 55  LYS A CG    1 
ATOM   416  C CD    . LYS A 1 75  ? -2.433  -17.617 -5.990  1.00 71.37 ? 55  LYS A CD    1 
ATOM   417  C CE    . LYS A 1 75  ? -1.384  -17.054 -5.034  1.00 72.06 ? 55  LYS A CE    1 
ATOM   418  N NZ    . LYS A 1 75  ? -0.052  -16.917 -5.705  1.00 72.81 ? 55  LYS A NZ    1 
ATOM   419  N N     . LYS A 1 76  ? -6.263  -18.267 -3.219  1.00 66.53 ? 56  LYS A N     1 
ATOM   420  C CA    . LYS A 1 76  ? -6.690  -17.467 -2.069  1.00 65.77 ? 56  LYS A CA    1 
ATOM   421  C C     . LYS A 1 76  ? -6.004  -16.087 -2.044  1.00 64.69 ? 56  LYS A C     1 
ATOM   422  O O     . LYS A 1 76  ? -4.785  -15.980 -2.212  1.00 64.76 ? 56  LYS A O     1 
ATOM   423  C CB    . LYS A 1 76  ? -6.412  -18.220 -0.757  1.00 65.88 ? 56  LYS A CB    1 
ATOM   424  C CG    . LYS A 1 76  ? -7.341  -19.403 -0.507  1.00 66.42 ? 56  LYS A CG    1 
ATOM   425  C CD    . LYS A 1 76  ? -8.567  -19.003 0.300   1.00 67.24 ? 56  LYS A CD    1 
ATOM   426  C CE    . LYS A 1 76  ? -9.500  -20.193 0.521   1.00 68.27 ? 56  LYS A CE    1 
ATOM   427  N NZ    . LYS A 1 76  ? -10.538 -19.937 1.580   1.00 68.92 ? 56  LYS A NZ    1 
ATOM   428  N N     . ILE A 1 77  ? -6.804  -15.043 -1.847  1.00 63.18 ? 57  ILE A N     1 
ATOM   429  C CA    . ILE A 1 77  ? -6.309  -13.681 -1.701  1.00 61.94 ? 57  ILE A CA    1 
ATOM   430  C C     . ILE A 1 77  ? -7.149  -12.994 -0.641  1.00 61.07 ? 57  ILE A C     1 
ATOM   431  O O     . ILE A 1 77  ? -8.357  -12.865 -0.815  1.00 61.25 ? 57  ILE A O     1 
ATOM   432  C CB    . ILE A 1 77  ? -6.458  -12.877 -3.009  1.00 61.76 ? 57  ILE A CB    1 
ATOM   433  C CG1   . ILE A 1 77  ? -5.624  -13.494 -4.129  1.00 61.54 ? 57  ILE A CG1   1 
ATOM   434  C CG2   . ILE A 1 77  ? -6.073  -11.423 -2.795  1.00 61.30 ? 57  ILE A CG2   1 
ATOM   435  C CD1   . ILE A 1 77  ? -4.154  -13.560 -3.844  1.00 61.74 ? 57  ILE A CD1   1 
ATOM   436  N N     . SER A 1 78  ? -6.531  -12.558 0.453   1.00 59.79 ? 58  SER A N     1 
ATOM   437  C CA    . SER A 1 78  ? -7.260  -11.800 1.461   1.00 58.86 ? 58  SER A CA    1 
ATOM   438  C C     . SER A 1 78  ? -7.106  -10.299 1.228   1.00 57.86 ? 58  SER A C     1 
ATOM   439  O O     . SER A 1 78  ? -6.160  -9.861  0.580   1.00 57.76 ? 58  SER A O     1 
ATOM   440  C CB    . SER A 1 78  ? -6.802  -12.189 2.860   1.00 58.93 ? 58  SER A CB    1 
ATOM   441  O OG    . SER A 1 78  ? -7.204  -13.515 3.156   1.00 59.33 ? 58  SER A OG    1 
ATOM   442  N N     . VAL A 1 79  ? -8.054  -9.523  1.745   1.00 56.62 ? 59  VAL A N     1 
ATOM   443  C CA    . VAL A 1 79  ? -8.049  -8.074  1.591   1.00 55.87 ? 59  VAL A CA    1 
ATOM   444  C C     . VAL A 1 79  ? -8.422  -7.394  2.908   1.00 55.13 ? 59  VAL A C     1 
ATOM   445  O O     . VAL A 1 79  ? -9.564  -7.480  3.342   1.00 55.03 ? 59  VAL A O     1 
ATOM   446  C CB    . VAL A 1 79  ? -9.036  -7.644  0.497   1.00 55.92 ? 59  VAL A CB    1 
ATOM   447  C CG1   . VAL A 1 79  ? -9.296  -6.138  0.552   1.00 56.17 ? 59  VAL A CG1   1 
ATOM   448  C CG2   . VAL A 1 79  ? -8.506  -8.048  -0.869  1.00 56.25 ? 59  VAL A CG2   1 
ATOM   449  N N     . GLN A 1 80  ? -7.457  -6.708  3.522   1.00 54.31 ? 60  GLN A N     1 
ATOM   450  C CA    . GLN A 1 80  ? -7.623  -6.114  4.857   1.00 53.59 ? 60  GLN A CA    1 
ATOM   451  C C     . GLN A 1 80  ? -7.429  -4.605  4.818   1.00 52.93 ? 60  GLN A C     1 
ATOM   452  O O     . GLN A 1 80  ? -6.456  -4.124  4.242   1.00 52.96 ? 60  GLN A O     1 
ATOM   453  C CB    . GLN A 1 80  ? -6.615  -6.741  5.835   1.00 53.57 ? 60  GLN A CB    1 
ATOM   454  C CG    . GLN A 1 80  ? -6.609  -6.162  7.259   1.00 53.25 ? 60  GLN A CG    1 
ATOM   455  C CD    . GLN A 1 80  ? -7.889  -6.430  8.031   1.00 53.60 ? 60  GLN A CD    1 
ATOM   456  O OE1   . GLN A 1 80  ? -8.347  -7.567  8.123   1.00 53.85 ? 60  GLN A OE1   1 
ATOM   457  N NE2   . GLN A 1 80  ? -8.462  -5.382  8.607   1.00 54.34 ? 60  GLN A NE2   1 
ATOM   458  N N     . GLY A 1 81  ? -8.351  -3.873  5.444   1.00 52.16 ? 61  GLY A N     1 
ATOM   459  C CA    . GLY A 1 81  ? -8.240  -2.421  5.587   1.00 51.60 ? 61  GLY A CA    1 
ATOM   460  C C     . GLY A 1 81  ? -7.233  -2.122  6.675   1.00 51.12 ? 61  GLY A C     1 
ATOM   461  O O     . GLY A 1 81  ? -7.141  -2.875  7.644   1.00 51.32 ? 61  GLY A O     1 
ATOM   462  N N     . THR A 1 82  ? -6.470  -1.039  6.531   1.00 50.38 ? 62  THR A N     1 
ATOM   463  C CA    . THR A 1 82  ? -5.398  -0.727  7.488   1.00 49.66 ? 62  THR A CA    1 
ATOM   464  C C     . THR A 1 82  ? -5.644  0.515   8.329   1.00 49.25 ? 62  THR A C     1 
ATOM   465  O O     . THR A 1 82  ? -5.124  0.622   9.435   1.00 49.26 ? 62  THR A O     1 
ATOM   466  C CB    . THR A 1 82  ? -4.069  -0.540  6.777   1.00 49.55 ? 62  THR A CB    1 
ATOM   467  O OG1   . THR A 1 82  ? -4.134  0.614   5.931   1.00 49.27 ? 62  THR A OG1   1 
ATOM   468  C CG2   . THR A 1 82  ? -3.759  -1.767  5.948   1.00 49.73 ? 62  THR A CG2   1 
ATOM   469  N N     . GLY A 1 83  ? -6.430  1.450   7.811   1.00 48.78 ? 63  GLY A N     1 
ATOM   470  C CA    . GLY A 1 83  ? -6.581  2.751   8.445   1.00 48.45 ? 63  GLY A CA    1 
ATOM   471  C C     . GLY A 1 83  ? -5.493  3.702   7.981   1.00 48.06 ? 63  GLY A C     1 
ATOM   472  O O     . GLY A 1 83  ? -4.649  3.345   7.148   1.00 48.03 ? 63  GLY A O     1 
ATOM   473  N N     . MET A 1 84  ? -5.510  4.916   8.522   1.00 47.50 ? 64  MET A N     1 
ATOM   474  C CA    . MET A 1 84  ? -4.621  5.975   8.060   1.00 47.07 ? 64  MET A CA    1 
ATOM   475  C C     . MET A 1 84  ? -3.469  6.210   9.026   1.00 46.30 ? 64  MET A C     1 
ATOM   476  O O     . MET A 1 84  ? -3.664  6.292   10.230  1.00 46.42 ? 64  MET A O     1 
ATOM   477  C CB    . MET A 1 84  ? -5.398  7.272   7.886   1.00 47.30 ? 64  MET A CB    1 
ATOM   478  C CG    . MET A 1 84  ? -6.432  7.249   6.778   1.00 47.88 ? 64  MET A CG    1 
ATOM   479  S SD    . MET A 1 84  ? -7.430  8.765   6.798   1.00 50.35 ? 64  MET A SD    1 
ATOM   480  C CE    . MET A 1 84  ? -8.305  8.666   8.362   1.00 49.88 ? 64  MET A CE    1 
ATOM   481  N N     . GLY A 1 85  ? -2.266  6.330   8.484   1.00 45.39 ? 65  GLY A N     1 
ATOM   482  C CA    . GLY A 1 85  ? -1.102  6.634   9.287   1.00 44.79 ? 65  GLY A CA    1 
ATOM   483  C C     . GLY A 1 85  ? -0.307  5.418   9.690   1.00 44.12 ? 65  GLY A C     1 
ATOM   484  O O     . GLY A 1 85  ? -0.822  4.302   9.754   1.00 43.76 ? 65  GLY A O     1 
ATOM   485  N N     . VAL A 1 86  ? 0.960   5.664   9.990   1.00 43.56 ? 66  VAL A N     1 
ATOM   486  C CA    . VAL A 1 86  ? 1.903   4.610   10.318  1.00 43.27 ? 66  VAL A CA    1 
ATOM   487  C C     . VAL A 1 86  ? 1.447   3.735   11.495  1.00 43.09 ? 66  VAL A C     1 
ATOM   488  O O     . VAL A 1 86  ? 1.483   2.514   11.397  1.00 42.93 ? 66  VAL A O     1 
ATOM   489  C CB    . VAL A 1 86  ? 3.289   5.214   10.606  1.00 43.27 ? 66  VAL A CB    1 
ATOM   490  C CG1   . VAL A 1 86  ? 4.283   4.128   10.967  1.00 42.76 ? 66  VAL A CG1   1 
ATOM   491  C CG2   . VAL A 1 86  ? 3.759   6.036   9.396   1.00 43.22 ? 66  VAL A CG2   1 
ATOM   492  N N     . PRO A 1 87  ? 0.991   4.353   12.602  1.00 42.93 ? 67  PRO A N     1 
ATOM   493  C CA    . PRO A 1 87  ? 0.586   3.559   13.757  1.00 43.02 ? 67  PRO A CA    1 
ATOM   494  C C     . PRO A 1 87  ? -0.528  2.554   13.465  1.00 43.27 ? 67  PRO A C     1 
ATOM   495  O O     . PRO A 1 87  ? -0.478  1.418   13.951  1.00 43.53 ? 67  PRO A O     1 
ATOM   496  C CB    . PRO A 1 87  ? 0.081   4.621   14.732  1.00 42.96 ? 67  PRO A CB    1 
ATOM   497  C CG    . PRO A 1 87  ? 0.763   5.854   14.331  1.00 42.60 ? 67  PRO A CG    1 
ATOM   498  C CD    . PRO A 1 87  ? 0.769   5.785   12.854  1.00 42.79 ? 67  PRO A CD    1 
ATOM   499  N N     . SER A 1 88  ? -1.523  2.980   12.685  1.00 43.30 ? 68  SER A N     1 
ATOM   500  C CA    . SER A 1 88  ? -2.656  2.135   12.329  1.00 43.25 ? 68  SER A CA    1 
ATOM   501  C C     . SER A 1 88  ? -2.223  0.927   11.514  1.00 43.19 ? 68  SER A C     1 
ATOM   502  O O     . SER A 1 88  ? -2.490  -0.200  11.883  1.00 43.18 ? 68  SER A O     1 
ATOM   503  C CB    . SER A 1 88  ? -3.677  2.936   11.526  1.00 43.29 ? 68  SER A CB    1 
ATOM   504  O OG    . SER A 1 88  ? -4.826  2.155   11.250  1.00 43.75 ? 68  SER A OG    1 
ATOM   505  N N     . ILE A 1 89  ? -1.551  1.162   10.398  1.00 43.31 ? 69  ILE A N     1 
ATOM   506  C CA    . ILE A 1 89  ? -1.138  0.057   9.539   1.00 43.37 ? 69  ILE A CA    1 
ATOM   507  C C     . ILE A 1 89  ? -0.150  -0.853  10.263  1.00 43.40 ? 69  ILE A C     1 
ATOM   508  O O     . ILE A 1 89  ? -0.119  -2.061  10.026  1.00 43.33 ? 69  ILE A O     1 
ATOM   509  C CB    . ILE A 1 89  ? -0.534  0.553   8.199   1.00 43.37 ? 69  ILE A CB    1 
ATOM   510  C CG1   . ILE A 1 89  ? -0.194  -0.638  7.297   1.00 43.58 ? 69  ILE A CG1   1 
ATOM   511  C CG2   . ILE A 1 89  ? 0.702   1.397   8.443   1.00 43.43 ? 69  ILE A CG2   1 
ATOM   512  C CD1   . ILE A 1 89  ? -0.080  -0.286  5.842   1.00 44.06 ? 69  ILE A CD1   1 
ATOM   513  N N     . SER A 1 90  ? 0.647   -0.275  11.156  1.00 43.57 ? 70  SER A N     1 
ATOM   514  C CA    . SER A 1 90  ? 1.619   -1.052  11.912  1.00 43.65 ? 70  SER A CA    1 
ATOM   515  C C     . SER A 1 90  ? 0.937   -2.075  12.793  1.00 43.56 ? 70  SER A C     1 
ATOM   516  O O     . SER A 1 90  ? 1.469   -3.156  12.997  1.00 43.28 ? 70  SER A O     1 
ATOM   517  C CB    . SER A 1 90  ? 2.503   -0.143  12.762  1.00 43.78 ? 70  SER A CB    1 
ATOM   518  O OG    . SER A 1 90  ? 3.430   0.547   11.950  1.00 44.18 ? 70  SER A OG    1 
ATOM   519  N N     . ILE A 1 91  ? -0.242  -1.731  13.309  1.00 43.74 ? 71  ILE A N     1 
ATOM   520  C CA    . ILE A 1 91  ? -0.991  -2.661  14.145  1.00 44.22 ? 71  ILE A CA    1 
ATOM   521  C C     . ILE A 1 91  ? -1.415  -3.880  13.350  1.00 44.87 ? 71  ILE A C     1 
ATOM   522  O O     . ILE A 1 91  ? -1.165  -5.016  13.760  1.00 45.22 ? 71  ILE A O     1 
ATOM   523  C CB    . ILE A 1 91  ? -2.234  -2.023  14.760  1.00 44.06 ? 71  ILE A CB    1 
ATOM   524  C CG1   . ILE A 1 91  ? -1.834  -1.067  15.881  1.00 44.04 ? 71  ILE A CG1   1 
ATOM   525  C CG2   . ILE A 1 91  ? -3.151  -3.096  15.316  1.00 43.82 ? 71  ILE A CG2   1 
ATOM   526  C CD1   . ILE A 1 91  ? -2.970  -0.201  16.361  1.00 43.82 ? 71  ILE A CD1   1 
ATOM   527  N N     . TYR A 1 92  ? -2.044  -3.639  12.207  1.00 45.58 ? 72  TYR A N     1 
ATOM   528  C CA    . TYR A 1 92  ? -2.566  -4.720  11.385  1.00 46.18 ? 72  TYR A CA    1 
ATOM   529  C C     . TYR A 1 92  ? -1.446  -5.538  10.747  1.00 46.50 ? 72  TYR A C     1 
ATOM   530  O O     . TYR A 1 92  ? -1.513  -6.771  10.712  1.00 46.63 ? 72  TYR A O     1 
ATOM   531  C CB    . TYR A 1 92  ? -3.539  -4.174  10.335  1.00 46.29 ? 72  TYR A CB    1 
ATOM   532  C CG    . TYR A 1 92  ? -4.768  -3.539  10.969  1.00 47.08 ? 72  TYR A CG    1 
ATOM   533  C CD1   . TYR A 1 92  ? -4.901  -2.159  11.043  1.00 47.61 ? 72  TYR A CD1   1 
ATOM   534  C CD2   . TYR A 1 92  ? -5.779  -4.325  11.525  1.00 47.70 ? 72  TYR A CD2   1 
ATOM   535  C CE1   . TYR A 1 92  ? -6.013  -1.574  11.635  1.00 48.52 ? 72  TYR A CE1   1 
ATOM   536  C CE2   . TYR A 1 92  ? -6.896  -3.748  12.125  1.00 48.11 ? 72  TYR A CE2   1 
ATOM   537  C CZ    . TYR A 1 92  ? -7.007  -2.369  12.178  1.00 48.59 ? 72  TYR A CZ    1 
ATOM   538  O OH    . TYR A 1 92  ? -8.110  -1.771  12.758  1.00 48.67 ? 72  TYR A OH    1 
ATOM   539  N N     . VAL A 1 93  ? -0.398  -4.870  10.281  1.00 46.88 ? 73  VAL A N     1 
ATOM   540  C CA    . VAL A 1 93  ? 0.693   -5.578  9.612   1.00 47.22 ? 73  VAL A CA    1 
ATOM   541  C C     . VAL A 1 93  ? 1.452   -6.490  10.582  1.00 47.71 ? 73  VAL A C     1 
ATOM   542  O O     . VAL A 1 93  ? 2.003   -7.518  10.169  1.00 47.57 ? 73  VAL A O     1 
ATOM   543  C CB    . VAL A 1 93  ? 1.660   -4.605  8.911   1.00 47.18 ? 73  VAL A CB    1 
ATOM   544  C CG1   . VAL A 1 93  ? 2.922   -5.327  8.483   1.00 47.21 ? 73  VAL A CG1   1 
ATOM   545  C CG2   . VAL A 1 93  ? 0.976   -3.959  7.711   1.00 46.48 ? 73  VAL A CG2   1 
ATOM   546  N N     . ASN A 1 94  ? 1.459   -6.122  11.865  1.00 48.22 ? 74  ASN A N     1 
ATOM   547  C CA    . ASN A 1 94  ? 2.078   -6.954  12.894  1.00 48.63 ? 74  ASN A CA    1 
ATOM   548  C C     . ASN A 1 94  ? 1.277   -8.199  13.155  1.00 49.00 ? 74  ASN A C     1 
ATOM   549  O O     . ASN A 1 94  ? 1.815   -9.299  13.158  1.00 48.92 ? 74  ASN A O     1 
ATOM   550  C CB    . ASN A 1 94  ? 2.226   -6.191  14.202  1.00 48.66 ? 74  ASN A CB    1 
ATOM   551  C CG    . ASN A 1 94  ? 3.484   -5.361  14.247  1.00 49.36 ? 74  ASN A CG    1 
ATOM   552  O OD1   . ASN A 1 94  ? 4.581   -5.857  13.974  1.00 50.86 ? 74  ASN A OD1   1 
ATOM   553  N ND2   . ASN A 1 94  ? 3.338   -4.087  14.605  1.00 49.97 ? 74  ASN A ND2   1 
ATOM   554  N N     . GLU A 1 95  ? -0.015  -8.021  13.382  1.00 49.72 ? 75  GLU A N     1 
ATOM   555  C CA    . GLU A 1 95  ? -0.872  -9.145  13.741  1.00 50.47 ? 75  GLU A CA    1 
ATOM   556  C C     . GLU A 1 95  ? -1.034  -10.095 12.547  1.00 50.82 ? 75  GLU A C     1 
ATOM   557  O O     . GLU A 1 95  ? -0.972  -11.318 12.700  1.00 50.54 ? 75  GLU A O     1 
ATOM   558  C CB    . GLU A 1 95  ? -2.212  -8.639  14.299  1.00 50.59 ? 75  GLU A CB    1 
ATOM   559  C CG    . GLU A 1 95  ? -2.033  -7.888  15.640  1.00 51.56 ? 75  GLU A CG    1 
ATOM   560  C CD    . GLU A 1 95  ? -3.295  -7.185  16.133  1.00 53.04 ? 75  GLU A CD    1 
ATOM   561  O OE1   . GLU A 1 95  ? -4.410  -7.672  15.826  1.00 54.66 ? 75  GLU A OE1   1 
ATOM   562  O OE2   . GLU A 1 95  ? -3.169  -6.150  16.836  1.00 52.60 ? 75  GLU A OE2   1 
ATOM   563  N N     . LEU A 1 96  ? -1.185  -9.526  11.354  1.00 51.34 ? 76  LEU A N     1 
ATOM   564  C CA    . LEU A 1 96  ? -1.270  -10.329 10.146  1.00 51.65 ? 76  LEU A CA    1 
ATOM   565  C C     . LEU A 1 96  ? -0.052  -11.235 10.013  1.00 52.14 ? 76  LEU A C     1 
ATOM   566  O O     . LEU A 1 96  ? -0.186  -12.386 9.620   1.00 52.29 ? 76  LEU A O     1 
ATOM   567  C CB    . LEU A 1 96  ? -1.413  -9.440  8.901   1.00 51.64 ? 76  LEU A CB    1 
ATOM   568  C CG    . LEU A 1 96  ? -2.769  -8.767  8.612   1.00 51.42 ? 76  LEU A CG    1 
ATOM   569  C CD1   . LEU A 1 96  ? -2.650  -7.806  7.414   1.00 50.70 ? 76  LEU A CD1   1 
ATOM   570  C CD2   . LEU A 1 96  ? -3.880  -9.778  8.363   1.00 50.51 ? 76  LEU A CD2   1 
ATOM   571  N N     . ILE A 1 97  ? 1.128   -10.723 10.356  1.00 52.79 ? 77  ILE A N     1 
ATOM   572  C CA    . ILE A 1 97  ? 2.371   -11.494 10.231  1.00 53.29 ? 77  ILE A CA    1 
ATOM   573  C C     . ILE A 1 97  ? 2.572   -12.504 11.359  1.00 53.82 ? 77  ILE A C     1 
ATOM   574  O O     . ILE A 1 97  ? 2.748   -13.691 11.111  1.00 53.86 ? 77  ILE A O     1 
ATOM   575  C CB    . ILE A 1 97  ? 3.599   -10.578 10.226  1.00 53.24 ? 77  ILE A CB    1 
ATOM   576  C CG1   . ILE A 1 97  ? 3.698   -9.819  8.912   1.00 53.07 ? 77  ILE A CG1   1 
ATOM   577  C CG2   . ILE A 1 97  ? 4.864   -11.392 10.417  1.00 53.64 ? 77  ILE A CG2   1 
ATOM   578  C CD1   . ILE A 1 97  ? 4.783   -8.786  8.918   1.00 52.39 ? 77  ILE A CD1   1 
ATOM   579  N N     . GLN A 1 98  ? 2.572   -12.015 12.594  1.00 54.54 ? 78  GLN A N     1 
ATOM   580  C CA    . GLN A 1 98  ? 2.863   -12.843 13.769  1.00 55.19 ? 78  GLN A CA    1 
ATOM   581  C C     . GLN A 1 98  ? 1.768   -13.878 14.030  1.00 55.28 ? 78  GLN A C     1 
ATOM   582  O O     . GLN A 1 98  ? 2.053   -15.055 14.225  1.00 55.20 ? 78  GLN A O     1 
ATOM   583  C CB    . GLN A 1 98  ? 3.006   -11.963 15.019  1.00 55.56 ? 78  GLN A CB    1 
ATOM   584  C CG    . GLN A 1 98  ? 4.142   -10.920 14.977  1.00 56.95 ? 78  GLN A CG    1 
ATOM   585  C CD    . GLN A 1 98  ? 5.501   -11.489 15.394  1.00 58.93 ? 78  GLN A CD    1 
ATOM   586  O OE1   . GLN A 1 98  ? 6.081   -12.345 14.707  1.00 60.35 ? 78  GLN A OE1   1 
ATOM   587  N NE2   . GLN A 1 98  ? 6.020   -11.003 16.521  1.00 59.40 ? 78  GLN A NE2   1 
ATOM   588  N N     . SER A 1 99  ? 0.519   -13.427 14.024  1.00 55.55 ? 79  SER A N     1 
ATOM   589  C CA    . SER A 1 99  ? -0.610  -14.263 14.431  1.00 55.87 ? 79  SER A CA    1 
ATOM   590  C C     . SER A 1 99  ? -1.186  -15.150 13.315  1.00 56.06 ? 79  SER A C     1 
ATOM   591  O O     . SER A 1 99  ? -1.755  -16.204 13.603  1.00 56.22 ? 79  SER A O     1 
ATOM   592  C CB    . SER A 1 99  ? -1.724  -13.390 15.021  1.00 55.85 ? 79  SER A CB    1 
ATOM   593  O OG    . SER A 1 99  ? -1.201  -12.494 15.988  1.00 56.36 ? 79  SER A OG    1 
ATOM   594  N N     . TYR A 1 100 ? -1.047  -14.730 12.055  1.00 56.24 ? 80  TYR A N     1 
ATOM   595  C CA    . TYR A 1 100 ? -1.618  -15.471 10.914  1.00 56.18 ? 80  TYR A CA    1 
ATOM   596  C C     . TYR A 1 100 ? -0.588  -15.786 9.819   1.00 56.20 ? 80  TYR A C     1 
ATOM   597  O O     . TYR A 1 100 ? -0.958  -16.057 8.682   1.00 56.03 ? 80  TYR A O     1 
ATOM   598  C CB    . TYR A 1 100 ? -2.796  -14.694 10.316  1.00 56.18 ? 80  TYR A CB    1 
ATOM   599  C CG    . TYR A 1 100 ? -3.888  -14.345 11.312  1.00 56.58 ? 80  TYR A CG    1 
ATOM   600  C CD1   . TYR A 1 100 ? -3.779  -13.228 12.118  1.00 57.11 ? 80  TYR A CD1   1 
ATOM   601  C CD2   . TYR A 1 100 ? -5.034  -15.124 11.436  1.00 57.07 ? 80  TYR A CD2   1 
ATOM   602  C CE1   . TYR A 1 100 ? -4.767  -12.895 13.026  1.00 57.22 ? 80  TYR A CE1   1 
ATOM   603  C CE2   . TYR A 1 100 ? -6.036  -14.793 12.348  1.00 56.93 ? 80  TYR A CE2   1 
ATOM   604  C CZ    . TYR A 1 100 ? -5.892  -13.675 13.139  1.00 56.76 ? 80  TYR A CZ    1 
ATOM   605  O OH    . TYR A 1 100 ? -6.864  -13.325 14.047  1.00 56.55 ? 80  TYR A OH    1 
ATOM   606  N N     . ASP A 1 101 ? 0.695   -15.755 10.178  1.00 56.41 ? 81  ASP A N     1 
ATOM   607  C CA    . ASP A 1 101 ? 1.810   -16.113 9.285   1.00 56.67 ? 81  ASP A CA    1 
ATOM   608  C C     . ASP A 1 101 ? 1.679   -15.670 7.805   1.00 56.11 ? 81  ASP A C     1 
ATOM   609  O O     . ASP A 1 101 ? 1.994   -16.439 6.896   1.00 55.94 ? 81  ASP A O     1 
ATOM   610  C CB    . ASP A 1 101 ? 2.087   -17.627 9.389   1.00 57.06 ? 81  ASP A CB    1 
ATOM   611  C CG    . ASP A 1 101 ? 3.571   -17.998 9.110   1.00 59.15 ? 81  ASP A CG    1 
ATOM   612  O OD1   . ASP A 1 101 ? 4.482   -17.141 9.280   1.00 61.60 ? 81  ASP A OD1   1 
ATOM   613  O OD2   . ASP A 1 101 ? 3.831   -19.168 8.734   1.00 60.94 ? 81  ASP A OD2   1 
ATOM   614  N N     . VAL A 1 102 ? 1.250   -14.426 7.577   1.00 55.67 ? 82  VAL A N     1 
ATOM   615  C CA    . VAL A 1 102 ? 1.088   -13.892 6.215   1.00 55.39 ? 82  VAL A CA    1 
ATOM   616  C C     . VAL A 1 102 ? 2.421   -13.724 5.482   1.00 55.50 ? 82  VAL A C     1 
ATOM   617  O O     . VAL A 1 102 ? 3.348   -13.121 6.004   1.00 55.78 ? 82  VAL A O     1 
ATOM   618  C CB    . VAL A 1 102 ? 0.360   -12.541 6.222   1.00 55.18 ? 82  VAL A CB    1 
ATOM   619  C CG1   . VAL A 1 102 ? 0.710   -11.746 4.984   1.00 55.04 ? 82  VAL A CG1   1 
ATOM   620  C CG2   . VAL A 1 102 ? -1.136  -12.756 6.299   1.00 55.02 ? 82  VAL A CG2   1 
ATOM   621  N N     . GLN A 1 103 ? 2.507   -14.237 4.261   1.00 55.53 ? 83  GLN A N     1 
ATOM   622  C CA    . GLN A 1 103 ? 3.774   -14.243 3.533   1.00 55.68 ? 83  GLN A CA    1 
ATOM   623  C C     . GLN A 1 103 ? 3.955   -13.037 2.619   1.00 55.37 ? 83  GLN A C     1 
ATOM   624  O O     . GLN A 1 103 ? 5.070   -12.549 2.472   1.00 55.43 ? 83  GLN A O     1 
ATOM   625  C CB    . GLN A 1 103 ? 3.921   -15.544 2.731   1.00 55.98 ? 83  GLN A CB    1 
ATOM   626  C CG    . GLN A 1 103 ? 3.957   -16.820 3.601   1.00 57.11 ? 83  GLN A CG    1 
ATOM   627  C CD    . GLN A 1 103 ? 5.085   -16.794 4.625   1.00 59.01 ? 83  GLN A CD    1 
ATOM   628  O OE1   . GLN A 1 103 ? 6.199   -16.364 4.320   1.00 60.01 ? 83  GLN A OE1   1 
ATOM   629  N NE2   . GLN A 1 103 ? 4.797   -17.234 5.852   1.00 59.71 ? 83  GLN A NE2   1 
ATOM   630  N N     . ASN A 1 104 ? 2.867   -12.558 2.015   1.00 55.06 ? 84  ASN A N     1 
ATOM   631  C CA    . ASN A 1 104 ? 2.929   -11.471 1.026   1.00 54.90 ? 84  ASN A CA    1 
ATOM   632  C C     . ASN A 1 104 ? 1.954   -10.344 1.348   1.00 54.50 ? 84  ASN A C     1 
ATOM   633  O O     . ASN A 1 104 ? 0.757   -10.569 1.454   1.00 54.84 ? 84  ASN A O     1 
ATOM   634  C CB    . ASN A 1 104 ? 2.608   -12.008 -0.367  1.00 54.92 ? 84  ASN A CB    1 
ATOM   635  C CG    . ASN A 1 104 ? 3.476   -13.180 -0.748  1.00 55.70 ? 84  ASN A CG    1 
ATOM   636  O OD1   . ASN A 1 104 ? 4.694   -13.150 -0.569  1.00 56.67 ? 84  ASN A OD1   1 
ATOM   637  N ND2   . ASN A 1 104 ? 2.854   -14.227 -1.275  1.00 56.81 ? 84  ASN A ND2   1 
ATOM   638  N N     . LEU A 1 105 ? 2.458   -9.125  1.477   1.00 53.90 ? 85  LEU A N     1 
ATOM   639  C CA    . LEU A 1 105 ? 1.614   -8.009  1.874   1.00 53.39 ? 85  LEU A CA    1 
ATOM   640  C C     . LEU A 1 105 ? 1.738   -6.921  0.833   1.00 52.96 ? 85  LEU A C     1 
ATOM   641  O O     . LEU A 1 105 ? 2.834   -6.451  0.554   1.00 52.96 ? 85  LEU A O     1 
ATOM   642  C CB    . LEU A 1 105 ? 2.034   -7.504  3.259   1.00 53.47 ? 85  LEU A CB    1 
ATOM   643  C CG    . LEU A 1 105 ? 2.279   -8.614  4.294   1.00 53.24 ? 85  LEU A CG    1 
ATOM   644  C CD1   . LEU A 1 105 ? 3.733   -9.048  4.298   1.00 53.23 ? 85  LEU A CD1   1 
ATOM   645  C CD2   . LEU A 1 105 ? 1.881   -8.176  5.673   1.00 52.88 ? 85  LEU A CD2   1 
ATOM   646  N N     . ILE A 1 106 ? 0.623   -6.534  0.235   1.00 52.50 ? 86  ILE A N     1 
ATOM   647  C CA    . ILE A 1 106 ? 0.679   -5.561  -0.841  1.00 52.46 ? 86  ILE A CA    1 
ATOM   648  C C     . ILE A 1 106 ? -0.286  -4.440  -0.568  1.00 52.58 ? 86  ILE A C     1 
ATOM   649  O O     . ILE A 1 106 ? -1.497  -4.638  -0.601  1.00 53.13 ? 86  ILE A O     1 
ATOM   650  C CB    . ILE A 1 106 ? 0.359   -6.190  -2.199  1.00 52.37 ? 86  ILE A CB    1 
ATOM   651  C CG1   . ILE A 1 106 ? 1.271   -7.391  -2.443  1.00 52.56 ? 86  ILE A CG1   1 
ATOM   652  C CG2   . ILE A 1 106 ? 0.524   -5.161  -3.304  1.00 52.10 ? 86  ILE A CG2   1 
ATOM   653  C CD1   . ILE A 1 106 ? 1.256   -7.895  -3.852  1.00 52.85 ? 86  ILE A CD1   1 
ATOM   654  N N     . ARG A 1 107 ? 0.244   -3.260  -0.279  1.00 52.42 ? 87  ARG A N     1 
ATOM   655  C CA    . ARG A 1 107 ? -0.608  -2.119  -0.064  1.00 52.25 ? 87  ARG A CA    1 
ATOM   656  C C     . ARG A 1 107 ? -1.041  -1.636  -1.422  1.00 52.20 ? 87  ARG A C     1 
ATOM   657  O O     . ARG A 1 107 ? -0.257  -1.643  -2.378  1.00 52.14 ? 87  ARG A O     1 
ATOM   658  C CB    . ARG A 1 107 ? 0.114   -1.007  0.685   1.00 52.48 ? 87  ARG A CB    1 
ATOM   659  C CG    . ARG A 1 107 ? -0.582  0.338   0.577   1.00 52.88 ? 87  ARG A CG    1 
ATOM   660  C CD    . ARG A 1 107 ? 0.101   1.405   1.387   1.00 53.46 ? 87  ARG A CD    1 
ATOM   661  N NE    . ARG A 1 107 ? -0.269  2.719   0.875   1.00 53.83 ? 87  ARG A NE    1 
ATOM   662  C CZ    . ARG A 1 107 ? -1.415  3.336   1.138   1.00 53.85 ? 87  ARG A CZ    1 
ATOM   663  N NH1   . ARG A 1 107 ? -1.651  4.528   0.598   1.00 54.13 ? 87  ARG A NH1   1 
ATOM   664  N NH2   . ARG A 1 107 ? -2.326  2.772   1.928   1.00 53.39 ? 87  ARG A NH2   1 
ATOM   665  N N     . VAL A 1 108 ? -2.307  -1.232  -1.489  1.00 52.08 ? 88  VAL A N     1 
ATOM   666  C CA    . VAL A 1 108 ? -2.902  -0.667  -2.682  1.00 51.91 ? 88  VAL A CA    1 
ATOM   667  C C     . VAL A 1 108 ? -3.726  0.532   -2.243  1.00 51.90 ? 88  VAL A C     1 
ATOM   668  O O     . VAL A 1 108 ? -4.805  0.376   -1.676  1.00 52.28 ? 88  VAL A O     1 
ATOM   669  C CB    . VAL A 1 108 ? -3.797  -1.696  -3.398  1.00 51.85 ? 88  VAL A CB    1 
ATOM   670  C CG1   . VAL A 1 108 ? -2.963  -2.874  -3.872  1.00 51.84 ? 88  VAL A CG1   1 
ATOM   671  C CG2   . VAL A 1 108 ? -4.910  -2.179  -2.479  1.00 51.91 ? 88  VAL A CG2   1 
ATOM   672  N N     . GLY A 1 109 ? -3.202  1.729   -2.470  1.00 51.71 ? 89  GLY A N     1 
ATOM   673  C CA    . GLY A 1 109 ? -3.911  2.948   -2.100  1.00 51.59 ? 89  GLY A CA    1 
ATOM   674  C C     . GLY A 1 109 ? -3.509  4.046   -3.045  1.00 51.62 ? 89  GLY A C     1 
ATOM   675  O O     . GLY A 1 109 ? -2.869  3.781   -4.055  1.00 51.39 ? 89  GLY A O     1 
ATOM   676  N N     . SER A 1 110 ? -3.875  5.279   -2.711  1.00 51.90 ? 90  SER A N     1 
ATOM   677  C CA    . SER A 1 110 ? -3.509  6.445   -3.527  1.00 52.05 ? 90  SER A CA    1 
ATOM   678  C C     . SER A 1 110 ? -2.415  7.286   -2.861  1.00 52.19 ? 90  SER A C     1 
ATOM   679  O O     . SER A 1 110 ? -1.948  6.979   -1.758  1.00 52.20 ? 90  SER A O     1 
ATOM   680  C CB    . SER A 1 110 ? -4.743  7.313   -3.816  1.00 52.02 ? 90  SER A CB    1 
ATOM   681  O OG    . SER A 1 110 ? -5.228  7.949   -2.643  1.00 51.77 ? 90  SER A OG    1 
ATOM   682  N N     . CYS A 1 111 ? -2.000  8.335   -3.556  1.00 52.34 ? 91  CYS A N     1 
ATOM   683  C CA    . CYS A 1 111 ? -1.076  9.301   -2.998  1.00 52.77 ? 91  CYS A CA    1 
ATOM   684  C C     . CYS A 1 111 ? -1.213  10.624  -3.735  1.00 53.07 ? 91  CYS A C     1 
ATOM   685  O O     . CYS A 1 111 ? -1.677  10.656  -4.870  1.00 53.12 ? 91  CYS A O     1 
ATOM   686  C CB    . CYS A 1 111 ? 0.360   8.786   -3.110  1.00 52.72 ? 91  CYS A CB    1 
ATOM   687  S SG    . CYS A 1 111 ? 1.001   8.731   -4.797  1.00 52.99 ? 91  CYS A SG    1 
ATOM   688  N N     . GLY A 1 112 ? -0.830  11.713  -3.077  1.00 53.43 ? 92  GLY A N     1 
ATOM   689  C CA    . GLY A 1 112 ? -0.698  13.005  -3.738  1.00 53.63 ? 92  GLY A CA    1 
ATOM   690  C C     . GLY A 1 112 ? 0.656   13.061  -4.409  1.00 53.86 ? 92  GLY A C     1 
ATOM   691  O O     . GLY A 1 112 ? 1.655   12.673  -3.817  1.00 54.02 ? 92  GLY A O     1 
ATOM   692  N N     . ALA A 1 113 ? 0.695   13.529  -5.649  1.00 54.33 ? 93  ALA A N     1 
ATOM   693  C CA    . ALA A 1 113 ? 1.937   13.598  -6.398  1.00 54.83 ? 93  ALA A CA    1 
ATOM   694  C C     . ALA A 1 113 ? 2.600   14.909  -6.090  1.00 55.52 ? 93  ALA A C     1 
ATOM   695  O O     . ALA A 1 113 ? 1.918   15.905  -5.865  1.00 55.42 ? 93  ALA A O     1 
ATOM   696  C CB    . ALA A 1 113 ? 1.663   13.502  -7.863  1.00 54.95 ? 93  ALA A CB    1 
ATOM   697  N N     . ILE A 1 114 ? 3.927   14.917  -6.083  1.00 56.58 ? 94  ILE A N     1 
ATOM   698  C CA    . ILE A 1 114 ? 4.672   16.137  -5.772  1.00 57.56 ? 94  ILE A CA    1 
ATOM   699  C C     . ILE A 1 114 ? 5.560   16.599  -6.936  1.00 58.60 ? 94  ILE A C     1 
ATOM   700  O O     . ILE A 1 114 ? 6.396   17.490  -6.772  1.00 58.96 ? 94  ILE A O     1 
ATOM   701  C CB    . ILE A 1 114 ? 5.493   16.009  -4.437  1.00 57.42 ? 94  ILE A CB    1 
ATOM   702  C CG1   . ILE A 1 114 ? 6.590   14.955  -4.541  1.00 57.25 ? 94  ILE A CG1   1 
ATOM   703  C CG2   . ILE A 1 114 ? 4.579   15.665  -3.270  1.00 57.23 ? 94  ILE A CG2   1 
ATOM   704  C CD1   . ILE A 1 114 ? 7.343   14.758  -3.254  1.00 56.76 ? 94  ILE A CD1   1 
ATOM   705  N N     . ARG A 1 115 ? 5.367   16.012  -8.115  1.00 59.77 ? 95  ARG A N     1 
ATOM   706  C CA    . ARG A 1 115 ? 6.125   16.411  -9.306  1.00 60.61 ? 95  ARG A CA    1 
ATOM   707  C C     . ARG A 1 115 ? 5.197   16.585  -10.507 1.00 61.18 ? 95  ARG A C     1 
ATOM   708  O O     . ARG A 1 115 ? 4.162   15.930  -10.592 1.00 61.38 ? 95  ARG A O     1 
ATOM   709  C CB    . ARG A 1 115 ? 7.203   15.378  -9.625  1.00 60.57 ? 95  ARG A CB    1 
ATOM   710  C CG    . ARG A 1 115 ? 8.257   15.227  -8.539  1.00 61.05 ? 95  ARG A CG    1 
ATOM   711  C CD    . ARG A 1 115 ? 9.279   14.175  -8.929  1.00 62.04 ? 95  ARG A CD    1 
ATOM   712  N NE    . ARG A 1 115 ? 9.831   14.471  -10.248 1.00 62.83 ? 95  ARG A NE    1 
ATOM   713  C CZ    . ARG A 1 115 ? 10.861  15.285  -10.475 1.00 63.70 ? 95  ARG A CZ    1 
ATOM   714  N NH1   . ARG A 1 115 ? 11.502  15.870  -9.467  1.00 64.12 ? 95  ARG A NH1   1 
ATOM   715  N NH2   . ARG A 1 115 ? 11.269  15.504  -11.724 1.00 63.88 ? 95  ARG A NH2   1 
ATOM   716  N N     . LYS A 1 116 ? 5.570   17.475  -11.425 1.00 61.83 ? 96  LYS A N     1 
ATOM   717  C CA    . LYS A 1 116 ? 4.794   17.697  -12.637 1.00 62.32 ? 96  LYS A CA    1 
ATOM   718  C C     . LYS A 1 116 ? 4.859   16.455  -13.534 1.00 62.53 ? 96  LYS A C     1 
ATOM   719  O O     . LYS A 1 116 ? 3.848   16.053  -14.130 1.00 62.42 ? 96  LYS A O     1 
ATOM   720  C CB    . LYS A 1 116 ? 5.304   18.939  -13.378 1.00 62.56 ? 96  LYS A CB    1 
ATOM   721  C CG    . LYS A 1 116 ? 4.530   19.270  -14.668 1.00 63.71 ? 96  LYS A CG    1 
ATOM   722  C CD    . LYS A 1 116 ? 4.779   20.710  -15.151 1.00 64.47 ? 96  LYS A CD    1 
ATOM   723  C CE    . LYS A 1 116 ? 4.227   20.948  -16.565 1.00 64.36 ? 96  LYS A CE    1 
ATOM   724  N NZ    . LYS A 1 116 ? 2.745   20.787  -16.629 1.00 64.22 ? 96  LYS A NZ    1 
ATOM   725  N N     . ASP A 1 117 ? 6.038   15.834  -13.598 1.00 62.70 ? 97  ASP A N     1 
ATOM   726  C CA    . ASP A 1 117 ? 6.248   14.666  -14.463 1.00 62.92 ? 97  ASP A CA    1 
ATOM   727  C C     . ASP A 1 117 ? 5.695   13.326  -13.934 1.00 62.87 ? 97  ASP A C     1 
ATOM   728  O O     . ASP A 1 117 ? 5.892   12.287  -14.561 1.00 62.82 ? 97  ASP A O     1 
ATOM   729  C CB    . ASP A 1 117 ? 7.736   14.531  -14.827 1.00 63.02 ? 97  ASP A CB    1 
ATOM   730  C CG    . ASP A 1 117 ? 8.616   14.191  -13.639 1.00 63.55 ? 97  ASP A CG    1 
ATOM   731  O OD1   . ASP A 1 117 ? 9.847   14.332  -13.779 1.00 63.99 ? 97  ASP A OD1   1 
ATOM   732  O OD2   . ASP A 1 117 ? 8.101   13.784  -12.573 1.00 64.65 ? 97  ASP A OD2   1 
ATOM   733  N N     . VAL A 1 118 ? 5.036   13.337  -12.779 1.00 63.04 ? 98  VAL A N     1 
ATOM   734  C CA    . VAL A 1 118 ? 4.246   12.183  -12.346 1.00 63.17 ? 98  VAL A CA    1 
ATOM   735  C C     . VAL A 1 118 ? 2.818   12.468  -12.786 1.00 63.36 ? 98  VAL A C     1 
ATOM   736  O O     . VAL A 1 118 ? 2.182   13.384  -12.272 1.00 63.43 ? 98  VAL A O     1 
ATOM   737  C CB    . VAL A 1 118 ? 4.310   11.944  -10.808 1.00 63.12 ? 98  VAL A CB    1 
ATOM   738  C CG1   . VAL A 1 118 ? 3.271   10.922  -10.377 1.00 62.66 ? 98  VAL A CG1   1 
ATOM   739  C CG2   . VAL A 1 118 ? 5.698   11.470  -10.400 1.00 63.03 ? 98  VAL A CG2   1 
ATOM   740  N N     . LYS A 1 119 ? 2.332   11.688  -13.747 1.00 63.59 ? 99  LYS A N     1 
ATOM   741  C CA    . LYS A 1 119 ? 1.065   11.968  -14.422 1.00 63.73 ? 99  LYS A CA    1 
ATOM   742  C C     . LYS A 1 119 ? -0.089  11.290  -13.705 1.00 63.84 ? 99  LYS A C     1 
ATOM   743  O O     . LYS A 1 119 ? 0.095   10.271  -13.051 1.00 63.73 ? 99  LYS A O     1 
ATOM   744  C CB    . LYS A 1 119 ? 1.125   11.488  -15.873 1.00 63.86 ? 99  LYS A CB    1 
ATOM   745  C CG    . LYS A 1 119 ? 2.376   11.923  -16.648 1.00 63.96 ? 99  LYS A CG    1 
ATOM   746  C CD    . LYS A 1 119 ? 2.492   13.431  -16.701 1.00 64.26 ? 99  LYS A CD    1 
ATOM   747  C CE    . LYS A 1 119 ? 3.727   13.867  -17.444 1.00 64.58 ? 99  LYS A CE    1 
ATOM   748  N NZ    . LYS A 1 119 ? 3.871   15.345  -17.350 1.00 65.21 ? 99  LYS A NZ    1 
ATOM   749  N N     . VAL A 1 120 ? -1.287  11.841  -13.868 1.00 64.16 ? 100 VAL A N     1 
ATOM   750  C CA    . VAL A 1 120 ? -2.472  11.382  -13.107 1.00 64.37 ? 100 VAL A CA    1 
ATOM   751  C C     . VAL A 1 120 ? -2.890  9.931   -13.412 1.00 64.42 ? 100 VAL A C     1 
ATOM   752  O O     . VAL A 1 120 ? -3.584  9.306   -12.618 1.00 64.45 ? 100 VAL A O     1 
ATOM   753  C CB    . VAL A 1 120 ? -3.712  12.322  -13.311 1.00 64.44 ? 100 VAL A CB    1 
ATOM   754  C CG1   . VAL A 1 120 ? -3.277  13.741  -13.735 1.00 64.63 ? 100 VAL A CG1   1 
ATOM   755  C CG2   . VAL A 1 120 ? -4.697  11.734  -14.324 1.00 64.39 ? 100 VAL A CG2   1 
ATOM   756  N N     . ARG A 1 121 ? -2.476  9.413   -14.565 1.00 64.60 ? 101 ARG A N     1 
ATOM   757  C CA    . ARG A 1 121 ? -2.781  8.040   -14.968 1.00 64.72 ? 101 ARG A CA    1 
ATOM   758  C C     . ARG A 1 121 ? -1.680  7.053   -14.578 1.00 63.94 ? 101 ARG A C     1 
ATOM   759  O O     . ARG A 1 121 ? -1.880  5.835   -14.684 1.00 64.02 ? 101 ARG A O     1 
ATOM   760  C CB    . ARG A 1 121 ? -3.008  7.965   -16.490 1.00 65.26 ? 101 ARG A CB    1 
ATOM   761  C CG    . ARG A 1 121 ? -4.197  8.786   -16.997 1.00 67.29 ? 101 ARG A CG    1 
ATOM   762  C CD    . ARG A 1 121 ? -5.517  8.291   -16.427 1.00 70.45 ? 101 ARG A CD    1 
ATOM   763  N NE    . ARG A 1 121 ? -5.810  6.919   -16.837 1.00 73.05 ? 101 ARG A NE    1 
ATOM   764  C CZ    . ARG A 1 121 ? -6.380  6.582   -17.991 1.00 75.42 ? 101 ARG A CZ    1 
ATOM   765  N NH1   . ARG A 1 121 ? -6.723  7.521   -18.872 1.00 76.35 ? 101 ARG A NH1   1 
ATOM   766  N NH2   . ARG A 1 121 ? -6.609  5.296   -18.268 1.00 76.21 ? 101 ARG A NH2   1 
ATOM   767  N N     . ASP A 1 122 ? -0.524  7.565   -14.145 1.00 62.83 ? 102 ASP A N     1 
ATOM   768  C CA    . ASP A 1 122 ? 0.586   6.692   -13.772 1.00 61.84 ? 102 ASP A CA    1 
ATOM   769  C C     . ASP A 1 122 ? 0.202   5.861   -12.558 1.00 60.65 ? 102 ASP A C     1 
ATOM   770  O O     . ASP A 1 122 ? -0.674  6.242   -11.765 1.00 60.26 ? 102 ASP A O     1 
ATOM   771  C CB    . ASP A 1 122 ? 1.885   7.474   -13.503 1.00 61.90 ? 102 ASP A CB    1 
ATOM   772  C CG    . ASP A 1 122 ? 2.631   7.857   -14.791 1.00 62.86 ? 102 ASP A CG    1 
ATOM   773  O OD1   . ASP A 1 122 ? 3.183   8.979   -14.841 1.00 64.03 ? 102 ASP A OD1   1 
ATOM   774  O OD2   . ASP A 1 122 ? 2.683   7.044   -15.748 1.00 63.42 ? 102 ASP A OD2   1 
ATOM   775  N N     . VAL A 1 123 ? 0.839   4.699   -12.467 1.00 59.31 ? 103 VAL A N     1 
ATOM   776  C CA    . VAL A 1 123 ? 0.692   3.798   -11.338 1.00 58.32 ? 103 VAL A CA    1 
ATOM   777  C C     . VAL A 1 123 ? 2.065   3.633   -10.713 1.00 57.21 ? 103 VAL A C     1 
ATOM   778  O O     . VAL A 1 123 ? 3.039   3.301   -11.398 1.00 57.16 ? 103 VAL A O     1 
ATOM   779  C CB    . VAL A 1 123 ? 0.139   2.432   -11.771 1.00 58.36 ? 103 VAL A CB    1 
ATOM   780  C CG1   . VAL A 1 123 ? 0.394   1.389   -10.695 1.00 58.35 ? 103 VAL A CG1   1 
ATOM   781  C CG2   . VAL A 1 123 ? -1.354  2.543   -12.067 1.00 58.70 ? 103 VAL A CG2   1 
ATOM   782  N N     . ILE A 1 124 ? 2.139   3.874   -9.409  1.00 55.76 ? 104 ILE A N     1 
ATOM   783  C CA    . ILE A 1 124 ? 3.425   3.992   -8.752  1.00 54.66 ? 104 ILE A CA    1 
ATOM   784  C C     . ILE A 1 124 ? 3.749   2.742   -7.957  1.00 53.50 ? 104 ILE A C     1 
ATOM   785  O O     . ILE A 1 124 ? 2.926   2.257   -7.174  1.00 53.31 ? 104 ILE A O     1 
ATOM   786  C CB    . ILE A 1 124 ? 3.471   5.208   -7.823  1.00 54.70 ? 104 ILE A CB    1 
ATOM   787  C CG1   . ILE A 1 124 ? 2.923   6.448   -8.533  1.00 54.59 ? 104 ILE A CG1   1 
ATOM   788  C CG2   . ILE A 1 124 ? 4.902   5.451   -7.365  1.00 54.64 ? 104 ILE A CG2   1 
ATOM   789  C CD1   . ILE A 1 124 ? 2.659   7.596   -7.596  1.00 55.12 ? 104 ILE A CD1   1 
ATOM   790  N N     . LEU A 1 125 ? 4.951   2.225   -8.194  1.00 52.05 ? 105 LEU A N     1 
ATOM   791  C CA    . LEU A 1 125 ? 5.520   1.153   -7.406  1.00 51.02 ? 105 LEU A CA    1 
ATOM   792  C C     . LEU A 1 125 ? 6.673   1.743   -6.594  1.00 50.41 ? 105 LEU A C     1 
ATOM   793  O O     . LEU A 1 125 ? 7.672   2.201   -7.166  1.00 50.11 ? 105 LEU A O     1 
ATOM   794  C CB    . LEU A 1 125 ? 6.055   0.043   -8.313  1.00 50.87 ? 105 LEU A CB    1 
ATOM   795  C CG    . LEU A 1 125 ? 5.160   -0.565  -9.388  1.00 50.14 ? 105 LEU A CG    1 
ATOM   796  C CD1   . LEU A 1 125 ? 5.946   -1.652  -10.101 1.00 49.51 ? 105 LEU A CD1   1 
ATOM   797  C CD2   . LEU A 1 125 ? 3.876   -1.126  -8.814  1.00 49.43 ? 105 LEU A CD2   1 
ATOM   798  N N     . ALA A 1 126 ? 6.530   1.732   -5.266  1.00 49.59 ? 106 ALA A N     1 
ATOM   799  C CA    . ALA A 1 126 ? 7.530   2.326   -4.371  1.00 48.86 ? 106 ALA A CA    1 
ATOM   800  C C     . ALA A 1 126 ? 8.682   1.369   -4.107  1.00 48.33 ? 106 ALA A C     1 
ATOM   801  O O     . ALA A 1 126 ? 8.496   0.324   -3.480  1.00 48.20 ? 106 ALA A O     1 
ATOM   802  C CB    . ALA A 1 126 ? 6.887   2.743   -3.058  1.00 48.73 ? 106 ALA A CB    1 
ATOM   803  N N     . MET A 1 127 ? 9.868   1.722   -4.600  1.00 47.79 ? 107 MET A N     1 
ATOM   804  C CA    . MET A 1 127 ? 11.109  1.014   -4.244  1.00 47.46 ? 107 MET A CA    1 
ATOM   805  C C     . MET A 1 127 ? 11.434  1.218   -2.768  1.00 46.80 ? 107 MET A C     1 
ATOM   806  O O     . MET A 1 127 ? 11.853  0.294   -2.067  1.00 46.58 ? 107 MET A O     1 
ATOM   807  C CB    . MET A 1 127 ? 12.290  1.543   -5.062  1.00 47.63 ? 107 MET A CB    1 
ATOM   808  C CG    . MET A 1 127 ? 12.807  0.626   -6.165  1.00 48.50 ? 107 MET A CG    1 
ATOM   809  S SD    . MET A 1 127 ? 14.139  1.452   -7.087  1.00 49.92 ? 107 MET A SD    1 
ATOM   810  C CE    . MET A 1 127 ? 13.194  2.788   -7.821  1.00 48.92 ? 107 MET A CE    1 
ATOM   811  N N     . THR A 1 128 ? 11.244  2.456   -2.320  1.00 46.21 ? 108 THR A N     1 
ATOM   812  C CA    . THR A 1 128 ? 11.611  2.876   -0.982  1.00 45.61 ? 108 THR A CA    1 
ATOM   813  C C     . THR A 1 128 ? 10.697  4.022   -0.541  1.00 45.33 ? 108 THR A C     1 
ATOM   814  O O     . THR A 1 128 ? 9.891   4.522   -1.325  1.00 44.79 ? 108 THR A O     1 
ATOM   815  C CB    . THR A 1 128 ? 13.088  3.318   -0.957  1.00 45.51 ? 108 THR A CB    1 
ATOM   816  O OG1   . THR A 1 128 ? 13.558  3.342   0.392   1.00 45.30 ? 108 THR A OG1   1 
ATOM   817  C CG2   . THR A 1 128 ? 13.261  4.692   -1.595  1.00 45.15 ? 108 THR A CG2   1 
ATOM   818  N N     . SER A 1 129 ? 10.823  4.423   0.721   1.00 45.27 ? 109 SER A N     1 
ATOM   819  C CA    . SER A 1 129 ? 10.011  5.497   1.277   1.00 45.12 ? 109 SER A CA    1 
ATOM   820  C C     . SER A 1 129 ? 10.790  6.348   2.256   1.00 44.95 ? 109 SER A C     1 
ATOM   821  O O     . SER A 1 129 ? 11.496  5.833   3.115   1.00 44.58 ? 109 SER A O     1 
ATOM   822  C CB    . SER A 1 129 ? 8.803   4.923   1.999   1.00 45.18 ? 109 SER A CB    1 
ATOM   823  O OG    . SER A 1 129 ? 7.996   5.961   2.526   1.00 46.08 ? 109 SER A OG    1 
ATOM   824  N N     . SER A 1 130 ? 10.645  7.659   2.115   1.00 45.17 ? 110 SER A N     1 
ATOM   825  C CA    . SER A 1 130 ? 11.151  8.606   3.099   1.00 45.36 ? 110 SER A CA    1 
ATOM   826  C C     . SER A 1 130 ? 10.043  8.854   4.107   1.00 45.56 ? 110 SER A C     1 
ATOM   827  O O     . SER A 1 130 ? 8.878   8.574   3.832   1.00 45.51 ? 110 SER A O     1 
ATOM   828  C CB    . SER A 1 130 ? 11.580  9.914   2.423   1.00 45.34 ? 110 SER A CB    1 
ATOM   829  O OG    . SER A 1 130 ? 12.605  9.682   1.466   1.00 45.19 ? 110 SER A OG    1 
ATOM   830  N N     . THR A 1 131 ? 10.400  9.374   5.273   1.00 46.01 ? 111 THR A N     1 
ATOM   831  C CA    . THR A 1 131 ? 9.428   9.560   6.343   1.00 46.38 ? 111 THR A CA    1 
ATOM   832  C C     . THR A 1 131 ? 9.880   10.625  7.324   1.00 47.02 ? 111 THR A C     1 
ATOM   833  O O     . THR A 1 131 ? 11.070  10.847  7.482   1.00 46.96 ? 111 THR A O     1 
ATOM   834  C CB    . THR A 1 131 ? 9.196   8.229   7.113   1.00 46.29 ? 111 THR A CB    1 
ATOM   835  O OG1   . THR A 1 131 ? 8.081   8.363   7.998   1.00 45.62 ? 111 THR A OG1   1 
ATOM   836  C CG2   . THR A 1 131 ? 10.422  7.830   7.917   1.00 46.17 ? 111 THR A CG2   1 
ATOM   837  N N     . ASP A 1 132 ? 8.920   11.296  7.955   1.00 47.98 ? 112 ASP A N     1 
ATOM   838  C CA    . ASP A 1 132 ? 9.186   12.114  9.138   1.00 48.71 ? 112 ASP A CA    1 
ATOM   839  C C     . ASP A 1 132 ? 8.635   11.423  10.384  1.00 49.54 ? 112 ASP A C     1 
ATOM   840  O O     . ASP A 1 132 ? 8.679   11.985  11.470  1.00 49.92 ? 112 ASP A O     1 
ATOM   841  C CB    . ASP A 1 132 ? 8.611   13.533  8.999   1.00 48.59 ? 112 ASP A CB    1 
ATOM   842  C CG    . ASP A 1 132 ? 7.101   13.548  8.838   1.00 49.23 ? 112 ASP A CG    1 
ATOM   843  O OD1   . ASP A 1 132 ? 6.504   12.458  8.734   1.00 50.57 ? 112 ASP A OD1   1 
ATOM   844  O OD2   . ASP A 1 132 ? 6.503   14.646  8.806   1.00 50.34 ? 112 ASP A OD2   1 
ATOM   845  N N     . SER A 1 133 ? 8.111   10.209  10.230  1.00 50.67 ? 113 SER A N     1 
ATOM   846  C CA    . SER A 1 133 ? 7.705   9.412   11.383  1.00 51.55 ? 113 SER A CA    1 
ATOM   847  C C     . SER A 1 133 ? 8.948   9.043   12.162  1.00 52.37 ? 113 SER A C     1 
ATOM   848  O O     . SER A 1 133 ? 9.981   8.736   11.577  1.00 52.46 ? 113 SER A O     1 
ATOM   849  C CB    . SER A 1 133 ? 6.972   8.135   10.959  1.00 51.55 ? 113 SER A CB    1 
ATOM   850  O OG    . SER A 1 133 ? 6.527   7.400   12.089  1.00 51.34 ? 113 SER A OG    1 
ATOM   851  N N     . GLN A 1 134 ? 8.845   9.067   13.483  1.00 53.59 ? 114 GLN A N     1 
ATOM   852  C CA    . GLN A 1 134 ? 9.970   8.708   14.325  1.00 54.50 ? 114 GLN A CA    1 
ATOM   853  C C     . GLN A 1 134 ? 10.010  7.209   14.573  1.00 54.99 ? 114 GLN A C     1 
ATOM   854  O O     . GLN A 1 134 ? 10.792  6.758   15.391  1.00 55.12 ? 114 GLN A O     1 
ATOM   855  C CB    . GLN A 1 134 ? 9.929   9.460   15.669  1.00 54.75 ? 114 GLN A CB    1 
ATOM   856  C CG    . GLN A 1 134 ? 11.284  10.057  16.047  1.00 55.69 ? 114 GLN A CG    1 
ATOM   857  C CD    . GLN A 1 134 ? 11.275  10.880  17.328  1.00 56.75 ? 114 GLN A CD    1 
ATOM   858  O OE1   . GLN A 1 134 ? 10.435  10.690  18.208  1.00 57.00 ? 114 GLN A OE1   1 
ATOM   859  N NE2   . GLN A 1 134 ? 12.234  11.798  17.438  1.00 57.02 ? 114 GLN A NE2   1 
ATOM   860  N N     . MET A 1 135 ? 9.191   6.428   13.874  1.00 55.83 ? 115 MET A N     1 
ATOM   861  C CA    . MET A 1 135 ? 9.126   4.996   14.162  1.00 56.73 ? 115 MET A CA    1 
ATOM   862  C C     . MET A 1 135 ? 10.496  4.334   14.003  1.00 57.38 ? 115 MET A C     1 
ATOM   863  O O     . MET A 1 135 ? 10.871  3.484   14.810  1.00 57.44 ? 115 MET A O     1 
ATOM   864  C CB    . MET A 1 135 ? 8.037   4.277   13.333  1.00 56.92 ? 115 MET A CB    1 
ATOM   865  C CG    . MET A 1 135 ? 8.455   3.685   11.966  1.00 57.37 ? 115 MET A CG    1 
ATOM   866  S SD    . MET A 1 135 ? 7.338   2.367   11.374  1.00 58.16 ? 115 MET A SD    1 
ATOM   867  C CE    . MET A 1 135 ? 7.922   0.940   12.295  1.00 57.28 ? 115 MET A CE    1 
ATOM   868  N N     . ASN A 1 136 ? 11.250  4.745   12.987  1.00 58.27 ? 116 ASN A N     1 
ATOM   869  C CA    . ASN A 1 136 ? 12.570  4.176   12.733  1.00 58.90 ? 116 ASN A CA    1 
ATOM   870  C C     . ASN A 1 136 ? 13.646  4.755   13.641  1.00 59.39 ? 116 ASN A C     1 
ATOM   871  O O     . ASN A 1 136 ? 14.425  4.004   14.228  1.00 59.48 ? 116 ASN A O     1 
ATOM   872  C CB    . ASN A 1 136 ? 12.964  4.351   11.265  1.00 59.13 ? 116 ASN A CB    1 
ATOM   873  C CG    . ASN A 1 136 ? 12.298  3.320   10.349  1.00 59.38 ? 116 ASN A CG    1 
ATOM   874  O OD1   . ASN A 1 136 ? 11.977  2.207   10.769  1.00 58.83 ? 116 ASN A OD1   1 
ATOM   875  N ND2   . ASN A 1 136 ? 12.102  3.694   9.085   1.00 60.33 ? 116 ASN A ND2   1 
ATOM   876  N N     . ARG A 1 137 ? 13.683  6.080   13.777  1.00 59.94 ? 117 ARG A N     1 
ATOM   877  C CA    . ARG A 1 137 ? 14.671  6.731   14.659  1.00 60.37 ? 117 ARG A CA    1 
ATOM   878  C C     . ARG A 1 137 ? 14.622  6.220   16.113  1.00 60.19 ? 117 ARG A C     1 
ATOM   879  O O     . ARG A 1 137 ? 15.649  6.160   16.785  1.00 60.12 ? 117 ARG A O     1 
ATOM   880  C CB    . ARG A 1 137 ? 14.520  8.260   14.613  1.00 60.66 ? 117 ARG A CB    1 
ATOM   881  C CG    . ARG A 1 137 ? 14.949  8.879   13.284  1.00 61.82 ? 117 ARG A CG    1 
ATOM   882  C CD    . ARG A 1 137 ? 14.807  10.410  13.252  1.00 63.42 ? 117 ARG A CD    1 
ATOM   883  N NE    . ARG A 1 137 ? 15.118  10.944  11.921  1.00 65.24 ? 117 ARG A NE    1 
ATOM   884  C CZ    . ARG A 1 137 ? 15.523  12.190  11.648  1.00 66.69 ? 117 ARG A CZ    1 
ATOM   885  N NH1   . ARG A 1 137 ? 15.682  13.092  12.615  1.00 67.12 ? 117 ARG A NH1   1 
ATOM   886  N NH2   . ARG A 1 137 ? 15.778  12.541  10.387  1.00 67.09 ? 117 ARG A NH2   1 
ATOM   887  N N     . VAL A 1 138 ? 13.432  5.852   16.585  1.00 60.21 ? 118 VAL A N     1 
ATOM   888  C CA    . VAL A 1 138 ? 13.256  5.212   17.902  1.00 60.22 ? 118 VAL A CA    1 
ATOM   889  C C     . VAL A 1 138 ? 13.978  3.857   17.989  1.00 60.25 ? 118 VAL A C     1 
ATOM   890  O O     . VAL A 1 138 ? 14.549  3.512   19.027  1.00 60.29 ? 118 VAL A O     1 
ATOM   891  C CB    . VAL A 1 138 ? 11.744  5.013   18.227  1.00 60.19 ? 118 VAL A CB    1 
ATOM   892  C CG1   . VAL A 1 138 ? 11.526  3.845   19.193  1.00 60.36 ? 118 VAL A CG1   1 
ATOM   893  C CG2   . VAL A 1 138 ? 11.137  6.304   18.771  1.00 60.01 ? 118 VAL A CG2   1 
ATOM   894  N N     . ALA A 1 139 ? 13.948  3.100   16.894  1.00 60.16 ? 119 ALA A N     1 
ATOM   895  C CA    . ALA A 1 139 ? 14.556  1.770   16.836  1.00 60.05 ? 119 ALA A CA    1 
ATOM   896  C C     . ALA A 1 139 ? 16.064  1.804   16.579  1.00 59.88 ? 119 ALA A C     1 
ATOM   897  O O     . ALA A 1 139 ? 16.791  0.926   17.050  1.00 59.79 ? 119 ALA A O     1 
ATOM   898  C CB    . ALA A 1 139 ? 13.863  0.937   15.762  1.00 60.16 ? 119 ALA A CB    1 
ATOM   899  N N     . PHE A 1 140 ? 16.524  2.816   15.838  1.00 59.71 ? 120 PHE A N     1 
ATOM   900  C CA    . PHE A 1 140 ? 17.916  2.889   15.368  1.00 59.63 ? 120 PHE A CA    1 
ATOM   901  C C     . PHE A 1 140 ? 18.771  4.024   15.973  1.00 59.49 ? 120 PHE A C     1 
ATOM   902  O O     . PHE A 1 140 ? 19.953  3.830   16.216  1.00 59.64 ? 120 PHE A O     1 
ATOM   903  C CB    . PHE A 1 140 ? 17.936  2.971   13.839  1.00 59.53 ? 120 PHE A CB    1 
ATOM   904  C CG    . PHE A 1 140 ? 17.441  1.713   13.156  1.00 59.71 ? 120 PHE A CG    1 
ATOM   905  C CD1   . PHE A 1 140 ? 16.111  1.583   12.771  1.00 59.80 ? 120 PHE A CD1   1 
ATOM   906  C CD2   . PHE A 1 140 ? 18.306  0.659   12.902  1.00 59.64 ? 120 PHE A CD2   1 
ATOM   907  C CE1   . PHE A 1 140 ? 15.659  0.431   12.148  1.00 59.36 ? 120 PHE A CE1   1 
ATOM   908  C CE2   . PHE A 1 140 ? 17.860  -0.495  12.278  1.00 59.42 ? 120 PHE A CE2   1 
ATOM   909  C CZ    . PHE A 1 140 ? 16.534  -0.608  11.905  1.00 59.43 ? 120 PHE A CZ    1 
ATOM   910  N N     . GLY A 1 141 ? 18.187  5.198   16.201  1.00 59.31 ? 121 GLY A N     1 
ATOM   911  C CA    . GLY A 1 141 ? 18.914  6.328   16.799  1.00 59.00 ? 121 GLY A CA    1 
ATOM   912  C C     . GLY A 1 141 ? 19.608  7.218   15.778  1.00 58.75 ? 121 GLY A C     1 
ATOM   913  O O     . GLY A 1 141 ? 18.998  8.136   15.217  1.00 58.91 ? 121 GLY A O     1 
ATOM   914  N N     . SER A 1 142 ? 20.885  6.943   15.530  1.00 58.22 ? 122 SER A N     1 
ATOM   915  C CA    . SER A 1 142 ? 21.689  7.766   14.628  1.00 57.88 ? 122 SER A CA    1 
ATOM   916  C C     . SER A 1 142 ? 21.657  7.335   13.163  1.00 57.36 ? 122 SER A C     1 
ATOM   917  O O     . SER A 1 142 ? 22.213  8.026   12.319  1.00 57.44 ? 122 SER A O     1 
ATOM   918  C CB    . SER A 1 142 ? 23.134  7.813   15.113  1.00 57.99 ? 122 SER A CB    1 
ATOM   919  O OG    . SER A 1 142 ? 23.292  8.857   16.059  1.00 58.99 ? 122 SER A OG    1 
ATOM   920  N N     . VAL A 1 143 ? 21.001  6.215   12.864  1.00 56.74 ? 123 VAL A N     1 
ATOM   921  C CA    . VAL A 1 143 ? 20.932  5.672   11.511  1.00 56.02 ? 123 VAL A CA    1 
ATOM   922  C C     . VAL A 1 143 ? 19.636  6.063   10.799  1.00 55.64 ? 123 VAL A C     1 
ATOM   923  O O     . VAL A 1 143 ? 18.554  5.793   11.308  1.00 55.47 ? 123 VAL A O     1 
ATOM   924  C CB    . VAL A 1 143 ? 20.992  4.128   11.537  1.00 55.98 ? 123 VAL A CB    1 
ATOM   925  C CG1   . VAL A 1 143 ? 20.656  3.561   10.176  1.00 55.96 ? 123 VAL A CG1   1 
ATOM   926  C CG2   . VAL A 1 143 ? 22.348  3.643   12.001  1.00 55.48 ? 123 VAL A CG2   1 
ATOM   927  N N     . ASP A 1 144 ? 19.748  6.700   9.629   1.00 55.36 ? 124 ASP A N     1 
ATOM   928  C CA    . ASP A 1 144 ? 18.621  6.818   8.693   1.00 55.18 ? 124 ASP A CA    1 
ATOM   929  C C     . ASP A 1 144 ? 18.401  5.436   8.121   1.00 54.76 ? 124 ASP A C     1 
ATOM   930  O O     . ASP A 1 144 ? 19.227  4.949   7.351   1.00 54.79 ? 124 ASP A O     1 
ATOM   931  C CB    . ASP A 1 144 ? 18.915  7.763   7.518   1.00 55.31 ? 124 ASP A CB    1 
ATOM   932  C CG    . ASP A 1 144 ? 18.949  9.232   7.914   1.00 56.41 ? 124 ASP A CG    1 
ATOM   933  O OD1   . ASP A 1 144 ? 18.655  9.539   9.094   1.00 57.25 ? 124 ASP A OD1   1 
ATOM   934  O OD2   . ASP A 1 144 ? 19.263  10.081  7.031   1.00 57.45 ? 124 ASP A OD2   1 
ATOM   935  N N     . PHE A 1 145 ? 17.310  4.788   8.515   1.00 54.31 ? 125 PHE A N     1 
ATOM   936  C CA    . PHE A 1 145 ? 16.969  3.482   7.965   1.00 53.46 ? 125 PHE A CA    1 
ATOM   937  C C     . PHE A 1 145 ? 16.079  3.676   6.754   1.00 53.30 ? 125 PHE A C     1 
ATOM   938  O O     . PHE A 1 145 ? 14.968  4.203   6.870   1.00 53.24 ? 125 PHE A O     1 
ATOM   939  C CB    . PHE A 1 145 ? 16.254  2.619   8.993   1.00 53.15 ? 125 PHE A CB    1 
ATOM   940  C CG    . PHE A 1 145 ? 15.849  1.289   8.461   1.00 52.08 ? 125 PHE A CG    1 
ATOM   941  C CD1   . PHE A 1 145 ? 16.804  0.347   8.137   1.00 51.46 ? 125 PHE A CD1   1 
ATOM   942  C CD2   . PHE A 1 145 ? 14.520  0.983   8.256   1.00 51.27 ? 125 PHE A CD2   1 
ATOM   943  C CE1   . PHE A 1 145 ? 16.442  -0.887  7.633   1.00 51.02 ? 125 PHE A CE1   1 
ATOM   944  C CE2   . PHE A 1 145 ? 14.152  -0.254  7.755   1.00 50.86 ? 125 PHE A CE2   1 
ATOM   945  C CZ    . PHE A 1 145 ? 15.115  -1.187  7.445   1.00 50.64 ? 125 PHE A CZ    1 
ATOM   946  N N     . ALA A 1 146 ? 16.585  3.260   5.598   1.00 53.04 ? 126 ALA A N     1 
ATOM   947  C CA    . ALA A 1 146 ? 15.839  3.295   4.349   1.00 52.96 ? 126 ALA A CA    1 
ATOM   948  C C     . ALA A 1 146 ? 15.092  1.966   4.132   1.00 53.00 ? 126 ALA A C     1 
ATOM   949  O O     . ALA A 1 146 ? 15.724  0.957   3.817   1.00 53.12 ? 126 ALA A O     1 
ATOM   950  C CB    . ALA A 1 146 ? 16.797  3.557   3.196   1.00 52.74 ? 126 ALA A CB    1 
ATOM   951  N N     . PRO A 1 147 ? 13.750  1.954   4.292   1.00 53.10 ? 127 PRO A N     1 
ATOM   952  C CA    . PRO A 1 147 ? 12.990  0.729   4.017   1.00 53.36 ? 127 PRO A CA    1 
ATOM   953  C C     . PRO A 1 147 ? 13.161  0.247   2.579   1.00 53.72 ? 127 PRO A C     1 
ATOM   954  O O     . PRO A 1 147 ? 13.721  0.966   1.754   1.00 53.95 ? 127 PRO A O     1 
ATOM   955  C CB    . PRO A 1 147 ? 11.536  1.146   4.259   1.00 53.33 ? 127 PRO A CB    1 
ATOM   956  C CG    . PRO A 1 147 ? 11.595  2.406   5.023   1.00 53.09 ? 127 PRO A CG    1 
ATOM   957  C CD    . PRO A 1 147 ? 12.862  3.075   4.638   1.00 53.10 ? 127 PRO A CD    1 
ATOM   958  N N     . CYS A 1 148 ? 12.668  -0.950  2.273   1.00 54.13 ? 128 CYS A N     1 
ATOM   959  C CA    . CYS A 1 148 ? 12.916  -1.556  0.961   1.00 54.36 ? 128 CYS A CA    1 
ATOM   960  C C     . CYS A 1 148 ? 11.818  -2.533  0.531   1.00 54.49 ? 128 CYS A C     1 
ATOM   961  O O     . CYS A 1 148 ? 11.518  -3.487  1.249   1.00 54.73 ? 128 CYS A O     1 
ATOM   962  C CB    . CYS A 1 148 ? 14.260  -2.275  0.996   1.00 54.35 ? 128 CYS A CB    1 
ATOM   963  S SG    . CYS A 1 148 ? 14.987  -2.537  -0.612  1.00 55.24 ? 128 CYS A SG    1 
ATOM   964  N N     . ALA A 1 149 ? 11.225  -2.285  -0.639  1.00 54.66 ? 129 ALA A N     1 
ATOM   965  C CA    . ALA A 1 149 ? 10.239  -3.193  -1.236  1.00 54.73 ? 129 ALA A CA    1 
ATOM   966  C C     . ALA A 1 149 ? 10.927  -4.497  -1.586  1.00 54.95 ? 129 ALA A C     1 
ATOM   967  O O     . ALA A 1 149 ? 12.124  -4.498  -1.847  1.00 55.16 ? 129 ALA A O     1 
ATOM   968  C CB    . ALA A 1 149 ? 9.637   -2.573  -2.489  1.00 54.59 ? 129 ALA A CB    1 
ATOM   969  N N     . ASP A 1 150 ? 10.189  -5.604  -1.579  1.00 55.31 ? 130 ASP A N     1 
ATOM   970  C CA    . ASP A 1 150 ? 10.752  -6.893  -1.988  1.00 55.69 ? 130 ASP A CA    1 
ATOM   971  C C     . ASP A 1 150 ? 10.905  -6.891  -3.501  1.00 55.94 ? 130 ASP A C     1 
ATOM   972  O O     . ASP A 1 150 ? 9.946   -6.674  -4.234  1.00 55.67 ? 130 ASP A O     1 
ATOM   973  C CB    . ASP A 1 150 ? 9.861   -8.053  -1.552  1.00 55.90 ? 130 ASP A CB    1 
ATOM   974  C CG    . ASP A 1 150 ? 10.423  -9.414  -1.959  1.00 56.46 ? 130 ASP A CG    1 
ATOM   975  O OD1   . ASP A 1 150 ? 11.551  -9.756  -1.544  1.00 56.45 ? 130 ASP A OD1   1 
ATOM   976  O OD2   . ASP A 1 150 ? 9.723   -10.148 -2.688  1.00 57.51 ? 130 ASP A OD2   1 
ATOM   977  N N     . PHE A 1 151 ? 12.118  -7.124  -3.980  1.00 56.45 ? 131 PHE A N     1 
ATOM   978  C CA    . PHE A 1 151 ? 12.374  -6.947  -5.395  1.00 56.77 ? 131 PHE A CA    1 
ATOM   979  C C     . PHE A 1 151 ? 11.637  -7.945  -6.277  1.00 56.84 ? 131 PHE A C     1 
ATOM   980  O O     . PHE A 1 151 ? 11.400  -7.672  -7.453  1.00 56.84 ? 131 PHE A O     1 
ATOM   981  C CB    . PHE A 1 151 ? 13.852  -7.026  -5.710  1.00 56.89 ? 131 PHE A CB    1 
ATOM   982  C CG    . PHE A 1 151 ? 14.139  -6.777  -7.144  1.00 57.95 ? 131 PHE A CG    1 
ATOM   983  C CD1   . PHE A 1 151 ? 13.982  -5.500  -7.671  1.00 58.95 ? 131 PHE A CD1   1 
ATOM   984  C CD2   . PHE A 1 151 ? 14.496  -7.813  -7.988  1.00 59.09 ? 131 PHE A CD2   1 
ATOM   985  C CE1   . PHE A 1 151 ? 14.215  -5.247  -9.019  1.00 59.22 ? 131 PHE A CE1   1 
ATOM   986  C CE2   . PHE A 1 151 ? 14.735  -7.572  -9.336  1.00 59.86 ? 131 PHE A CE2   1 
ATOM   987  C CZ    . PHE A 1 151 ? 14.593  -6.278  -9.852  1.00 59.60 ? 131 PHE A CZ    1 
ATOM   988  N N     . GLU A 1 152 ? 11.295  -9.105  -5.724  1.00 56.87 ? 132 GLU A N     1 
ATOM   989  C CA    . GLU A 1 152 ? 10.539  -10.081 -6.482  1.00 56.91 ? 132 GLU A CA    1 
ATOM   990  C C     . GLU A 1 152 ? 9.140   -9.539  -6.703  1.00 56.58 ? 132 GLU A C     1 
ATOM   991  O O     . GLU A 1 152 ? 8.747   -9.328  -7.836  1.00 56.71 ? 132 GLU A O     1 
ATOM   992  C CB    . GLU A 1 152 ? 10.510  -11.426 -5.774  1.00 57.15 ? 132 GLU A CB    1 
ATOM   993  C CG    . GLU A 1 152 ? 9.707   -12.491 -6.499  1.00 58.08 ? 132 GLU A CG    1 
ATOM   994  C CD    . GLU A 1 152 ? 9.696   -13.819 -5.756  1.00 59.53 ? 132 GLU A CD    1 
ATOM   995  O OE1   . GLU A 1 152 ? 10.739  -14.180 -5.152  1.00 60.05 ? 132 GLU A OE1   1 
ATOM   996  O OE2   . GLU A 1 152 ? 8.642   -14.498 -5.779  1.00 60.01 ? 132 GLU A OE2   1 
ATOM   997  N N     . LEU A 1 153 ? 8.403   -9.276  -5.630  1.00 56.40 ? 133 LEU A N     1 
ATOM   998  C CA    . LEU A 1 153 ? 7.071   -8.675  -5.762  1.00 56.40 ? 133 LEU A CA    1 
ATOM   999  C C     . LEU A 1 153 ? 7.095   -7.411  -6.607  1.00 56.41 ? 133 LEU A C     1 
ATOM   1000 O O     . LEU A 1 153 ? 6.109   -7.091  -7.257  1.00 56.41 ? 133 LEU A O     1 
ATOM   1001 C CB    . LEU A 1 153 ? 6.472   -8.303  -4.400  1.00 56.43 ? 133 LEU A CB    1 
ATOM   1002 C CG    . LEU A 1 153 ? 6.052   -9.383  -3.406  1.00 56.56 ? 133 LEU A CG    1 
ATOM   1003 C CD1   . LEU A 1 153 ? 5.188   -8.744  -2.322  1.00 56.63 ? 133 LEU A CD1   1 
ATOM   1004 C CD2   . LEU A 1 153 ? 5.291   -10.511 -4.085  1.00 57.39 ? 133 LEU A CD2   1 
ATOM   1005 N N     . LEU A 1 154 ? 8.201   -6.672  -6.572  1.00 56.57 ? 134 LEU A N     1 
ATOM   1006 C CA    . LEU A 1 154 ? 8.295   -5.428  -7.332  1.00 56.64 ? 134 LEU A CA    1 
ATOM   1007 C C     . LEU A 1 154 ? 8.396   -5.746  -8.809  1.00 56.72 ? 134 LEU A C     1 
ATOM   1008 O O     . LEU A 1 154 ? 7.641   -5.195  -9.600  1.00 56.71 ? 134 LEU A O     1 
ATOM   1009 C CB    . LEU A 1 154 ? 9.477   -4.557  -6.872  1.00 56.70 ? 134 LEU A CB    1 
ATOM   1010 C CG    . LEU A 1 154 ? 9.649   -3.188  -7.571  1.00 56.12 ? 134 LEU A CG    1 
ATOM   1011 C CD1   . LEU A 1 154 ? 9.743   -2.032  -6.583  1.00 55.62 ? 134 LEU A CD1   1 
ATOM   1012 C CD2   . LEU A 1 154 ? 10.861  -3.195  -8.469  1.00 55.42 ? 134 LEU A CD2   1 
ATOM   1013 N N     . LYS A 1 155 ? 9.314   -6.645  -9.167  1.00 56.90 ? 135 LYS A N     1 
ATOM   1014 C CA    . LYS A 1 155 ? 9.511   -7.052  -10.560 1.00 57.11 ? 135 LYS A CA    1 
ATOM   1015 C C     . LYS A 1 155 ? 8.215   -7.600  -11.145 1.00 56.90 ? 135 LYS A C     1 
ATOM   1016 O O     . LYS A 1 155 ? 7.778   -7.181  -12.207 1.00 56.94 ? 135 LYS A O     1 
ATOM   1017 C CB    . LYS A 1 155 ? 10.611  -8.116  -10.665 1.00 57.32 ? 135 LYS A CB    1 
ATOM   1018 C CG    . LYS A 1 155 ? 10.948  -8.533  -12.106 1.00 58.64 ? 135 LYS A CG    1 
ATOM   1019 C CD    . LYS A 1 155 ? 11.529  -9.974  -12.206 1.00 60.11 ? 135 LYS A CD    1 
ATOM   1020 C CE    . LYS A 1 155 ? 11.400  -10.544 -13.644 1.00 60.06 ? 135 LYS A CE    1 
ATOM   1021 N NZ    . LYS A 1 155 ? 12.527  -11.445 -14.007 1.00 59.40 ? 135 LYS A NZ    1 
ATOM   1022 N N     . ASN A 1 156 ? 7.596   -8.537  -10.443 1.00 56.86 ? 136 ASN A N     1 
ATOM   1023 C CA    . ASN A 1 156 ? 6.395   -9.173  -10.952 1.00 56.83 ? 136 ASN A CA    1 
ATOM   1024 C C     . ASN A 1 156 ? 5.332   -8.133  -11.283 1.00 57.13 ? 136 ASN A C     1 
ATOM   1025 O O     . ASN A 1 156 ? 4.761   -8.159  -12.370 1.00 57.44 ? 136 ASN A O     1 
ATOM   1026 C CB    . ASN A 1 156 ? 5.873   -10.216 -9.962  1.00 56.61 ? 136 ASN A CB    1 
ATOM   1027 C CG    . ASN A 1 156 ? 6.798   -11.415 -9.838  1.00 55.92 ? 136 ASN A CG    1 
ATOM   1028 O OD1   . ASN A 1 156 ? 7.615   -11.676 -10.710 1.00 55.36 ? 136 ASN A OD1   1 
ATOM   1029 N ND2   . ASN A 1 156 ? 6.674   -12.141 -8.742  1.00 56.04 ? 136 ASN A ND2   1 
ATOM   1030 N N     . ALA A 1 157 ? 5.091   -7.197  -10.373 1.00 57.34 ? 137 ALA A N     1 
ATOM   1031 C CA    . ALA A 1 157 ? 4.148   -6.113  -10.649 1.00 57.59 ? 137 ALA A CA    1 
ATOM   1032 C C     . ALA A 1 157 ? 4.579   -5.299  -11.879 1.00 57.80 ? 137 ALA A C     1 
ATOM   1033 O O     . ALA A 1 157 ? 3.756   -4.952  -12.718 1.00 57.95 ? 137 ALA A O     1 
ATOM   1034 C CB    . ALA A 1 157 ? 3.977   -5.210  -9.427  1.00 57.44 ? 137 ALA A CB    1 
ATOM   1035 N N     . TYR A 1 158 ? 5.869   -5.009  -11.992 1.00 58.12 ? 138 TYR A N     1 
ATOM   1036 C CA    . TYR A 1 158 ? 6.378   -4.236  -13.118 1.00 58.46 ? 138 TYR A CA    1 
ATOM   1037 C C     . TYR A 1 158 ? 6.060   -4.939  -14.425 1.00 58.71 ? 138 TYR A C     1 
ATOM   1038 O O     . TYR A 1 158 ? 5.450   -4.347  -15.317 1.00 58.99 ? 138 TYR A O     1 
ATOM   1039 C CB    . TYR A 1 158 ? 7.883   -4.048  -12.997 1.00 58.52 ? 138 TYR A CB    1 
ATOM   1040 C CG    . TYR A 1 158 ? 8.493   -3.306  -14.152 1.00 59.48 ? 138 TYR A CG    1 
ATOM   1041 C CD1   . TYR A 1 158 ? 8.227   -1.951  -14.346 1.00 60.57 ? 138 TYR A CD1   1 
ATOM   1042 C CD2   . TYR A 1 158 ? 9.349   -3.948  -15.044 1.00 60.55 ? 138 TYR A CD2   1 
ATOM   1043 C CE1   . TYR A 1 158 ? 8.794   -1.248  -15.400 1.00 61.30 ? 138 TYR A CE1   1 
ATOM   1044 C CE2   . TYR A 1 158 ? 9.933   -3.258  -16.105 1.00 61.47 ? 138 TYR A CE2   1 
ATOM   1045 C CZ    . TYR A 1 158 ? 9.647   -1.905  -16.279 1.00 62.38 ? 138 TYR A CZ    1 
ATOM   1046 O OH    . TYR A 1 158 ? 10.209  -1.204  -17.328 1.00 63.81 ? 138 TYR A OH    1 
ATOM   1047 N N     . ASP A 1 159 ? 6.474   -6.205  -14.517 1.00 58.82 ? 139 ASP A N     1 
ATOM   1048 C CA    . ASP A 1 159 ? 6.183   -7.066  -15.668 1.00 58.75 ? 139 ASP A CA    1 
ATOM   1049 C C     . ASP A 1 159 ? 4.687   -7.105  -15.961 1.00 58.76 ? 139 ASP A C     1 
ATOM   1050 O O     . ASP A 1 159 ? 4.262   -6.826  -17.073 1.00 58.63 ? 139 ASP A O     1 
ATOM   1051 C CB    . ASP A 1 159 ? 6.674   -8.492  -15.406 1.00 58.72 ? 139 ASP A CB    1 
ATOM   1052 C CG    . ASP A 1 159 ? 8.179   -8.570  -15.197 1.00 59.06 ? 139 ASP A CG    1 
ATOM   1053 O OD1   . ASP A 1 159 ? 8.652   -9.594  -14.642 1.00 59.97 ? 139 ASP A OD1   1 
ATOM   1054 O OD2   . ASP A 1 159 ? 8.886   -7.613  -15.579 1.00 58.44 ? 139 ASP A OD2   1 
ATOM   1055 N N     . ALA A 1 160 ? 3.898   -7.438  -14.947 1.00 58.99 ? 140 ALA A N     1 
ATOM   1056 C CA    . ALA A 1 160 ? 2.447   -7.507  -15.078 1.00 59.40 ? 140 ALA A CA    1 
ATOM   1057 C C     . ALA A 1 160 ? 1.835   -6.221  -15.647 1.00 59.85 ? 140 ALA A C     1 
ATOM   1058 O O     . ALA A 1 160 ? 0.828   -6.276  -16.351 1.00 59.82 ? 140 ALA A O     1 
ATOM   1059 C CB    . ALA A 1 160 ? 1.806   -7.850  -13.731 1.00 59.28 ? 140 ALA A CB    1 
ATOM   1060 N N     . ALA A 1 161 ? 2.436   -5.073  -15.341 1.00 60.47 ? 141 ALA A N     1 
ATOM   1061 C CA    . ALA A 1 161 ? 1.959   -3.794  -15.865 1.00 61.04 ? 141 ALA A CA    1 
ATOM   1062 C C     . ALA A 1 161 ? 2.347   -3.629  -17.333 1.00 61.66 ? 141 ALA A C     1 
ATOM   1063 O O     . ALA A 1 161 ? 1.513   -3.244  -18.151 1.00 61.69 ? 141 ALA A O     1 
ATOM   1064 C CB    . ALA A 1 161 ? 2.502   -2.632  -15.037 1.00 60.99 ? 141 ALA A CB    1 
ATOM   1065 N N     . LYS A 1 162 ? 3.607   -3.925  -17.657 1.00 62.39 ? 142 LYS A N     1 
ATOM   1066 C CA    . LYS A 1 162 ? 4.131   -3.765  -19.024 1.00 63.04 ? 142 LYS A CA    1 
ATOM   1067 C C     . LYS A 1 162 ? 3.505   -4.740  -20.023 1.00 63.45 ? 142 LYS A C     1 
ATOM   1068 O O     . LYS A 1 162 ? 3.191   -4.363  -21.156 1.00 63.52 ? 142 LYS A O     1 
ATOM   1069 C CB    . LYS A 1 162 ? 5.649   -3.943  -19.043 1.00 63.06 ? 142 LYS A CB    1 
ATOM   1070 C CG    . LYS A 1 162 ? 6.404   -2.854  -18.319 1.00 63.76 ? 142 LYS A CG    1 
ATOM   1071 C CD    . LYS A 1 162 ? 6.252   -1.489  -18.995 1.00 64.69 ? 142 LYS A CD    1 
ATOM   1072 C CE    . LYS A 1 162 ? 7.476   -0.611  -18.726 1.00 65.30 ? 142 LYS A CE    1 
ATOM   1073 N NZ    . LYS A 1 162 ? 7.431   0.684   -19.452 1.00 66.08 ? 142 LYS A NZ    1 
ATOM   1074 N N     . ASP A 1 163 ? 3.338   -5.989  -19.593 1.00 63.94 ? 143 ASP A N     1 
ATOM   1075 C CA    . ASP A 1 163 ? 2.683   -7.033  -20.394 1.00 64.28 ? 143 ASP A CA    1 
ATOM   1076 C C     . ASP A 1 163 ? 1.308   -6.575  -20.905 1.00 64.00 ? 143 ASP A C     1 
ATOM   1077 O O     . ASP A 1 163 ? 0.959   -6.827  -22.056 1.00 64.05 ? 143 ASP A O     1 
ATOM   1078 C CB    . ASP A 1 163 ? 2.543   -8.328  -19.565 1.00 64.59 ? 143 ASP A CB    1 
ATOM   1079 C CG    . ASP A 1 163 ? 2.441   -9.590  -20.432 1.00 65.75 ? 143 ASP A CG    1 
ATOM   1080 O OD1   . ASP A 1 163 ? 1.391   -10.283 -20.384 1.00 66.37 ? 143 ASP A OD1   1 
ATOM   1081 O OD2   . ASP A 1 163 ? 3.419   -9.891  -21.158 1.00 67.24 ? 143 ASP A OD2   1 
ATOM   1082 N N     . LYS A 1 164 ? 0.547   -5.896  -20.048 1.00 63.83 ? 144 LYS A N     1 
ATOM   1083 C CA    . LYS A 1 164 ? -0.786  -5.378  -20.396 1.00 63.82 ? 144 LYS A CA    1 
ATOM   1084 C C     . LYS A 1 164 ? -0.761  -3.901  -20.881 1.00 63.47 ? 144 LYS A C     1 
ATOM   1085 O O     . LYS A 1 164 ? -1.775  -3.374  -21.326 1.00 63.10 ? 144 LYS A O     1 
ATOM   1086 C CB    . LYS A 1 164 ? -1.737  -5.582  -19.201 1.00 63.88 ? 144 LYS A CB    1 
ATOM   1087 C CG    . LYS A 1 164 ? -3.028  -4.774  -19.230 1.00 64.92 ? 144 LYS A CG    1 
ATOM   1088 C CD    . LYS A 1 164 ? -4.048  -5.273  -18.194 1.00 66.24 ? 144 LYS A CD    1 
ATOM   1089 C CE    . LYS A 1 164 ? -5.157  -4.228  -17.947 1.00 66.65 ? 144 LYS A CE    1 
ATOM   1090 N NZ    . LYS A 1 164 ? -6.207  -4.673  -16.976 1.00 66.69 ? 144 LYS A NZ    1 
ATOM   1091 N N     . GLY A 1 165 ? 0.400   -3.249  -20.812 1.00 63.27 ? 145 GLY A N     1 
ATOM   1092 C CA    . GLY A 1 165 ? 0.591   -1.906  -21.388 1.00 63.04 ? 145 GLY A CA    1 
ATOM   1093 C C     . GLY A 1 165 ? 0.240   -0.737  -20.479 1.00 62.78 ? 145 GLY A C     1 
ATOM   1094 O O     . GLY A 1 165 ? 0.146   0.408   -20.941 1.00 62.93 ? 145 GLY A O     1 
ATOM   1095 N N     . VAL A 1 166 ? 0.058   -1.023  -19.186 1.00 62.18 ? 146 VAL A N     1 
ATOM   1096 C CA    . VAL A 1 166 ? -0.315  -0.020  -18.186 1.00 61.47 ? 146 VAL A CA    1 
ATOM   1097 C C     . VAL A 1 166 ? 0.896   0.859   -17.863 1.00 60.76 ? 146 VAL A C     1 
ATOM   1098 O O     . VAL A 1 166 ? 1.999   0.331   -17.665 1.00 60.70 ? 146 VAL A O     1 
ATOM   1099 C CB    . VAL A 1 166 ? -0.823  -0.700  -16.890 1.00 61.51 ? 146 VAL A CB    1 
ATOM   1100 C CG1   . VAL A 1 166 ? -1.084  0.326   -15.798 1.00 61.69 ? 146 VAL A CG1   1 
ATOM   1101 C CG2   . VAL A 1 166 ? -2.082  -1.509  -17.168 1.00 61.55 ? 146 VAL A CG2   1 
ATOM   1102 N N     . PRO A 1 167 ? 0.700   2.199   -17.809 1.00 59.86 ? 147 PRO A N     1 
ATOM   1103 C CA    . PRO A 1 167 ? 1.835   3.100   -17.569 1.00 59.13 ? 147 PRO A CA    1 
ATOM   1104 C C     . PRO A 1 167 ? 2.276   3.000   -16.125 1.00 58.21 ? 147 PRO A C     1 
ATOM   1105 O O     . PRO A 1 167 ? 1.428   2.947   -15.232 1.00 58.37 ? 147 PRO A O     1 
ATOM   1106 C CB    . PRO A 1 167 ? 1.252   4.485   -17.859 1.00 59.24 ? 147 PRO A CB    1 
ATOM   1107 C CG    . PRO A 1 167 ? -0.198  4.356   -17.505 1.00 59.59 ? 147 PRO A CG    1 
ATOM   1108 C CD    . PRO A 1 167 ? -0.582  2.935   -17.851 1.00 59.82 ? 147 PRO A CD    1 
ATOM   1109 N N     . VAL A 1 168 ? 3.580   2.966   -15.889 1.00 56.99 ? 148 VAL A N     1 
ATOM   1110 C CA    . VAL A 1 168 ? 4.077   2.692   -14.549 1.00 56.01 ? 148 VAL A CA    1 
ATOM   1111 C C     . VAL A 1 168 ? 5.346   3.504   -14.257 1.00 55.18 ? 148 VAL A C     1 
ATOM   1112 O O     . VAL A 1 168 ? 6.271   3.538   -15.075 1.00 55.33 ? 148 VAL A O     1 
ATOM   1113 C CB    . VAL A 1 168 ? 4.274   1.147   -14.358 1.00 55.94 ? 148 VAL A CB    1 
ATOM   1114 C CG1   . VAL A 1 168 ? 5.641   0.679   -14.844 1.00 55.76 ? 148 VAL A CG1   1 
ATOM   1115 C CG2   . VAL A 1 168 ? 4.053   0.752   -12.913 1.00 55.93 ? 148 VAL A CG2   1 
ATOM   1116 N N     . THR A 1 169 ? 5.366   4.188   -13.111 1.00 54.03 ? 149 THR A N     1 
ATOM   1117 C CA    . THR A 1 169 ? 6.569   4.889   -12.640 1.00 53.07 ? 149 THR A CA    1 
ATOM   1118 C C     . THR A 1 169 ? 7.146   4.153   -11.429 1.00 52.15 ? 149 THR A C     1 
ATOM   1119 O O     . THR A 1 169 ? 6.411   3.817   -10.500 1.00 52.14 ? 149 THR A O     1 
ATOM   1120 C CB    . THR A 1 169 ? 6.275   6.351   -12.213 1.00 53.06 ? 149 THR A CB    1 
ATOM   1121 O OG1   . THR A 1 169 ? 5.376   6.980   -13.134 1.00 52.74 ? 149 THR A OG1   1 
ATOM   1122 C CG2   . THR A 1 169 ? 7.567   7.152   -12.145 1.00 53.37 ? 149 THR A CG2   1 
ATOM   1123 N N     . VAL A 1 170 ? 8.455   3.909   -11.438 1.00 50.99 ? 150 VAL A N     1 
ATOM   1124 C CA    . VAL A 1 170 ? 9.127   3.259   -10.315 1.00 50.20 ? 150 VAL A CA    1 
ATOM   1125 C C     . VAL A 1 170 ? 10.169  4.186   -9.664  1.00 49.60 ? 150 VAL A C     1 
ATOM   1126 O O     . VAL A 1 170 ? 11.198  4.517   -10.270 1.00 49.40 ? 150 VAL A O     1 
ATOM   1127 C CB    . VAL A 1 170 ? 9.787   1.930   -10.746 1.00 50.15 ? 150 VAL A CB    1 
ATOM   1128 C CG1   . VAL A 1 170 ? 10.652  1.353   -9.624  1.00 50.08 ? 150 VAL A CG1   1 
ATOM   1129 C CG2   . VAL A 1 170 ? 8.723   0.935   -11.141 1.00 50.15 ? 150 VAL A CG2   1 
ATOM   1130 N N     . GLY A 1 171 ? 9.883   4.592   -8.426  1.00 48.84 ? 151 GLY A N     1 
ATOM   1131 C CA    . GLY A 1 171 ? 10.794  5.416   -7.623  1.00 48.19 ? 151 GLY A CA    1 
ATOM   1132 C C     . GLY A 1 171 ? 10.415  5.425   -6.150  1.00 47.52 ? 151 GLY A C     1 
ATOM   1133 O O     . GLY A 1 171 ? 9.757   4.500   -5.675  1.00 47.51 ? 151 GLY A O     1 
ATOM   1134 N N     . SER A 1 172 ? 10.816  6.478   -5.431  1.00 46.71 ? 152 SER A N     1 
ATOM   1135 C CA    . SER A 1 172 ? 10.528  6.591   -3.998  1.00 45.91 ? 152 SER A CA    1 
ATOM   1136 C C     . SER A 1 172 ? 9.286   7.429   -3.692  1.00 45.16 ? 152 SER A C     1 
ATOM   1137 O O     . SER A 1 172 ? 8.783   8.157   -4.537  1.00 44.59 ? 152 SER A O     1 
ATOM   1138 C CB    . SER A 1 172 ? 11.724  7.185   -3.262  1.00 45.82 ? 152 SER A CB    1 
ATOM   1139 O OG    . SER A 1 172 ? 11.707  8.589   -3.375  1.00 46.12 ? 152 SER A OG    1 
ATOM   1140 N N     . VAL A 1 173 ? 8.814   7.307   -2.456  1.00 44.89 ? 153 VAL A N     1 
ATOM   1141 C CA    . VAL A 1 173 ? 7.660   8.051   -1.947  1.00 44.63 ? 153 VAL A CA    1 
ATOM   1142 C C     . VAL A 1 173 ? 7.982   8.662   -0.581  1.00 44.55 ? 153 VAL A C     1 
ATOM   1143 O O     . VAL A 1 173 ? 9.109   8.562   -0.090  1.00 44.15 ? 153 VAL A O     1 
ATOM   1144 C CB    . VAL A 1 173 ? 6.415   7.149   -1.819  1.00 44.57 ? 153 VAL A CB    1 
ATOM   1145 C CG1   . VAL A 1 173 ? 5.976   6.662   -3.182  1.00 44.37 ? 153 VAL A CG1   1 
ATOM   1146 C CG2   . VAL A 1 173 ? 6.690   5.982   -0.877  1.00 44.20 ? 153 VAL A CG2   1 
ATOM   1147 N N     . PHE A 1 174 ? 6.983   9.308   0.015   1.00 44.71 ? 154 PHE A N     1 
ATOM   1148 C CA    . PHE A 1 174 ? 7.145   9.981   1.293   1.00 44.93 ? 154 PHE A CA    1 
ATOM   1149 C C     . PHE A 1 174 ? 6.019   9.660   2.267   1.00 45.48 ? 154 PHE A C     1 
ATOM   1150 O O     . PHE A 1 174 ? 4.899   10.140  2.100   1.00 45.48 ? 154 PHE A O     1 
ATOM   1151 C CB    . PHE A 1 174 ? 7.197   11.485  1.073   1.00 44.69 ? 154 PHE A CB    1 
ATOM   1152 C CG    . PHE A 1 174 ? 7.312   12.266  2.336   1.00 43.87 ? 154 PHE A CG    1 
ATOM   1153 C CD1   . PHE A 1 174 ? 8.404   12.089  3.168   1.00 43.54 ? 154 PHE A CD1   1 
ATOM   1154 C CD2   . PHE A 1 174 ? 6.326   13.174  2.701   1.00 43.58 ? 154 PHE A CD2   1 
ATOM   1155 C CE1   . PHE A 1 174 ? 8.516   12.808  4.346   1.00 43.68 ? 154 PHE A CE1   1 
ATOM   1156 C CE2   . PHE A 1 174 ? 6.425   13.904  3.870   1.00 43.04 ? 154 PHE A CE2   1 
ATOM   1157 C CZ    . PHE A 1 174 ? 7.520   13.726  4.696   1.00 43.60 ? 154 PHE A CZ    1 
ATOM   1158 N N     . THR A 1 175 ? 6.326   8.866   3.291   1.00 46.22 ? 155 THR A N     1 
ATOM   1159 C CA    . THR A 1 175 ? 5.361   8.546   4.339   1.00 46.89 ? 155 THR A CA    1 
ATOM   1160 C C     . THR A 1 175 ? 5.284   9.656   5.392   1.00 47.90 ? 155 THR A C     1 
ATOM   1161 O O     . THR A 1 175 ? 6.170   9.777   6.236   1.00 47.72 ? 155 THR A O     1 
ATOM   1162 C CB    . THR A 1 175 ? 5.719   7.234   5.038   1.00 46.79 ? 155 THR A CB    1 
ATOM   1163 O OG1   . THR A 1 175 ? 6.008   6.233   4.057   1.00 46.20 ? 155 THR A OG1   1 
ATOM   1164 C CG2   . THR A 1 175 ? 4.564   6.778   5.911   1.00 46.75 ? 155 THR A CG2   1 
ATOM   1165 N N     . ALA A 1 176 ? 4.220   10.456  5.342   1.00 49.30 ? 156 ALA A N     1 
ATOM   1166 C CA    . ALA A 1 176 ? 4.019   11.563  6.281   1.00 50.54 ? 156 ALA A CA    1 
ATOM   1167 C C     . ALA A 1 176 ? 3.273   11.117  7.538   1.00 51.95 ? 156 ALA A C     1 
ATOM   1168 O O     . ALA A 1 176 ? 2.596   10.081  7.546   1.00 52.18 ? 156 ALA A O     1 
ATOM   1169 C CB    . ALA A 1 176 ? 3.268   12.695  5.603   1.00 50.41 ? 156 ALA A CB    1 
ATOM   1170 N N     . ASP A 1 177 ? 3.420   11.899  8.605   1.00 53.71 ? 157 ASP A N     1 
ATOM   1171 C CA    . ASP A 1 177 ? 2.661   11.697  9.847   1.00 55.17 ? 157 ASP A CA    1 
ATOM   1172 C C     . ASP A 1 177 ? 1.441   12.611  9.880   1.00 56.45 ? 157 ASP A C     1 
ATOM   1173 O O     . ASP A 1 177 ? 0.405   12.242  10.409  1.00 56.67 ? 157 ASP A O     1 
ATOM   1174 C CB    . ASP A 1 177 ? 3.530   11.975  11.089  1.00 55.26 ? 157 ASP A CB    1 
ATOM   1175 C CG    . ASP A 1 177 ? 4.007   10.707  11.788  1.00 55.82 ? 157 ASP A CG    1 
ATOM   1176 O OD1   . ASP A 1 177 ? 3.731   9.580   11.307  1.00 56.16 ? 157 ASP A OD1   1 
ATOM   1177 O OD2   . ASP A 1 177 ? 4.671   10.855  12.842  1.00 57.04 ? 157 ASP A OD2   1 
ATOM   1178 N N     . GLN A 1 178 ? 1.570   13.810  9.324   1.00 58.09 ? 158 GLN A N     1 
ATOM   1179 C CA    . GLN A 1 178 ? 0.485   14.765  9.346   1.00 59.55 ? 158 GLN A CA    1 
ATOM   1180 C C     . GLN A 1 178 ? 0.000   15.051  7.942   1.00 60.60 ? 158 GLN A C     1 
ATOM   1181 O O     . GLN A 1 178 ? 0.764   15.511  7.104   1.00 60.61 ? 158 GLN A O     1 
ATOM   1182 C CB    . GLN A 1 178 ? 0.936   16.049  10.028  1.00 59.79 ? 158 GLN A CB    1 
ATOM   1183 C CG    . GLN A 1 178 ? 0.901   15.955  11.543  1.00 61.09 ? 158 GLN A CG    1 
ATOM   1184 C CD    . GLN A 1 178 ? 1.299   17.261  12.206  1.00 63.18 ? 158 GLN A CD    1 
ATOM   1185 O OE1   . GLN A 1 178 ? 0.453   17.955  12.778  1.00 64.88 ? 158 GLN A OE1   1 
ATOM   1186 N NE2   . GLN A 1 178 ? 2.586   17.615  12.117  1.00 63.25 ? 158 GLN A NE2   1 
ATOM   1187 N N     . PHE A 1 179 ? -1.279  14.777  7.704   1.00 62.17 ? 159 PHE A N     1 
ATOM   1188 C CA    . PHE A 1 179 ? -1.929  15.078  6.433   1.00 63.49 ? 159 PHE A CA    1 
ATOM   1189 C C     . PHE A 1 179 ? -1.853  16.571  6.079   1.00 64.91 ? 159 PHE A C     1 
ATOM   1190 O O     . PHE A 1 179 ? -1.648  16.924  4.916   1.00 64.82 ? 159 PHE A O     1 
ATOM   1191 C CB    . PHE A 1 179 ? -3.398  14.618  6.479   1.00 63.52 ? 159 PHE A CB    1 
ATOM   1192 C CG    . PHE A 1 179 ? -4.116  14.717  5.156   1.00 63.18 ? 159 PHE A CG    1 
ATOM   1193 C CD1   . PHE A 1 179 ? -3.958  13.737  4.187   1.00 63.04 ? 159 PHE A CD1   1 
ATOM   1194 C CD2   . PHE A 1 179 ? -4.954  15.788  4.886   1.00 62.98 ? 159 PHE A CD2   1 
ATOM   1195 C CE1   . PHE A 1 179 ? -4.616  13.830  2.973   1.00 62.79 ? 159 PHE A CE1   1 
ATOM   1196 C CE2   . PHE A 1 179 ? -5.615  15.892  3.677   1.00 62.60 ? 159 PHE A CE2   1 
ATOM   1197 C CZ    . PHE A 1 179 ? -5.446  14.912  2.720   1.00 62.89 ? 159 PHE A CZ    1 
ATOM   1198 N N     . TYR A 1 180 ? -2.013  17.435  7.081   1.00 66.81 ? 160 TYR A N     1 
ATOM   1199 C CA    . TYR A 1 180 ? -2.022  18.892  6.879   1.00 68.37 ? 160 TYR A CA    1 
ATOM   1200 C C     . TYR A 1 180 ? -0.742  19.561  7.403   1.00 69.78 ? 160 TYR A C     1 
ATOM   1201 O O     . TYR A 1 180 ? -0.798  20.342  8.352   1.00 70.07 ? 160 TYR A O     1 
ATOM   1202 C CB    . TYR A 1 180 ? -3.242  19.516  7.585   1.00 68.38 ? 160 TYR A CB    1 
ATOM   1203 C CG    . TYR A 1 180 ? -4.582  19.050  7.064   1.00 68.65 ? 160 TYR A CG    1 
ATOM   1204 C CD1   . TYR A 1 180 ? -5.353  18.131  7.777   1.00 68.95 ? 160 TYR A CD1   1 
ATOM   1205 C CD2   . TYR A 1 180 ? -5.082  19.534  5.861   1.00 69.05 ? 160 TYR A CD2   1 
ATOM   1206 C CE1   . TYR A 1 180 ? -6.590  17.708  7.297   1.00 69.31 ? 160 TYR A CE1   1 
ATOM   1207 C CE2   . TYR A 1 180 ? -6.308  19.110  5.369   1.00 69.23 ? 160 TYR A CE2   1 
ATOM   1208 C CZ    . TYR A 1 180 ? -7.058  18.201  6.088   1.00 69.45 ? 160 TYR A CZ    1 
ATOM   1209 O OH    . TYR A 1 180 ? -8.272  17.783  5.592   1.00 70.08 ? 160 TYR A OH    1 
ATOM   1210 N N     . ASN A 1 181 ? 0.404   19.290  6.784   1.00 71.52 ? 161 ASN A N     1 
ATOM   1211 C CA    . ASN A 1 181 ? 1.680   19.745  7.356   1.00 72.95 ? 161 ASN A CA    1 
ATOM   1212 C C     . ASN A 1 181 ? 2.019   21.217  7.039   1.00 74.17 ? 161 ASN A C     1 
ATOM   1213 O O     . ASN A 1 181 ? 2.203   21.582  5.868   1.00 74.35 ? 161 ASN A O     1 
ATOM   1214 C CB    . ASN A 1 181 ? 2.829   18.817  6.925   1.00 73.09 ? 161 ASN A CB    1 
ATOM   1215 C CG    . ASN A 1 181 ? 3.764   18.460  8.079   1.00 73.66 ? 161 ASN A CG    1 
ATOM   1216 O OD1   . ASN A 1 181 ? 3.844   19.175  9.083   1.00 74.20 ? 161 ASN A OD1   1 
ATOM   1217 N ND2   . ASN A 1 181 ? 4.470   17.340  7.940   1.00 74.04 ? 161 ASN A ND2   1 
ATOM   1218 N N     . ASP A 1 182 ? 2.092   22.046  8.089   1.00 75.53 ? 162 ASP A N     1 
ATOM   1219 C CA    . ASP A 1 182 ? 2.519   23.458  7.975   1.00 76.58 ? 162 ASP A CA    1 
ATOM   1220 C C     . ASP A 1 182 ? 4.009   23.539  7.618   1.00 76.98 ? 162 ASP A C     1 
ATOM   1221 O O     . ASP A 1 182 ? 4.401   24.241  6.673   1.00 77.07 ? 162 ASP A O     1 
ATOM   1222 C CB    . ASP A 1 182 ? 2.281   24.235  9.288   1.00 76.91 ? 162 ASP A CB    1 
ATOM   1223 C CG    . ASP A 1 182 ? 0.797   24.403  9.632   1.00 78.17 ? 162 ASP A CG    1 
ATOM   1224 O OD1   . ASP A 1 182 ? -0.052  24.435  8.709   1.00 79.61 ? 162 ASP A OD1   1 
ATOM   1225 O OD2   . ASP A 1 182 ? 0.484   24.514  10.841  1.00 79.42 ? 162 ASP A OD2   1 
ATOM   1226 N N     . ASP A 1 183 ? 4.827   22.822  8.397   1.00 77.41 ? 163 ASP A N     1 
ATOM   1227 C CA    . ASP A 1 183 ? 6.268   22.680  8.134   1.00 77.58 ? 163 ASP A CA    1 
ATOM   1228 C C     . ASP A 1 183 ? 6.474   21.622  7.034   1.00 77.39 ? 163 ASP A C     1 
ATOM   1229 O O     . ASP A 1 183 ? 7.111   20.583  7.276   1.00 77.60 ? 163 ASP A O     1 
ATOM   1230 C CB    . ASP A 1 183 ? 7.034   22.269  9.413   1.00 77.65 ? 163 ASP A CB    1 
ATOM   1231 C CG    . ASP A 1 183 ? 6.850   23.254  10.567  1.00 78.28 ? 163 ASP A CG    1 
ATOM   1232 O OD1   . ASP A 1 183 ? 7.814   23.981  10.892  1.00 79.05 ? 163 ASP A OD1   1 
ATOM   1233 O OD2   . ASP A 1 183 ? 5.747   23.296  11.161  1.00 79.27 ? 163 ASP A OD2   1 
ATOM   1234 N N     . SER A 1 184 ? 5.942   21.893  5.835   1.00 76.87 ? 164 SER A N     1 
ATOM   1235 C CA    . SER A 1 184 ? 5.945   20.916  4.740   1.00 76.37 ? 164 SER A CA    1 
ATOM   1236 C C     . SER A 1 184 ? 7.236   21.037  3.919   1.00 75.73 ? 164 SER A C     1 
ATOM   1237 O O     . SER A 1 184 ? 7.474   22.050  3.250   1.00 75.68 ? 164 SER A O     1 
ATOM   1238 C CB    . SER A 1 184 ? 4.703   21.073  3.846   1.00 76.34 ? 164 SER A CB    1 
ATOM   1239 O OG    . SER A 1 184 ? 4.081   19.815  3.655   1.00 76.25 ? 164 SER A OG    1 
ATOM   1240 N N     . GLN A 1 185 ? 8.066   19.998  3.996   1.00 74.79 ? 165 GLN A N     1 
ATOM   1241 C CA    . GLN A 1 185 ? 9.331   19.953  3.274   1.00 74.02 ? 165 GLN A CA    1 
ATOM   1242 C C     . GLN A 1 185 ? 9.216   19.155  1.988   1.00 73.06 ? 165 GLN A C     1 
ATOM   1243 O O     . GLN A 1 185 ? 10.212  18.937  1.304   1.00 73.19 ? 165 GLN A O     1 
ATOM   1244 C CB    . GLN A 1 185 ? 10.433  19.357  4.155   1.00 74.20 ? 165 GLN A CB    1 
ATOM   1245 C CG    . GLN A 1 185 ? 11.292  20.400  4.876   1.00 74.74 ? 165 GLN A CG    1 
ATOM   1246 C CD    . GLN A 1 185 ? 12.581  19.806  5.426   1.00 74.88 ? 165 GLN A CD    1 
ATOM   1247 O OE1   . GLN A 1 185 ? 12.553  19.043  6.390   1.00 75.19 ? 165 GLN A OE1   1 
ATOM   1248 N NE2   . GLN A 1 185 ? 13.713  20.149  4.809   1.00 74.66 ? 165 GLN A NE2   1 
ATOM   1249 N N     . ILE A 1 186 ? 8.004   18.732  1.641   1.00 71.84 ? 166 ILE A N     1 
ATOM   1250 C CA    . ILE A 1 186 ? 7.785   18.053  0.362   1.00 70.72 ? 166 ILE A CA    1 
ATOM   1251 C C     . ILE A 1 186 ? 8.187   18.922  -0.837  1.00 69.65 ? 166 ILE A C     1 
ATOM   1252 O O     . ILE A 1 186 ? 8.295   18.415  -1.946  1.00 69.70 ? 166 ILE A O     1 
ATOM   1253 C CB    . ILE A 1 186 ? 6.330   17.533  0.190   1.00 70.67 ? 166 ILE A CB    1 
ATOM   1254 C CG1   . ILE A 1 186 ? 5.321   18.678  0.187   1.00 70.60 ? 166 ILE A CG1   1 
ATOM   1255 C CG2   . ILE A 1 186 ? 5.988   16.519  1.284   1.00 70.59 ? 166 ILE A CG2   1 
ATOM   1256 C CD1   . ILE A 1 186 ? 3.892   18.195  0.150   1.00 70.81 ? 166 ILE A CD1   1 
ATOM   1257 N N     . GLU A 1 187 ? 8.409   20.219  -0.618  1.00 68.39 ? 167 GLU A N     1 
ATOM   1258 C CA    . GLU A 1 187 ? 9.023   21.069  -1.638  1.00 67.40 ? 167 GLU A CA    1 
ATOM   1259 C C     . GLU A 1 187 ? 10.476  20.689  -1.869  1.00 65.83 ? 167 GLU A C     1 
ATOM   1260 O O     . GLU A 1 187 ? 10.926  20.641  -3.017  1.00 65.44 ? 167 GLU A O     1 
ATOM   1261 C CB    . GLU A 1 187 ? 8.917   22.549  -1.264  1.00 67.71 ? 167 GLU A CB    1 
ATOM   1262 C CG    . GLU A 1 187 ? 7.509   23.115  -1.449  1.00 69.28 ? 167 GLU A CG    1 
ATOM   1263 C CD    . GLU A 1 187 ? 7.496   24.596  -1.830  1.00 71.20 ? 167 GLU A CD    1 
ATOM   1264 O OE1   . GLU A 1 187 ? 8.064   24.959  -2.893  1.00 71.93 ? 167 GLU A OE1   1 
ATOM   1265 O OE2   . GLU A 1 187 ? 6.896   25.392  -1.071  1.00 72.24 ? 167 GLU A OE2   1 
ATOM   1266 N N     . LYS A 1 188 ? 11.202  20.420  -0.784  1.00 64.16 ? 168 LYS A N     1 
ATOM   1267 C CA    . LYS A 1 188 ? 12.593  19.971  -0.883  1.00 63.01 ? 168 LYS A CA    1 
ATOM   1268 C C     . LYS A 1 188 ? 12.686  18.521  -1.379  1.00 61.67 ? 168 LYS A C     1 
ATOM   1269 O O     . LYS A 1 188 ? 13.558  18.203  -2.180  1.00 61.53 ? 168 LYS A O     1 
ATOM   1270 C CB    . LYS A 1 188 ? 13.341  20.136  0.450   1.00 63.06 ? 168 LYS A CB    1 
ATOM   1271 C CG    . LYS A 1 188 ? 14.813  19.701  0.389   1.00 63.72 ? 168 LYS A CG    1 
ATOM   1272 C CD    . LYS A 1 188 ? 15.636  20.141  1.612   1.00 64.74 ? 168 LYS A CD    1 
ATOM   1273 C CE    . LYS A 1 188 ? 16.601  21.297  1.297   1.00 65.28 ? 168 LYS A CE    1 
ATOM   1274 N NZ    . LYS A 1 188 ? 17.723  21.411  2.292   1.00 65.13 ? 168 LYS A NZ    1 
ATOM   1275 N N     . LEU A 1 189 ? 11.791  17.652  -0.912  1.00 60.05 ? 169 LEU A N     1 
ATOM   1276 C CA    . LEU A 1 189 ? 11.776  16.250  -1.351  1.00 58.73 ? 169 LEU A CA    1 
ATOM   1277 C C     . LEU A 1 189 ? 11.502  16.074  -2.840  1.00 57.88 ? 169 LEU A C     1 
ATOM   1278 O O     . LEU A 1 189 ? 12.076  15.191  -3.473  1.00 57.76 ? 169 LEU A O     1 
ATOM   1279 C CB    . LEU A 1 189 ? 10.729  15.458  -0.585  1.00 58.49 ? 169 LEU A CB    1 
ATOM   1280 C CG    . LEU A 1 189 ? 11.098  15.058  0.828   1.00 57.73 ? 169 LEU A CG    1 
ATOM   1281 C CD1   . LEU A 1 189 ? 9.919   14.338  1.424   1.00 57.28 ? 169 LEU A CD1   1 
ATOM   1282 C CD2   . LEU A 1 189 ? 12.326  14.179  0.817   1.00 56.36 ? 169 LEU A CD2   1 
ATOM   1283 N N     . ALA A 1 190 ? 10.605  16.896  -3.381  1.00 56.93 ? 170 ALA A N     1 
ATOM   1284 C CA    . ALA A 1 190 ? 10.300  16.910  -4.816  1.00 56.19 ? 170 ALA A CA    1 
ATOM   1285 C C     . ALA A 1 190 ? 11.552  17.140  -5.652  1.00 55.58 ? 170 ALA A C     1 
ATOM   1286 O O     . ALA A 1 190 ? 11.713  16.537  -6.707  1.00 55.36 ? 170 ALA A O     1 
ATOM   1287 C CB    . ALA A 1 190 ? 9.264   17.982  -5.128  1.00 56.09 ? 170 ALA A CB    1 
ATOM   1288 N N     . LYS A 1 191 ? 12.438  18.006  -5.166  1.00 55.09 ? 171 LYS A N     1 
ATOM   1289 C CA    . LYS A 1 191 ? 13.710  18.298  -5.843  1.00 54.77 ? 171 LYS A CA    1 
ATOM   1290 C C     . LYS A 1 191 ? 14.670  17.120  -5.855  1.00 53.70 ? 171 LYS A C     1 
ATOM   1291 O O     . LYS A 1 191 ? 15.546  17.052  -6.709  1.00 53.55 ? 171 LYS A O     1 
ATOM   1292 C CB    . LYS A 1 191 ? 14.397  19.524  -5.216  1.00 55.09 ? 171 LYS A CB    1 
ATOM   1293 C CG    . LYS A 1 191 ? 13.750  20.843  -5.652  1.00 56.70 ? 171 LYS A CG    1 
ATOM   1294 C CD    . LYS A 1 191 ? 14.136  22.051  -4.787  1.00 58.04 ? 171 LYS A CD    1 
ATOM   1295 C CE    . LYS A 1 191 ? 13.561  23.335  -5.404  1.00 58.71 ? 171 LYS A CE    1 
ATOM   1296 N NZ    . LYS A 1 191 ? 13.438  24.442  -4.418  1.00 59.21 ? 171 LYS A NZ    1 
ATOM   1297 N N     . TYR A 1 192 ? 14.505  16.202  -4.909  1.00 52.74 ? 172 TYR A N     1 
ATOM   1298 C CA    . TYR A 1 192 ? 15.373  15.029  -4.804  1.00 52.03 ? 172 TYR A CA    1 
ATOM   1299 C C     . TYR A 1 192 ? 14.796  13.809  -5.538  1.00 51.37 ? 172 TYR A C     1 
ATOM   1300 O O     . TYR A 1 192 ? 15.399  12.729  -5.520  1.00 51.41 ? 172 TYR A O     1 
ATOM   1301 C CB    . TYR A 1 192 ? 15.659  14.700  -3.329  1.00 51.95 ? 172 TYR A CB    1 
ATOM   1302 C CG    . TYR A 1 192 ? 16.708  15.590  -2.675  1.00 51.57 ? 172 TYR A CG    1 
ATOM   1303 C CD1   . TYR A 1 192 ? 16.458  16.928  -2.413  1.00 51.48 ? 172 TYR A CD1   1 
ATOM   1304 C CD2   . TYR A 1 192 ? 17.937  15.083  -2.305  1.00 51.81 ? 172 TYR A CD2   1 
ATOM   1305 C CE1   . TYR A 1 192 ? 17.410  17.735  -1.810  1.00 51.49 ? 172 TYR A CE1   1 
ATOM   1306 C CE2   . TYR A 1 192 ? 18.893  15.881  -1.703  1.00 51.97 ? 172 TYR A CE2   1 
ATOM   1307 C CZ    . TYR A 1 192 ? 18.627  17.202  -1.459  1.00 51.64 ? 172 TYR A CZ    1 
ATOM   1308 O OH    . TYR A 1 192 ? 19.597  17.976  -0.861  1.00 52.30 ? 172 TYR A OH    1 
ATOM   1309 N N     . GLY A 1 193 ? 13.639  13.985  -6.181  1.00 50.52 ? 173 GLY A N     1 
ATOM   1310 C CA    . GLY A 1 193 ? 13.059  12.960  -7.057  1.00 49.78 ? 173 GLY A CA    1 
ATOM   1311 C C     . GLY A 1 193 ? 11.857  12.214  -6.514  1.00 49.21 ? 173 GLY A C     1 
ATOM   1312 O O     . GLY A 1 193 ? 11.240  11.443  -7.235  1.00 49.26 ? 173 GLY A O     1 
ATOM   1313 N N     . VAL A 1 194 ? 11.518  12.440  -5.250  1.00 48.71 ? 174 VAL A N     1 
ATOM   1314 C CA    . VAL A 1 194 ? 10.430  11.714  -4.599  1.00 48.29 ? 174 VAL A CA    1 
ATOM   1315 C C     . VAL A 1 194 ? 9.131   11.970  -5.350  1.00 48.14 ? 174 VAL A C     1 
ATOM   1316 O O     . VAL A 1 194 ? 8.825   13.102  -5.698  1.00 48.10 ? 174 VAL A O     1 
ATOM   1317 C CB    . VAL A 1 194 ? 10.278  12.136  -3.129  1.00 48.30 ? 174 VAL A CB    1 
ATOM   1318 C CG1   . VAL A 1 194 ? 9.268   11.250  -2.413  1.00 47.91 ? 174 VAL A CG1   1 
ATOM   1319 C CG2   . VAL A 1 194 ? 11.638  12.094  -2.425  1.00 48.13 ? 174 VAL A CG2   1 
ATOM   1320 N N     . LEU A 1 195 ? 8.375   10.911  -5.603  1.00 48.07 ? 175 LEU A N     1 
ATOM   1321 C CA    . LEU A 1 195 ? 7.269   10.956  -6.564  1.00 47.89 ? 175 LEU A CA    1 
ATOM   1322 C C     . LEU A 1 195 ? 5.961   11.452  -5.955  1.00 47.76 ? 175 LEU A C     1 
ATOM   1323 O O     . LEU A 1 195 ? 5.140   12.054  -6.653  1.00 48.14 ? 175 LEU A O     1 
ATOM   1324 C CB    . LEU A 1 195 ? 7.065   9.571   -7.196  1.00 47.86 ? 175 LEU A CB    1 
ATOM   1325 C CG    . LEU A 1 195 ? 8.275   9.039   -7.978  1.00 47.96 ? 175 LEU A CG    1 
ATOM   1326 C CD1   . LEU A 1 195 ? 8.134   7.560   -8.254  1.00 47.66 ? 175 LEU A CD1   1 
ATOM   1327 C CD2   . LEU A 1 195 ? 8.484   9.816   -9.279  1.00 48.08 ? 175 LEU A CD2   1 
ATOM   1328 N N     . GLY A 1 196 ? 5.754   11.210  -4.666  1.00 47.26 ? 176 GLY A N     1 
ATOM   1329 C CA    . GLY A 1 196 ? 4.524   11.642  -4.026  1.00 46.86 ? 176 GLY A CA    1 
ATOM   1330 C C     . GLY A 1 196 ? 4.462   11.250  -2.571  1.00 46.65 ? 176 GLY A C     1 
ATOM   1331 O O     . GLY A 1 196 ? 5.352   10.558  -2.066  1.00 46.50 ? 176 GLY A O     1 
ATOM   1332 N N     . VAL A 1 197 ? 3.388   11.675  -1.910  1.00 46.37 ? 177 VAL A N     1 
ATOM   1333 C CA    . VAL A 1 197 ? 3.266   11.549  -0.466  1.00 46.40 ? 177 VAL A CA    1 
ATOM   1334 C C     . VAL A 1 197 ? 2.037   10.757  -0.057  1.00 46.61 ? 177 VAL A C     1 
ATOM   1335 O O     . VAL A 1 197 ? 0.924   11.036  -0.511  1.00 46.90 ? 177 VAL A O     1 
ATOM   1336 C CB    . VAL A 1 197 ? 3.176   12.919  0.213   1.00 46.30 ? 177 VAL A CB    1 
ATOM   1337 C CG1   . VAL A 1 197 ? 2.158   13.805  -0.492  1.00 46.12 ? 177 VAL A CG1   1 
ATOM   1338 C CG2   . VAL A 1 197 ? 2.816   12.750  1.687   1.00 46.27 ? 177 VAL A CG2   1 
ATOM   1339 N N     . GLU A 1 198 ? 2.246   9.775   0.815   1.00 46.57 ? 178 GLU A N     1 
ATOM   1340 C CA    . GLU A 1 198 ? 1.147   9.042   1.428   1.00 46.70 ? 178 GLU A CA    1 
ATOM   1341 C C     . GLU A 1 198 ? 1.520   8.815   2.886   1.00 46.52 ? 178 GLU A C     1 
ATOM   1342 O O     . GLU A 1 198 ? 2.443   9.468   3.357   1.00 46.88 ? 178 GLU A O     1 
ATOM   1343 C CB    . GLU A 1 198 ? 0.852   7.761   0.661   1.00 46.78 ? 178 GLU A CB    1 
ATOM   1344 C CG    . GLU A 1 198 ? 2.053   6.994   0.237   1.00 47.81 ? 178 GLU A CG    1 
ATOM   1345 C CD    . GLU A 1 198 ? 2.624   6.212   1.368   1.00 49.65 ? 178 GLU A CD    1 
ATOM   1346 O OE1   . GLU A 1 198 ? 2.037   5.164   1.726   1.00 50.54 ? 178 GLU A OE1   1 
ATOM   1347 O OE2   . GLU A 1 198 ? 3.657   6.654   1.906   1.00 51.74 ? 178 GLU A OE2   1 
ATOM   1348 N N     . MET A 1 199 ? 0.819   7.948   3.620   1.00 46.11 ? 179 MET A N     1 
ATOM   1349 C CA    . MET A 1 199 ? 1.045   7.860   5.067   1.00 45.81 ? 179 MET A CA    1 
ATOM   1350 C C     . MET A 1 199 ? 1.164   6.440   5.647   1.00 45.67 ? 179 MET A C     1 
ATOM   1351 O O     . MET A 1 199 ? 0.827   6.232   6.809   1.00 45.62 ? 179 MET A O     1 
ATOM   1352 C CB    . MET A 1 199 ? -0.068  8.599   5.808   1.00 45.72 ? 179 MET A CB    1 
ATOM   1353 C CG    . MET A 1 199 ? -0.421  9.962   5.264   1.00 45.65 ? 179 MET A CG    1 
ATOM   1354 S SD    . MET A 1 199 ? -1.791  10.663  6.210   1.00 46.33 ? 179 MET A SD    1 
ATOM   1355 C CE    . MET A 1 199 ? -0.920  11.512  7.523   1.00 46.78 ? 179 MET A CE    1 
ATOM   1356 N N     . GLU A 1 200 ? 1.645   5.472   4.868   1.00 45.53 ? 180 GLU A N     1 
ATOM   1357 C CA    . GLU A 1 200 ? 1.742   4.088   5.361   1.00 45.40 ? 180 GLU A CA    1 
ATOM   1358 C C     . GLU A 1 200 ? 2.998   3.330   4.983   1.00 44.95 ? 180 GLU A C     1 
ATOM   1359 O O     . GLU A 1 200 ? 3.484   2.532   5.776   1.00 45.01 ? 180 GLU A O     1 
ATOM   1360 C CB    . GLU A 1 200 ? 0.548   3.258   4.895   1.00 45.58 ? 180 GLU A CB    1 
ATOM   1361 C CG    . GLU A 1 200 ? -0.760  3.592   5.586   1.00 47.11 ? 180 GLU A CG    1 
ATOM   1362 C CD    . GLU A 1 200 ? -1.445  4.830   5.024   1.00 49.50 ? 180 GLU A CD    1 
ATOM   1363 O OE1   . GLU A 1 200 ? -1.100  5.275   3.898   1.00 51.22 ? 180 GLU A OE1   1 
ATOM   1364 O OE2   . GLU A 1 200 ? -2.341  5.362   5.717   1.00 50.71 ? 180 GLU A OE2   1 
ATOM   1365 N N     . THR A 1 201 ? 3.520   3.557   3.786   1.00 44.50 ? 181 THR A N     1 
ATOM   1366 C CA    . THR A 1 201 ? 4.510   2.644   3.212   1.00 44.30 ? 181 THR A CA    1 
ATOM   1367 C C     . THR A 1 201 ? 5.727   2.343   4.094   1.00 44.05 ? 181 THR A C     1 
ATOM   1368 O O     . THR A 1 201 ? 6.121   1.185   4.213   1.00 44.16 ? 181 THR A O     1 
ATOM   1369 C CB    . THR A 1 201 ? 4.995   3.127   1.840   1.00 44.36 ? 181 THR A CB    1 
ATOM   1370 O OG1   . THR A 1 201 ? 3.871   3.255   0.954   1.00 44.48 ? 181 THR A OG1   1 
ATOM   1371 C CG2   . THR A 1 201 ? 6.005   2.127   1.252   1.00 44.30 ? 181 THR A CG2   1 
ATOM   1372 N N     . THR A 1 202 ? 6.327   3.357   4.705   1.00 43.68 ? 182 THR A N     1 
ATOM   1373 C CA    . THR A 1 202 ? 7.501   3.112   5.534   1.00 43.43 ? 182 THR A CA    1 
ATOM   1374 C C     . THR A 1 202 ? 7.215   2.033   6.566   1.00 43.10 ? 182 THR A C     1 
ATOM   1375 O O     . THR A 1 202 ? 8.061   1.178   6.817   1.00 43.15 ? 182 THR A O     1 
ATOM   1376 C CB    . THR A 1 202 ? 8.019   4.384   6.227   1.00 43.51 ? 182 THR A CB    1 
ATOM   1377 O OG1   . THR A 1 202 ? 8.915   5.064   5.343   1.00 43.97 ? 182 THR A OG1   1 
ATOM   1378 C CG2   . THR A 1 202 ? 8.783   4.038   7.508   1.00 43.59 ? 182 THR A CG2   1 
ATOM   1379 N N     . ALA A 1 203 ? 6.017   2.063   7.142   1.00 42.81 ? 183 ALA A N     1 
ATOM   1380 C CA    . ALA A 1 203 ? 5.601   1.052   8.121   1.00 42.64 ? 183 ALA A CA    1 
ATOM   1381 C C     . ALA A 1 203 ? 5.567   -0.342  7.500   1.00 42.51 ? 183 ALA A C     1 
ATOM   1382 O O     . ALA A 1 203 ? 6.271   -1.245  7.954   1.00 42.55 ? 183 ALA A O     1 
ATOM   1383 C CB    . ALA A 1 203 ? 4.243   1.404   8.712   1.00 42.48 ? 183 ALA A CB    1 
ATOM   1384 N N     . LEU A 1 204 ? 4.762   -0.509  6.454   1.00 42.39 ? 184 LEU A N     1 
ATOM   1385 C CA    . LEU A 1 204 ? 4.678   -1.783  5.751   1.00 42.51 ? 184 LEU A CA    1 
ATOM   1386 C C     . LEU A 1 204 ? 6.066   -2.341  5.440   1.00 42.63 ? 184 LEU A C     1 
ATOM   1387 O O     . LEU A 1 204 ? 6.391   -3.465  5.820   1.00 42.94 ? 184 LEU A O     1 
ATOM   1388 C CB    . LEU A 1 204 ? 3.892   -1.632  4.444   1.00 42.58 ? 184 LEU A CB    1 
ATOM   1389 C CG    . LEU A 1 204 ? 3.775   -2.894  3.569   1.00 42.42 ? 184 LEU A CG    1 
ATOM   1390 C CD1   . LEU A 1 204 ? 2.602   -3.730  4.003   1.00 41.84 ? 184 LEU A CD1   1 
ATOM   1391 C CD2   . LEU A 1 204 ? 3.644   -2.547  2.091   1.00 42.48 ? 184 LEU A CD2   1 
ATOM   1392 N N     . TYR A 1 205 ? 6.884   -1.554  4.756   1.00 42.50 ? 185 TYR A N     1 
ATOM   1393 C CA    . TYR A 1 205 ? 8.155   -2.059  4.260   1.00 42.71 ? 185 TYR A CA    1 
ATOM   1394 C C     . TYR A 1 205 ? 9.070   -2.494  5.390   1.00 42.60 ? 185 TYR A C     1 
ATOM   1395 O O     . TYR A 1 205 ? 9.844   -3.448  5.231   1.00 43.08 ? 185 TYR A O     1 
ATOM   1396 C CB    . TYR A 1 205 ? 8.862   -1.013  3.384   1.00 42.87 ? 185 TYR A CB    1 
ATOM   1397 C CG    . TYR A 1 205 ? 8.331   -0.899  1.967   1.00 43.49 ? 185 TYR A CG    1 
ATOM   1398 C CD1   . TYR A 1 205 ? 7.064   -1.381  1.626   1.00 44.53 ? 185 TYR A CD1   1 
ATOM   1399 C CD2   . TYR A 1 205 ? 9.075   -0.277  0.978   1.00 43.92 ? 185 TYR A CD2   1 
ATOM   1400 C CE1   . TYR A 1 205 ? 6.573   -1.268  0.343   1.00 44.61 ? 185 TYR A CE1   1 
ATOM   1401 C CE2   . TYR A 1 205 ? 8.585   -0.152  -0.315  1.00 44.47 ? 185 TYR A CE2   1 
ATOM   1402 C CZ    . TYR A 1 205 ? 7.329   -0.654  -0.624  1.00 44.76 ? 185 TYR A CZ    1 
ATOM   1403 O OH    . TYR A 1 205 ? 6.816   -0.558  -1.896  1.00 45.03 ? 185 TYR A OH    1 
ATOM   1404 N N     . THR A 1 206 ? 8.985   -1.798  6.519   1.00 42.12 ? 186 THR A N     1 
ATOM   1405 C CA    . THR A 1 206 ? 9.918   -2.016  7.610   1.00 41.78 ? 186 THR A CA    1 
ATOM   1406 C C     . THR A 1 206 ? 9.529   -3.258  8.378   1.00 41.60 ? 186 THR A C     1 
ATOM   1407 O O     . THR A 1 206 ? 10.367  -4.108  8.664   1.00 41.33 ? 186 THR A O     1 
ATOM   1408 C CB    . THR A 1 206 ? 9.950   -0.817  8.576   1.00 41.84 ? 186 THR A CB    1 
ATOM   1409 O OG1   . THR A 1 206 ? 10.255  0.386   7.854   1.00 41.49 ? 186 THR A OG1   1 
ATOM   1410 C CG2   . THR A 1 206 ? 10.991  -1.037  9.659   1.00 41.51 ? 186 THR A CG2   1 
ATOM   1411 N N     . LEU A 1 207 ? 8.246   -3.357  8.708   1.00 41.64 ? 187 LEU A N     1 
ATOM   1412 C CA    . LEU A 1 207 ? 7.743   -4.478  9.500   1.00 41.65 ? 187 LEU A CA    1 
ATOM   1413 C C     . LEU A 1 207 ? 7.831   -5.772  8.708   1.00 41.75 ? 187 LEU A C     1 
ATOM   1414 O O     . LEU A 1 207 ? 8.150   -6.815  9.269   1.00 41.61 ? 187 LEU A O     1 
ATOM   1415 C CB    . LEU A 1 207 ? 6.308   -4.219  9.949   1.00 41.53 ? 187 LEU A CB    1 
ATOM   1416 C CG    . LEU A 1 207 ? 6.145   -2.997  10.858  1.00 41.48 ? 187 LEU A CG    1 
ATOM   1417 C CD1   . LEU A 1 207 ? 4.675   -2.619  11.009  1.00 41.52 ? 187 LEU A CD1   1 
ATOM   1418 C CD2   . LEU A 1 207 ? 6.780   -3.248  12.215  1.00 41.37 ? 187 LEU A CD2   1 
ATOM   1419 N N     . ALA A 1 208 ? 7.562   -5.695  7.405   1.00 42.00 ? 188 ALA A N     1 
ATOM   1420 C CA    . ALA A 1 208 ? 7.720   -6.839  6.515   1.00 42.17 ? 188 ALA A CA    1 
ATOM   1421 C C     . ALA A 1 208 ? 9.159   -7.310  6.557   1.00 42.58 ? 188 ALA A C     1 
ATOM   1422 O O     . ALA A 1 208 ? 9.419   -8.494  6.729   1.00 42.68 ? 188 ALA A O     1 
ATOM   1423 C CB    . ALA A 1 208 ? 7.322   -6.483  5.088   1.00 41.90 ? 188 ALA A CB    1 
ATOM   1424 N N     . ALA A 1 209 ? 10.092  -6.376  6.422   1.00 43.22 ? 189 ALA A N     1 
ATOM   1425 C CA    . ALA A 1 209 ? 11.503  -6.727  6.334   1.00 43.97 ? 189 ALA A CA    1 
ATOM   1426 C C     . ALA A 1 209 ? 12.027  -7.324  7.654   1.00 44.87 ? 189 ALA A C     1 
ATOM   1427 O O     . ALA A 1 209 ? 12.831  -8.272  7.644   1.00 44.58 ? 189 ALA A O     1 
ATOM   1428 C CB    . ALA A 1 209 ? 12.322  -5.508  5.923   1.00 43.90 ? 189 ALA A CB    1 
ATOM   1429 N N     . LYS A 1 210 ? 11.551  -6.775  8.778   1.00 45.80 ? 190 LYS A N     1 
ATOM   1430 C CA    . LYS A 1 210 ? 11.979  -7.206  10.114  1.00 46.53 ? 190 LYS A CA    1 
ATOM   1431 C C     . LYS A 1 210 ? 11.648  -8.672  10.369  1.00 46.83 ? 190 LYS A C     1 
ATOM   1432 O O     . LYS A 1 210 ? 12.437  -9.400  10.973  1.00 46.77 ? 190 LYS A O     1 
ATOM   1433 C CB    . LYS A 1 210 ? 11.328  -6.332  11.204  1.00 46.83 ? 190 LYS A CB    1 
ATOM   1434 C CG    . LYS A 1 210 ? 11.514  -6.870  12.649  1.00 48.16 ? 190 LYS A CG    1 
ATOM   1435 C CD    . LYS A 1 210 ? 11.391  -5.781  13.741  1.00 49.58 ? 190 LYS A CD    1 
ATOM   1436 C CE    . LYS A 1 210 ? 9.958   -5.625  14.260  1.00 50.79 ? 190 LYS A CE    1 
ATOM   1437 N NZ    . LYS A 1 210 ? 9.892   -4.742  15.469  1.00 51.52 ? 190 LYS A NZ    1 
ATOM   1438 N N     . HIS A 1 211 ? 10.473  -9.086  9.905   1.00 47.34 ? 191 HIS A N     1 
ATOM   1439 C CA    . HIS A 1 211 ? 9.960   -10.425 10.155  1.00 47.65 ? 191 HIS A CA    1 
ATOM   1440 C C     . HIS A 1 211 ? 10.176  -11.359 8.966   1.00 47.74 ? 191 HIS A C     1 
ATOM   1441 O O     . HIS A 1 211 ? 9.697   -12.487 8.973   1.00 47.94 ? 191 HIS A O     1 
ATOM   1442 C CB    . HIS A 1 211 ? 8.479   -10.346 10.527  1.00 47.75 ? 191 HIS A CB    1 
ATOM   1443 C CG    . HIS A 1 211 ? 8.224   -9.607  11.804  1.00 48.63 ? 191 HIS A CG    1 
ATOM   1444 N ND1   . HIS A 1 211 ? 8.675   -10.060 13.025  1.00 49.32 ? 191 HIS A ND1   1 
ATOM   1445 C CD2   . HIS A 1 211 ? 7.566   -8.449  12.053  1.00 50.03 ? 191 HIS A CD2   1 
ATOM   1446 C CE1   . HIS A 1 211 ? 8.309   -9.213  13.972  1.00 50.17 ? 191 HIS A CE1   1 
ATOM   1447 N NE2   . HIS A 1 211 ? 7.634   -8.225  13.409  1.00 50.45 ? 191 HIS A NE2   1 
ATOM   1448 N N     . GLY A 1 212 ? 10.904  -10.897 7.954   1.00 47.94 ? 192 GLY A N     1 
ATOM   1449 C CA    . GLY A 1 212 ? 11.304  -11.759 6.841   1.00 48.10 ? 192 GLY A CA    1 
ATOM   1450 C C     . GLY A 1 212 ? 10.172  -12.087 5.893   1.00 48.24 ? 192 GLY A C     1 
ATOM   1451 O O     . GLY A 1 212 ? 10.110  -13.184 5.343   1.00 48.08 ? 192 GLY A O     1 
ATOM   1452 N N     . ARG A 1 213 ? 9.276   -11.125 5.710   1.00 48.53 ? 193 ARG A N     1 
ATOM   1453 C CA    . ARG A 1 213 ? 8.168   -11.257 4.785   1.00 48.79 ? 193 ARG A CA    1 
ATOM   1454 C C     . ARG A 1 213 ? 8.391   -10.339 3.587   1.00 48.95 ? 193 ARG A C     1 
ATOM   1455 O O     . ARG A 1 213 ? 9.401   -9.633  3.502   1.00 48.81 ? 193 ARG A O     1 
ATOM   1456 C CB    . ARG A 1 213 ? 6.851   -10.930 5.497   1.00 48.90 ? 193 ARG A CB    1 
ATOM   1457 C CG    . ARG A 1 213 ? 6.647   -11.669 6.821   1.00 49.69 ? 193 ARG A CG    1 
ATOM   1458 C CD    . ARG A 1 213 ? 6.697   -13.191 6.649   1.00 51.30 ? 193 ARG A CD    1 
ATOM   1459 N NE    . ARG A 1 213 ? 6.981   -13.891 7.902   1.00 52.38 ? 193 ARG A NE    1 
ATOM   1460 C CZ    . ARG A 1 213 ? 6.070   -14.271 8.799   1.00 53.15 ? 193 ARG A CZ    1 
ATOM   1461 N NH1   . ARG A 1 213 ? 4.779   -14.032 8.615   1.00 53.58 ? 193 ARG A NH1   1 
ATOM   1462 N NH2   . ARG A 1 213 ? 6.461   -14.901 9.899   1.00 53.72 ? 193 ARG A NH2   1 
ATOM   1463 N N     . LYS A 1 214 ? 7.445   -10.364 2.657   1.00 49.24 ? 194 LYS A N     1 
ATOM   1464 C CA    . LYS A 1 214 ? 7.558   -9.618  1.412   1.00 49.42 ? 194 LYS A CA    1 
ATOM   1465 C C     . LYS A 1 214 ? 6.463   -8.560  1.317   1.00 49.46 ? 194 LYS A C     1 
ATOM   1466 O O     . LYS A 1 214 ? 5.280   -8.860  1.520   1.00 49.19 ? 194 LYS A O     1 
ATOM   1467 C CB    . LYS A 1 214 ? 7.450   -10.578 0.238   1.00 49.44 ? 194 LYS A CB    1 
ATOM   1468 C CG    . LYS A 1 214 ? 8.470   -11.690 0.272   1.00 49.91 ? 194 LYS A CG    1 
ATOM   1469 C CD    . LYS A 1 214 ? 8.249   -12.647 -0.877  1.00 51.10 ? 194 LYS A CD    1 
ATOM   1470 C CE    . LYS A 1 214 ? 9.444   -13.556 -1.103  1.00 51.98 ? 194 LYS A CE    1 
ATOM   1471 N NZ    . LYS A 1 214 ? 9.742   -13.680 -2.570  1.00 52.60 ? 194 LYS A NZ    1 
ATOM   1472 N N     . ALA A 1 215 ? 6.865   -7.327  1.009   1.00 49.52 ? 195 ALA A N     1 
ATOM   1473 C CA    . ALA A 1 215 ? 5.924   -6.220  0.891   1.00 49.54 ? 195 ALA A CA    1 
ATOM   1474 C C     . ALA A 1 215 ? 6.158   -5.400  -0.369  1.00 49.62 ? 195 ALA A C     1 
ATOM   1475 O O     . ALA A 1 215 ? 7.224   -5.468  -0.980  1.00 49.45 ? 195 ALA A O     1 
ATOM   1476 C CB    . ALA A 1 215 ? 5.998   -5.338  2.116   1.00 49.53 ? 195 ALA A CB    1 
ATOM   1477 N N     . LEU A 1 216 ? 5.132   -4.649  -0.760  1.00 49.83 ? 196 LEU A N     1 
ATOM   1478 C CA    . LEU A 1 216 ? 5.222   -3.698  -1.867  1.00 50.10 ? 196 LEU A CA    1 
ATOM   1479 C C     . LEU A 1 216 ? 4.040   -2.751  -1.765  1.00 50.36 ? 196 LEU A C     1 
ATOM   1480 O O     . LEU A 1 216 ? 2.930   -3.176  -1.463  1.00 50.53 ? 196 LEU A O     1 
ATOM   1481 C CB    . LEU A 1 216 ? 5.194   -4.415  -3.222  1.00 50.04 ? 196 LEU A CB    1 
ATOM   1482 C CG    . LEU A 1 216 ? 5.162   -3.534  -4.487  1.00 50.10 ? 196 LEU A CG    1 
ATOM   1483 C CD1   . LEU A 1 216 ? 6.555   -3.002  -4.830  1.00 49.58 ? 196 LEU A CD1   1 
ATOM   1484 C CD2   . LEU A 1 216 ? 4.570   -4.295  -5.677  1.00 49.43 ? 196 LEU A CD2   1 
ATOM   1485 N N     . SER A 1 217 ? 4.282   -1.467  -2.003  1.00 50.66 ? 197 SER A N     1 
ATOM   1486 C CA    . SER A 1 217 ? 3.204   -0.496  -2.114  1.00 51.04 ? 197 SER A CA    1 
ATOM   1487 C C     . SER A 1 217 ? 2.965   -0.224  -3.581  1.00 51.50 ? 197 SER A C     1 
ATOM   1488 O O     . SER A 1 217 ? 3.910   -0.037  -4.345  1.00 51.40 ? 197 SER A O     1 
ATOM   1489 C CB    . SER A 1 217 ? 3.558   0.815   -1.411  1.00 51.03 ? 197 SER A CB    1 
ATOM   1490 O OG    . SER A 1 217 ? 3.086   0.825   -0.082  1.00 50.98 ? 197 SER A OG    1 
ATOM   1491 N N     . ILE A 1 218 ? 1.701   -0.215  -3.974  1.00 52.22 ? 198 ILE A N     1 
ATOM   1492 C CA    . ILE A 1 218 ? 1.328   0.234   -5.301  1.00 53.03 ? 198 ILE A CA    1 
ATOM   1493 C C     . ILE A 1 218 ? 0.291   1.332   -5.133  1.00 53.72 ? 198 ILE A C     1 
ATOM   1494 O O     . ILE A 1 218 ? -0.690  1.164   -4.402  1.00 53.90 ? 198 ILE A O     1 
ATOM   1495 C CB    . ILE A 1 218 ? 0.771   -0.898  -6.155  1.00 53.10 ? 198 ILE A CB    1 
ATOM   1496 C CG1   . ILE A 1 218 ? 1.692   -2.119  -6.098  1.00 53.46 ? 198 ILE A CG1   1 
ATOM   1497 C CG2   . ILE A 1 218 ? 0.642   -0.438  -7.584  1.00 53.55 ? 198 ILE A CG2   1 
ATOM   1498 C CD1   . ILE A 1 218 ? 1.261   -3.263  -7.002  1.00 53.49 ? 198 ILE A CD1   1 
ATOM   1499 N N     . LEU A 1 219 ? 0.513   2.464   -5.792  1.00 54.47 ? 199 LEU A N     1 
ATOM   1500 C CA    . LEU A 1 219 ? -0.250  3.664   -5.481  1.00 55.07 ? 199 LEU A CA    1 
ATOM   1501 C C     . LEU A 1 219 ? -0.701  4.383   -6.737  1.00 55.97 ? 199 LEU A C     1 
ATOM   1502 O O     . LEU A 1 219 ? 0.082   4.547   -7.672  1.00 56.07 ? 199 LEU A O     1 
ATOM   1503 C CB    . LEU A 1 219 ? 0.597   4.623   -4.639  1.00 54.97 ? 199 LEU A CB    1 
ATOM   1504 C CG    . LEU A 1 219 ? 1.461   4.062   -3.506  1.00 54.24 ? 199 LEU A CG    1 
ATOM   1505 C CD1   . LEU A 1 219 ? 2.437   5.120   -3.040  1.00 53.46 ? 199 LEU A CD1   1 
ATOM   1506 C CD2   . LEU A 1 219 ? 0.594   3.590   -2.360  1.00 54.22 ? 199 LEU A CD2   1 
ATOM   1507 N N     . THR A 1 220 ? -1.960  4.813   -6.752  1.00 57.09 ? 200 THR A N     1 
ATOM   1508 C CA    . THR A 1 220 ? -2.463  5.697   -7.799  1.00 58.15 ? 200 THR A CA    1 
ATOM   1509 C C     . THR A 1 220 ? -2.254  7.143   -7.345  1.00 59.21 ? 200 THR A C     1 
ATOM   1510 O O     . THR A 1 220 ? -1.884  7.396   -6.194  1.00 59.37 ? 200 THR A O     1 
ATOM   1511 C CB    . THR A 1 220 ? -3.964  5.442   -8.121  1.00 58.15 ? 200 THR A CB    1 
ATOM   1512 O OG1   . THR A 1 220 ? -4.806  5.998   -7.099  1.00 58.18 ? 200 THR A OG1   1 
ATOM   1513 C CG2   . THR A 1 220 ? -4.240  3.963   -8.241  1.00 58.15 ? 200 THR A CG2   1 
ATOM   1514 N N     . VAL A 1 221 ? -2.491  8.089   -8.249  1.00 60.40 ? 201 VAL A N     1 
ATOM   1515 C CA    . VAL A 1 221 ? -2.318  9.500   -7.949  1.00 61.21 ? 201 VAL A CA    1 
ATOM   1516 C C     . VAL A 1 221 ? -3.680  10.154  -7.803  1.00 62.37 ? 201 VAL A C     1 
ATOM   1517 O O     . VAL A 1 221 ? -4.370  10.354  -8.791  1.00 62.40 ? 201 VAL A O     1 
ATOM   1518 C CB    . VAL A 1 221 ? -1.523  10.202  -9.060  1.00 61.15 ? 201 VAL A CB    1 
ATOM   1519 C CG1   . VAL A 1 221 ? -1.286  11.672  -8.715  1.00 60.64 ? 201 VAL A CG1   1 
ATOM   1520 C CG2   . VAL A 1 221 ? -0.208  9.478   -9.291  1.00 60.74 ? 201 VAL A CG2   1 
ATOM   1521 N N     . SER A 1 222 ? -4.064  10.477  -6.568  1.00 63.96 ? 202 SER A N     1 
ATOM   1522 C CA    . SER A 1 222 ? -5.339  11.165  -6.297  1.00 65.28 ? 202 SER A CA    1 
ATOM   1523 C C     . SER A 1 222 ? -5.338  12.642  -6.748  1.00 66.55 ? 202 SER A C     1 
ATOM   1524 O O     . SER A 1 222 ? -6.373  13.169  -7.180  1.00 66.56 ? 202 SER A O     1 
ATOM   1525 C CB    . SER A 1 222 ? -5.696  11.072  -4.807  1.00 65.25 ? 202 SER A CB    1 
ATOM   1526 O OG    . SER A 1 222 ? -4.635  11.547  -3.997  1.00 65.21 ? 202 SER A OG    1 
ATOM   1527 N N     . ASP A 1 223 ? -4.187  13.308  -6.634  1.00 67.97 ? 203 ASP A N     1 
ATOM   1528 C CA    . ASP A 1 223 ? -4.057  14.705  -7.051  1.00 69.16 ? 203 ASP A CA    1 
ATOM   1529 C C     . ASP A 1 223 ? -2.607  15.147  -7.035  1.00 69.68 ? 203 ASP A C     1 
ATOM   1530 O O     . ASP A 1 223 ? -1.748  14.430  -6.543  1.00 69.63 ? 203 ASP A O     1 
ATOM   1531 C CB    . ASP A 1 223 ? -4.871  15.633  -6.134  1.00 69.60 ? 203 ASP A CB    1 
ATOM   1532 C CG    . ASP A 1 223 ? -4.164  15.937  -4.806  1.00 71.32 ? 203 ASP A CG    1 
ATOM   1533 O OD1   . ASP A 1 223 ? -3.683  14.988  -4.130  1.00 73.43 ? 203 ASP A OD1   1 
ATOM   1534 O OD2   . ASP A 1 223 ? -4.107  17.138  -4.435  1.00 73.33 ? 203 ASP A OD2   1 
ATOM   1535 N N     . HIS A 1 224 ? -2.349  16.331  -7.581  1.00 70.66 ? 204 HIS A N     1 
ATOM   1536 C CA    . HIS A 1 224 ? -1.069  17.005  -7.395  1.00 71.52 ? 204 HIS A CA    1 
ATOM   1537 C C     . HIS A 1 224 ? -1.203  17.964  -6.225  1.00 72.48 ? 204 HIS A C     1 
ATOM   1538 O O     . HIS A 1 224 ? -2.129  18.785  -6.180  1.00 72.68 ? 204 HIS A O     1 
ATOM   1539 C CB    . HIS A 1 224 ? -0.634  17.757  -8.650  1.00 71.51 ? 204 HIS A CB    1 
ATOM   1540 C CG    . HIS A 1 224 ? -0.021  16.874  -9.687  1.00 71.35 ? 204 HIS A CG    1 
ATOM   1541 N ND1   . HIS A 1 224 ? -0.737  15.896  -10.342 1.00 71.12 ? 204 HIS A ND1   1 
ATOM   1542 C CD2   . HIS A 1 224 ? 1.239   16.812  -10.175 1.00 71.26 ? 204 HIS A CD2   1 
ATOM   1543 C CE1   . HIS A 1 224 ? 0.058   15.270  -11.191 1.00 71.05 ? 204 HIS A CE1   1 
ATOM   1544 N NE2   . HIS A 1 224 ? 1.262   15.806  -11.110 1.00 70.89 ? 204 HIS A NE2   1 
ATOM   1545 N N     . VAL A 1 225 ? -0.277  17.848  -5.278  1.00 73.46 ? 205 VAL A N     1 
ATOM   1546 C CA    . VAL A 1 225 ? -0.325  18.630  -4.054  1.00 74.14 ? 205 VAL A CA    1 
ATOM   1547 C C     . VAL A 1 225 ? 0.223   20.025  -4.311  1.00 74.84 ? 205 VAL A C     1 
ATOM   1548 O O     . VAL A 1 225 ? -0.304  21.006  -3.783  1.00 74.79 ? 205 VAL A O     1 
ATOM   1549 C CB    . VAL A 1 225 ? 0.497   17.967  -2.934  1.00 74.16 ? 205 VAL A CB    1 
ATOM   1550 C CG1   . VAL A 1 225 ? 0.245   18.672  -1.605  1.00 74.34 ? 205 VAL A CG1   1 
ATOM   1551 C CG2   . VAL A 1 225 ? 0.153   16.485  -2.827  1.00 74.37 ? 205 VAL A CG2   1 
ATOM   1552 N N     . LEU A 1 226 ? 1.269   20.101  -5.138  1.00 75.74 ? 206 LEU A N     1 
ATOM   1553 C CA    . LEU A 1 226 ? 2.017   21.343  -5.336  1.00 76.43 ? 206 LEU A CA    1 
ATOM   1554 C C     . LEU A 1 226 ? 1.406   22.255  -6.399  1.00 77.21 ? 206 LEU A C     1 
ATOM   1555 O O     . LEU A 1 226 ? 1.647   23.459  -6.376  1.00 77.22 ? 206 LEU A O     1 
ATOM   1556 C CB    . LEU A 1 226 ? 3.500   21.057  -5.647  1.00 76.43 ? 206 LEU A CB    1 
ATOM   1557 C CG    . LEU A 1 226 ? 4.435   20.671  -4.477  1.00 76.26 ? 206 LEU A CG    1 
ATOM   1558 C CD1   . LEU A 1 226 ? 5.888   20.653  -4.939  1.00 76.05 ? 206 LEU A CD1   1 
ATOM   1559 C CD2   . LEU A 1 226 ? 4.303   21.602  -3.268  1.00 76.12 ? 206 LEU A CD2   1 
ATOM   1560 N N     . THR A 1 227 ? 0.619   21.695  -7.317  1.00 78.33 ? 207 THR A N     1 
ATOM   1561 C CA    . THR A 1 227 ? -0.173  22.518  -8.250  1.00 79.12 ? 207 THR A CA    1 
ATOM   1562 C C     . THR A 1 227 ? -1.665  22.601  -7.847  1.00 79.99 ? 207 THR A C     1 
ATOM   1563 O O     . THR A 1 227 ? -2.472  23.172  -8.590  1.00 80.07 ? 207 THR A O     1 
ATOM   1564 C CB    . THR A 1 227 ? -0.029  22.034  -9.732  1.00 79.04 ? 207 THR A CB    1 
ATOM   1565 O OG1   . THR A 1 227 ? -0.788  20.837  -9.943  1.00 78.82 ? 207 THR A OG1   1 
ATOM   1566 C CG2   . THR A 1 227 ? 1.440   21.778  -10.091 1.00 78.69 ? 207 THR A CG2   1 
ATOM   1567 N N     . GLY A 1 228 ? -2.028  22.034  -6.687  1.00 80.99 ? 208 GLY A N     1 
ATOM   1568 C CA    . GLY A 1 228 ? -3.417  22.064  -6.169  1.00 81.77 ? 208 GLY A CA    1 
ATOM   1569 C C     . GLY A 1 228 ? -4.427  21.237  -6.963  1.00 82.50 ? 208 GLY A C     1 
ATOM   1570 O O     . GLY A 1 228 ? -5.358  20.647  -6.395  1.00 82.41 ? 208 GLY A O     1 
ATOM   1571 N N     . GLU A 1 229 ? -4.229  21.238  -8.284  1.00 83.37 ? 209 GLU A N     1 
ATOM   1572 C CA    . GLU A 1 229 ? -4.985  20.472  -9.285  1.00 83.99 ? 209 GLU A CA    1 
ATOM   1573 C C     . GLU A 1 229 ? -5.448  19.066  -8.828  1.00 84.23 ? 209 GLU A C     1 
ATOM   1574 O O     . GLU A 1 229 ? -4.630  18.220  -8.450  1.00 84.27 ? 209 GLU A O     1 
ATOM   1575 C CB    . GLU A 1 229 ? -4.077  20.385  -10.521 1.00 84.10 ? 209 GLU A CB    1 
ATOM   1576 C CG    . GLU A 1 229 ? -4.534  19.540  -11.689 1.00 84.92 ? 209 GLU A CG    1 
ATOM   1577 C CD    . GLU A 1 229 ? -3.363  19.185  -12.604 1.00 86.13 ? 209 GLU A CD    1 
ATOM   1578 O OE1   . GLU A 1 229 ? -2.297  19.845  -12.506 1.00 86.36 ? 209 GLU A OE1   1 
ATOM   1579 O OE2   . GLU A 1 229 ? -3.505  18.239  -13.412 1.00 87.10 ? 209 GLU A OE2   1 
ATOM   1580 N N     . GLU A 1 230 ? -6.764  18.845  -8.871  1.00 84.45 ? 210 GLU A N     1 
ATOM   1581 C CA    . GLU A 1 230 ? -7.395  17.573  -8.483  1.00 84.57 ? 210 GLU A CA    1 
ATOM   1582 C C     . GLU A 1 230 ? -7.576  16.703  -9.730  1.00 84.39 ? 210 GLU A C     1 
ATOM   1583 O O     . GLU A 1 230 ? -7.559  17.221  -10.847 1.00 84.44 ? 210 GLU A O     1 
ATOM   1584 C CB    . GLU A 1 230 ? -8.758  17.868  -7.828  1.00 84.72 ? 210 GLU A CB    1 
ATOM   1585 C CG    . GLU A 1 230 ? -9.526  16.663  -7.231  1.00 85.51 ? 210 GLU A CG    1 
ATOM   1586 C CD    . GLU A 1 230 ? -9.006  16.189  -5.865  1.00 86.23 ? 210 GLU A CD    1 
ATOM   1587 O OE1   . GLU A 1 230 ? -7.975  16.717  -5.379  1.00 86.65 ? 210 GLU A OE1   1 
ATOM   1588 O OE2   . GLU A 1 230 ? -9.642  15.281  -5.277  1.00 85.85 ? 210 GLU A OE2   1 
ATOM   1589 N N     . THR A 1 231 ? -7.726  15.390  -9.547  1.00 84.20 ? 211 THR A N     1 
ATOM   1590 C CA    . THR A 1 231 ? -8.036  14.481  -10.662 1.00 84.07 ? 211 THR A CA    1 
ATOM   1591 C C     . THR A 1 231 ? -9.539  14.155  -10.689 1.00 83.99 ? 211 THR A C     1 
ATOM   1592 O O     . THR A 1 231 ? -10.158 13.996  -9.632  1.00 84.18 ? 211 THR A O     1 
ATOM   1593 C CB    . THR A 1 231 ? -7.217  13.169  -10.573 1.00 83.99 ? 211 THR A CB    1 
ATOM   1594 O OG1   . THR A 1 231 ? -7.715  12.355  -9.508  1.00 83.97 ? 211 THR A OG1   1 
ATOM   1595 C CG2   . THR A 1 231 ? -5.738  13.464  -10.334 1.00 83.91 ? 211 THR A CG2   1 
ATOM   1596 N N     . THR A 1 232 ? -10.119 14.054  -11.887 1.00 83.69 ? 212 THR A N     1 
ATOM   1597 C CA    . THR A 1 232 ? -11.554 13.766  -12.033 1.00 83.43 ? 212 THR A CA    1 
ATOM   1598 C C     . THR A 1 232 ? -11.888 12.336  -11.607 1.00 83.16 ? 212 THR A C     1 
ATOM   1599 O O     . THR A 1 232 ? -11.088 11.425  -11.811 1.00 83.08 ? 212 THR A O     1 
ATOM   1600 C CB    . THR A 1 232 ? -12.039 13.977  -13.480 1.00 83.53 ? 212 THR A CB    1 
ATOM   1601 O OG1   . THR A 1 232 ? -11.392 13.042  -14.357 1.00 83.28 ? 212 THR A OG1   1 
ATOM   1602 C CG2   . THR A 1 232 ? -11.759 15.412  -13.937 1.00 83.61 ? 212 THR A CG2   1 
ATOM   1603 N N     . ALA A 1 233 ? -13.077 12.150  -11.034 1.00 82.88 ? 213 ALA A N     1 
ATOM   1604 C CA    . ALA A 1 233 ? -13.496 10.858  -10.467 1.00 82.70 ? 213 ALA A CA    1 
ATOM   1605 C C     . ALA A 1 233 ? -13.389 9.689   -11.452 1.00 82.61 ? 213 ALA A C     1 
ATOM   1606 O O     . ALA A 1 233 ? -13.119 8.559   -11.049 1.00 82.61 ? 213 ALA A O     1 
ATOM   1607 C CB    . ALA A 1 233 ? -14.915 10.954  -9.921  1.00 82.53 ? 213 ALA A CB    1 
ATOM   1608 N N     . GLU A 1 234 ? -13.597 9.962   -12.733 1.00 82.57 ? 214 GLU A N     1 
ATOM   1609 C CA    . GLU A 1 234 ? -13.489 8.935   -13.768 1.00 82.64 ? 214 GLU A CA    1 
ATOM   1610 C C     . GLU A 1 234 ? -12.057 8.386   -13.888 1.00 82.34 ? 214 GLU A C     1 
ATOM   1611 O O     . GLU A 1 234 ? -11.860 7.168   -13.990 1.00 82.33 ? 214 GLU A O     1 
ATOM   1612 C CB    . GLU A 1 234 ? -13.964 9.506   -15.107 1.00 82.90 ? 214 GLU A CB    1 
ATOM   1613 C CG    . GLU A 1 234 ? -14.092 8.484   -16.234 1.00 83.78 ? 214 GLU A CG    1 
ATOM   1614 C CD    . GLU A 1 234 ? -14.917 9.003   -17.415 1.00 85.06 ? 214 GLU A CD    1 
ATOM   1615 O OE1   . GLU A 1 234 ? -15.192 10.228  -17.490 1.00 84.97 ? 214 GLU A OE1   1 
ATOM   1616 O OE2   . GLU A 1 234 ? -15.293 8.173   -18.273 1.00 86.17 ? 214 GLU A OE2   1 
ATOM   1617 N N     . GLU A 1 235 ? -11.071 9.288   -13.863 1.00 81.96 ? 215 GLU A N     1 
ATOM   1618 C CA    . GLU A 1 235 ? -9.646  8.912   -13.923 1.00 81.57 ? 215 GLU A CA    1 
ATOM   1619 C C     . GLU A 1 235 ? -9.261  8.045   -12.723 1.00 80.95 ? 215 GLU A C     1 
ATOM   1620 O O     . GLU A 1 235 ? -8.449  7.124   -12.843 1.00 80.79 ? 215 GLU A O     1 
ATOM   1621 C CB    . GLU A 1 235 ? -8.753  10.157  -13.961 1.00 81.61 ? 215 GLU A CB    1 
ATOM   1622 C CG    . GLU A 1 235 ? -8.922  11.020  -15.209 1.00 82.48 ? 215 GLU A CG    1 
ATOM   1623 C CD    . GLU A 1 235 ? -8.312  12.417  -15.065 1.00 83.98 ? 215 GLU A CD    1 
ATOM   1624 O OE1   . GLU A 1 235 ? -7.811  12.959  -16.077 1.00 84.88 ? 215 GLU A OE1   1 
ATOM   1625 O OE2   . GLU A 1 235 ? -8.334  12.981  -13.948 1.00 85.10 ? 215 GLU A OE2   1 
ATOM   1626 N N     . ARG A 1 236 ? -9.853  8.351   -11.570 1.00 80.26 ? 216 ARG A N     1 
ATOM   1627 C CA    . ARG A 1 236 ? -9.612  7.593   -10.348 1.00 79.77 ? 216 ARG A CA    1 
ATOM   1628 C C     . ARG A 1 236 ? -10.151 6.168   -10.480 1.00 79.05 ? 216 ARG A C     1 
ATOM   1629 O O     . ARG A 1 236 ? -9.434  5.206   -10.203 1.00 79.12 ? 216 ARG A O     1 
ATOM   1630 C CB    . ARG A 1 236 ? -10.215 8.311   -9.129  1.00 79.89 ? 216 ARG A CB    1 
ATOM   1631 C CG    . ARG A 1 236 ? -9.548  9.670   -8.821  1.00 80.55 ? 216 ARG A CG    1 
ATOM   1632 C CD    . ARG A 1 236 ? -9.766  10.146  -7.373  1.00 81.26 ? 216 ARG A CD    1 
ATOM   1633 N NE    . ARG A 1 236 ? -11.119 10.666  -7.155  1.00 82.05 ? 216 ARG A NE    1 
ATOM   1634 C CZ    . ARG A 1 236 ? -11.467 11.956  -7.111  1.00 82.61 ? 216 ARG A CZ    1 
ATOM   1635 N NH1   . ARG A 1 236 ? -10.572 12.933  -7.254  1.00 82.48 ? 216 ARG A NH1   1 
ATOM   1636 N NH2   . ARG A 1 236 ? -12.744 12.276  -6.912  1.00 82.81 ? 216 ARG A NH2   1 
ATOM   1637 N N     . GLN A 1 237 ? -11.396 6.036   -10.930 1.00 78.12 ? 217 GLN A N     1 
ATOM   1638 C CA    . GLN A 1 237 ? -11.998 4.721   -11.165 1.00 77.45 ? 217 GLN A CA    1 
ATOM   1639 C C     . GLN A 1 237 ? -11.123 3.856   -12.074 1.00 76.60 ? 217 GLN A C     1 
ATOM   1640 O O     . GLN A 1 237 ? -10.938 2.663   -11.833 1.00 76.36 ? 217 GLN A O     1 
ATOM   1641 C CB    . GLN A 1 237 ? -13.386 4.870   -11.793 1.00 77.55 ? 217 GLN A CB    1 
ATOM   1642 C CG    . GLN A 1 237 ? -14.116 3.532   -12.003 1.00 78.30 ? 217 GLN A CG    1 
ATOM   1643 C CD    . GLN A 1 237 ? -15.372 3.643   -12.864 1.00 78.80 ? 217 GLN A CD    1 
ATOM   1644 O OE1   . GLN A 1 237 ? -15.392 4.334   -13.891 1.00 78.68 ? 217 GLN A OE1   1 
ATOM   1645 N NE2   . GLN A 1 237 ? -16.420 2.936   -12.456 1.00 78.86 ? 217 GLN A NE2   1 
ATOM   1646 N N     . THR A 1 238 ? -10.598 4.470   -13.124 1.00 75.73 ? 218 THR A N     1 
ATOM   1647 C CA    . THR A 1 238 ? -9.784  3.766   -14.093 1.00 75.23 ? 218 THR A CA    1 
ATOM   1648 C C     . THR A 1 238 ? -8.510  3.211   -13.472 1.00 74.75 ? 218 THR A C     1 
ATOM   1649 O O     . THR A 1 238 ? -8.300  2.001   -13.470 1.00 74.73 ? 218 THR A O     1 
ATOM   1650 C CB    . THR A 1 238 ? -9.386  4.696   -15.246 1.00 75.33 ? 218 THR A CB    1 
ATOM   1651 O OG1   . THR A 1 238 ? -10.556 5.346   -15.761 1.00 75.25 ? 218 THR A OG1   1 
ATOM   1652 C CG2   . THR A 1 238 ? -8.675  3.909   -16.350 1.00 75.42 ? 218 THR A CG2   1 
ATOM   1653 N N     . THR A 1 239 ? -7.671  4.105   -12.945 1.00 74.18 ? 219 THR A N     1 
ATOM   1654 C CA    . THR A 1 239 ? -6.358  3.734   -12.416 1.00 73.51 ? 219 THR A CA    1 
ATOM   1655 C C     . THR A 1 239 ? -6.475  2.954   -11.117 1.00 73.21 ? 219 THR A C     1 
ATOM   1656 O O     . THR A 1 239 ? -5.600  2.154   -10.791 1.00 72.86 ? 219 THR A O     1 
ATOM   1657 C CB    . THR A 1 239 ? -5.478  4.964   -12.183 1.00 73.37 ? 219 THR A CB    1 
ATOM   1658 O OG1   . THR A 1 239 ? -6.197  5.917   -11.405 1.00 72.89 ? 219 THR A OG1   1 
ATOM   1659 C CG2   . THR A 1 239 ? -5.097  5.591   -13.502 1.00 73.20 ? 219 THR A CG2   1 
ATOM   1660 N N     . PHE A 1 240 ? -7.557  3.179   -10.380 1.00 73.06 ? 220 PHE A N     1 
ATOM   1661 C CA    . PHE A 1 240 ? -7.877  2.307   -9.262  1.00 73.18 ? 220 PHE A CA    1 
ATOM   1662 C C     . PHE A 1 240 ? -8.013  0.864   -9.736  1.00 72.92 ? 220 PHE A C     1 
ATOM   1663 O O     . PHE A 1 240 ? -7.433  -0.034  -9.144  1.00 73.03 ? 220 PHE A O     1 
ATOM   1664 C CB    . PHE A 1 240 ? -9.166  2.716   -8.558  1.00 73.33 ? 220 PHE A CB    1 
ATOM   1665 C CG    . PHE A 1 240 ? -9.541  1.786   -7.447  1.00 74.43 ? 220 PHE A CG    1 
ATOM   1666 C CD1   . PHE A 1 240 ? -10.538 0.827   -7.623  1.00 75.67 ? 220 PHE A CD1   1 
ATOM   1667 C CD2   . PHE A 1 240 ? -8.861  1.836   -6.236  1.00 75.20 ? 220 PHE A CD2   1 
ATOM   1668 C CE1   . PHE A 1 240 ? -10.868 -0.051  -6.591  1.00 76.14 ? 220 PHE A CE1   1 
ATOM   1669 C CE2   . PHE A 1 240 ? -9.176  0.964   -5.204  1.00 75.85 ? 220 PHE A CE2   1 
ATOM   1670 C CZ    . PHE A 1 240 ? -10.183 0.017   -5.380  1.00 76.29 ? 220 PHE A CZ    1 
ATOM   1671 N N     . HIS A 1 241 ? -8.787  0.650   -10.796 1.00 72.65 ? 221 HIS A N     1 
ATOM   1672 C CA    . HIS A 1 241 ? -8.945  -0.680  -11.383 1.00 72.47 ? 221 HIS A CA    1 
ATOM   1673 C C     . HIS A 1 241 ? -7.606  -1.273  -11.848 1.00 71.64 ? 221 HIS A C     1 
ATOM   1674 O O     . HIS A 1 241 ? -7.332  -2.447  -11.600 1.00 71.40 ? 221 HIS A O     1 
ATOM   1675 C CB    . HIS A 1 241 ? -9.964  -0.641  -12.533 1.00 72.83 ? 221 HIS A CB    1 
ATOM   1676 C CG    . HIS A 1 241 ? -9.950  -1.861  -13.405 1.00 75.01 ? 221 HIS A CG    1 
ATOM   1677 N ND1   . HIS A 1 241 ? -10.418 -3.089  -12.981 1.00 77.05 ? 221 HIS A ND1   1 
ATOM   1678 C CD2   . HIS A 1 241 ? -9.530  -2.042  -14.684 1.00 76.87 ? 221 HIS A CD2   1 
ATOM   1679 C CE1   . HIS A 1 241 ? -10.282 -3.973  -13.955 1.00 77.38 ? 221 HIS A CE1   1 
ATOM   1680 N NE2   . HIS A 1 241 ? -9.744  -3.364  -14.999 1.00 77.68 ? 221 HIS A NE2   1 
ATOM   1681 N N     . ASP A 1 242 ? -6.776  -0.463  -12.502 1.00 70.95 ? 222 ASP A N     1 
ATOM   1682 C CA    . ASP A 1 242 ? -5.466  -0.922  -12.992 1.00 70.58 ? 222 ASP A CA    1 
ATOM   1683 C C     . ASP A 1 242 ? -4.588  -1.426  -11.867 1.00 70.02 ? 222 ASP A C     1 
ATOM   1684 O O     . ASP A 1 242 ? -3.999  -2.498  -11.958 1.00 69.94 ? 222 ASP A O     1 
ATOM   1685 C CB    . ASP A 1 242 ? -4.708  0.213   -13.671 1.00 70.71 ? 222 ASP A CB    1 
ATOM   1686 C CG    . ASP A 1 242 ? -5.303  0.606   -14.989 1.00 71.34 ? 222 ASP A CG    1 
ATOM   1687 O OD1   . ASP A 1 242 ? -6.550  0.629   -15.104 1.00 73.13 ? 222 ASP A OD1   1 
ATOM   1688 O OD2   . ASP A 1 242 ? -4.516  0.897   -15.918 1.00 71.77 ? 222 ASP A OD2   1 
ATOM   1689 N N     . MET A 1 243 ? -4.479  -0.605  -10.829 1.00 69.45 ? 223 MET A N     1 
ATOM   1690 C CA    . MET A 1 243 ? -3.738  -0.937  -9.622  1.00 69.02 ? 223 MET A CA    1 
ATOM   1691 C C     . MET A 1 243 ? -4.094  -2.342  -9.137  1.00 68.65 ? 223 MET A C     1 
ATOM   1692 O O     . MET A 1 243 ? -3.209  -3.178  -8.915  1.00 68.55 ? 223 MET A O     1 
ATOM   1693 C CB    . MET A 1 243 ? -4.068  0.101   -8.542  1.00 69.08 ? 223 MET A CB    1 
ATOM   1694 C CG    . MET A 1 243 ? -3.516  -0.170  -7.144  1.00 68.93 ? 223 MET A CG    1 
ATOM   1695 S SD    . MET A 1 243 ? -3.936  1.138   -5.964  1.00 68.96 ? 223 MET A SD    1 
ATOM   1696 C CE    . MET A 1 243 ? -5.677  1.398   -6.269  1.00 68.29 ? 223 MET A CE    1 
ATOM   1697 N N     . ILE A 1 244 ? -5.390  -2.603  -9.001  1.00 68.20 ? 224 ILE A N     1 
ATOM   1698 C CA    . ILE A 1 244 ? -5.848  -3.877  -8.464  1.00 67.92 ? 224 ILE A CA    1 
ATOM   1699 C C     . ILE A 1 244 ? -5.534  -5.028  -9.416  1.00 67.91 ? 224 ILE A C     1 
ATOM   1700 O O     . ILE A 1 244 ? -5.196  -6.115  -8.968  1.00 67.91 ? 224 ILE A O     1 
ATOM   1701 C CB    . ILE A 1 244 ? -7.345  -3.868  -8.148  1.00 67.79 ? 224 ILE A CB    1 
ATOM   1702 C CG1   . ILE A 1 244 ? -7.714  -2.687  -7.242  1.00 67.96 ? 224 ILE A CG1   1 
ATOM   1703 C CG2   . ILE A 1 244 ? -7.733  -5.157  -7.470  1.00 67.87 ? 224 ILE A CG2   1 
ATOM   1704 C CD1   . ILE A 1 244 ? -6.760  -2.453  -6.084  1.00 68.10 ? 224 ILE A CD1   1 
ATOM   1705 N N     . ASP A 1 245 ? -5.626  -4.797  -10.721 1.00 67.94 ? 225 ASP A N     1 
ATOM   1706 C CA    . ASP A 1 245 ? -5.209  -5.818  -11.674 1.00 68.20 ? 225 ASP A CA    1 
ATOM   1707 C C     . ASP A 1 245 ? -3.727  -6.129  -11.519 1.00 68.50 ? 225 ASP A C     1 
ATOM   1708 O O     . ASP A 1 245 ? -3.343  -7.294  -11.394 1.00 68.63 ? 225 ASP A O     1 
ATOM   1709 C CB    . ASP A 1 245 ? -5.514  -5.398  -13.107 1.00 68.27 ? 225 ASP A CB    1 
ATOM   1710 C CG    . ASP A 1 245 ? -6.991  -5.462  -13.425 1.00 68.89 ? 225 ASP A CG    1 
ATOM   1711 O OD1   . ASP A 1 245 ? -7.603  -6.545  -13.256 1.00 70.04 ? 225 ASP A OD1   1 
ATOM   1712 O OD2   . ASP A 1 245 ? -7.542  -4.425  -13.845 1.00 69.23 ? 225 ASP A OD2   1 
ATOM   1713 N N     . VAL A 1 246 ? -2.903  -5.086  -11.507 1.00 68.91 ? 226 VAL A N     1 
ATOM   1714 C CA    . VAL A 1 246 ? -1.458  -5.247  -11.350 1.00 69.25 ? 226 VAL A CA    1 
ATOM   1715 C C     . VAL A 1 246 ? -1.165  -5.995  -10.066 1.00 69.89 ? 226 VAL A C     1 
ATOM   1716 O O     . VAL A 1 246 ? -0.364  -6.932  -10.043 1.00 69.78 ? 226 VAL A O     1 
ATOM   1717 C CB    . VAL A 1 246 ? -0.731  -3.893  -11.312 1.00 69.17 ? 226 VAL A CB    1 
ATOM   1718 C CG1   . VAL A 1 246 ? 0.766   -4.096  -11.087 1.00 68.83 ? 226 VAL A CG1   1 
ATOM   1719 C CG2   . VAL A 1 246 ? -0.988  -3.119  -12.602 1.00 69.09 ? 226 VAL A CG2   1 
ATOM   1720 N N     . ALA A 1 247 ? -1.828  -5.568  -9.000  1.00 70.88 ? 227 ALA A N     1 
ATOM   1721 C CA    . ALA A 1 247 ? -1.739  -6.247  -7.722  1.00 71.86 ? 227 ALA A CA    1 
ATOM   1722 C C     . ALA A 1 247 ? -1.942  -7.743  -7.920  1.00 72.82 ? 227 ALA A C     1 
ATOM   1723 O O     . ALA A 1 247 ? -1.052  -8.553  -7.639  1.00 72.82 ? 227 ALA A O     1 
ATOM   1724 C CB    . ALA A 1 247 ? -2.785  -5.692  -6.767  1.00 71.80 ? 227 ALA A CB    1 
ATOM   1725 N N     . LEU A 1 248 ? -3.097  -8.094  -8.470  1.00 74.08 ? 228 LEU A N     1 
ATOM   1726 C CA    . LEU A 1 248 ? -3.510  -9.486  -8.570  1.00 75.17 ? 228 LEU A CA    1 
ATOM   1727 C C     . LEU A 1 248 ? -2.558  -10.386 -9.367  1.00 76.52 ? 228 LEU A C     1 
ATOM   1728 O O     . LEU A 1 248 ? -2.586  -11.602 -9.199  1.00 76.73 ? 228 LEU A O     1 
ATOM   1729 C CB    . LEU A 1 248 ? -4.934  -9.561  -9.123  1.00 75.01 ? 228 LEU A CB    1 
ATOM   1730 C CG    . LEU A 1 248 ? -5.977  -9.018  -8.138  1.00 74.86 ? 228 LEU A CG    1 
ATOM   1731 C CD1   . LEU A 1 248 ? -7.348  -8.870  -8.790  1.00 74.61 ? 228 LEU A CD1   1 
ATOM   1732 C CD2   . LEU A 1 248 ? -6.061  -9.893  -6.895  1.00 74.66 ? 228 LEU A CD2   1 
ATOM   1733 N N     . HIS A 1 249 ? -1.700  -9.804  -10.202 1.00 78.22 ? 229 HIS A N     1 
ATOM   1734 C CA    . HIS A 1 249 ? -0.691  -10.584 -10.925 1.00 79.61 ? 229 HIS A CA    1 
ATOM   1735 C C     . HIS A 1 249 ? 0.687   -10.548 -10.278 1.00 80.75 ? 229 HIS A C     1 
ATOM   1736 O O     . HIS A 1 249 ? 1.580   -11.291 -10.688 1.00 80.84 ? 229 HIS A O     1 
ATOM   1737 C CB    . HIS A 1 249 ? -0.577  -10.084 -12.357 1.00 79.73 ? 229 HIS A CB    1 
ATOM   1738 C CG    . HIS A 1 249 ? -1.836  -10.241 -13.141 1.00 80.35 ? 229 HIS A CG    1 
ATOM   1739 N ND1   . HIS A 1 249 ? -2.927  -9.418  -12.962 1.00 80.88 ? 229 HIS A ND1   1 
ATOM   1740 C CD2   . HIS A 1 249 ? -2.184  -11.130 -14.102 1.00 80.98 ? 229 HIS A CD2   1 
ATOM   1741 C CE1   . HIS A 1 249 ? -3.893  -9.790  -13.784 1.00 81.49 ? 229 HIS A CE1   1 
ATOM   1742 N NE2   . HIS A 1 249 ? -3.469  -10.827 -14.485 1.00 81.57 ? 229 HIS A NE2   1 
ATOM   1743 N N     . SER A 1 250 ? 0.853   -9.704  -9.264  1.00 82.16 ? 230 SER A N     1 
ATOM   1744 C CA    . SER A 1 250 ? 2.159   -9.496  -8.643  1.00 83.45 ? 230 SER A CA    1 
ATOM   1745 C C     . SER A 1 250 ? 2.765   -10.758 -7.985  1.00 84.48 ? 230 SER A C     1 
ATOM   1746 O O     . SER A 1 250 ? 3.968   -10.785 -7.674  1.00 84.60 ? 230 SER A O     1 
ATOM   1747 C CB    . SER A 1 250 ? 2.063   -8.368  -7.609  1.00 83.53 ? 230 SER A CB    1 
ATOM   1748 O OG    . SER A 1 250 ? 3.335   -8.051  -7.061  1.00 83.99 ? 230 SER A OG    1 
ATOM   1749 N N     . VAL A 1 251 ? 1.951   -11.792 -7.776  1.00 85.52 ? 231 VAL A N     1 
ATOM   1750 C CA    . VAL A 1 251 ? 2.434   -13.018 -7.131  1.00 86.29 ? 231 VAL A CA    1 
ATOM   1751 C C     . VAL A 1 251 ? 2.999   -14.010 -8.178  1.00 86.90 ? 231 VAL A C     1 
ATOM   1752 O O     . VAL A 1 251 ? 2.496   -14.079 -9.313  1.00 87.05 ? 231 VAL A O     1 
ATOM   1753 C CB    . VAL A 1 251 ? 1.322   -13.683 -6.289  1.00 86.37 ? 231 VAL A CB    1 
ATOM   1754 C CG1   . VAL A 1 251 ? 1.947   -14.530 -5.179  1.00 86.27 ? 231 VAL A CG1   1 
ATOM   1755 C CG2   . VAL A 1 251 ? 0.364   -12.615 -5.707  1.00 86.20 ? 231 VAL A CG2   1 
ATOM   1756 N N     . SER A 1 252 ? 4.047   -14.753 -7.786  1.00 87.33 ? 232 SER A N     1 
ATOM   1757 C CA    . SER A 1 252 ? 4.770   -15.698 -8.674  1.00 87.42 ? 232 SER A CA    1 
ATOM   1758 C C     . SER A 1 252 ? 5.212   -15.069 -10.003 1.00 87.50 ? 232 SER A C     1 
ATOM   1759 O O     . SER A 1 252 ? 6.256   -15.427 -10.561 1.00 87.58 ? 232 SER A O     1 
ATOM   1760 C CB    . SER A 1 252 ? 3.924   -16.943 -8.956  1.00 87.43 ? 232 SER A CB    1 
ATOM   1761 O OG    . SER A 1 252 ? 3.579   -17.610 -7.753  1.00 87.36 ? 232 SER A OG    1 
HETATM 1762 O "O5'" . TBN B 2 .   ? -6.074  10.627  2.745   1.00 55.10 ? 301 TBN A "O5'" 1 
HETATM 1763 C "C5'" . TBN B 2 .   ? -5.286  9.866   3.674   1.00 54.70 ? 301 TBN A "C5'" 1 
HETATM 1764 C "C4'" . TBN B 2 .   ? -4.767  8.589   3.021   1.00 54.22 ? 301 TBN A "C4'" 1 
HETATM 1765 O "O4'" . TBN B 2 .   ? -4.770  8.723   1.596   1.00 54.76 ? 301 TBN A "O4'" 1 
HETATM 1766 C "C1'" . TBN B 2 .   ? -3.454  8.713   1.026   1.00 55.32 ? 301 TBN A "C1'" 1 
HETATM 1767 N N9    . TBN B 2 .   ? -3.272  10.062  0.411   1.00 57.21 ? 301 TBN A N9    1 
HETATM 1768 C C8    . TBN B 2 .   ? -3.922  10.360  -0.748  1.00 57.75 ? 301 TBN A C8    1 
HETATM 1769 C C7    . TBN B 2 .   ? -3.622  11.649  -1.099  1.00 58.11 ? 301 TBN A C7    1 
HETATM 1770 C C5    . TBN B 2 .   ? -2.762  12.142  -0.089  1.00 58.67 ? 301 TBN A C5    1 
HETATM 1771 C C6    . TBN B 2 .   ? -2.152  13.384  0.082   1.00 59.48 ? 301 TBN A C6    1 
HETATM 1772 N N1    . TBN B 2 .   ? -1.357  13.587  1.175   1.00 59.15 ? 301 TBN A N1    1 
HETATM 1773 C C2    . TBN B 2 .   ? -1.161  12.601  2.076   1.00 58.96 ? 301 TBN A C2    1 
HETATM 1774 N N3    . TBN B 2 .   ? -1.749  11.393  1.928   1.00 58.74 ? 301 TBN A N3    1 
HETATM 1775 C C4    . TBN B 2 .   ? -2.555  11.138  0.852   1.00 58.47 ? 301 TBN A C4    1 
HETATM 1776 N N6    . TBN B 2 .   ? -2.355  14.374  -0.844  1.00 59.85 ? 301 TBN A N6    1 
HETATM 1777 C "C2'" . TBN B 2 .   ? -2.518  8.280   2.152   1.00 54.48 ? 301 TBN A "C2'" 1 
HETATM 1778 O "O2'" . TBN B 2 .   ? -2.008  6.977   1.850   1.00 54.71 ? 301 TBN A "O2'" 1 
HETATM 1779 C "C3'" . TBN B 2 .   ? -3.345  8.252   3.431   1.00 53.75 ? 301 TBN A "C3'" 1 
HETATM 1780 O "O3'" . TBN B 2 .   ? -3.356  6.969   4.057   1.00 52.08 ? 301 TBN A "O3'" 1 
# 
